data_1NB0
# 
_entry.id   1NB0 
# 
_audit_conform.dict_name       mmcif_pdbx.dic 
_audit_conform.dict_version    5.386 
_audit_conform.dict_location   http://mmcif.pdb.org/dictionaries/ascii/mmcif_pdbx.dic 
# 
loop_
_database_2.database_id 
_database_2.database_code 
_database_2.pdbx_database_accession 
_database_2.pdbx_DOI 
PDB   1NB0         pdb_00001nb0 10.2210/pdb1nb0/pdb 
RCSB  RCSB017728   ?            ?                   
WWPDB D_1000017728 ?            ?                   
# 
loop_
_pdbx_audit_revision_history.ordinal 
_pdbx_audit_revision_history.data_content_type 
_pdbx_audit_revision_history.major_revision 
_pdbx_audit_revision_history.minor_revision 
_pdbx_audit_revision_history.revision_date 
1 'Structure model' 1 0 2003-03-11 
2 'Structure model' 1 1 2008-04-28 
3 'Structure model' 1 2 2011-07-13 
4 'Structure model' 1 3 2024-02-14 
# 
_pdbx_audit_revision_details.ordinal             1 
_pdbx_audit_revision_details.revision_ordinal    1 
_pdbx_audit_revision_details.data_content_type   'Structure model' 
_pdbx_audit_revision_details.provider            repository 
_pdbx_audit_revision_details.type                'Initial release' 
_pdbx_audit_revision_details.description         ? 
_pdbx_audit_revision_details.details             ? 
# 
loop_
_pdbx_audit_revision_group.ordinal 
_pdbx_audit_revision_group.revision_ordinal 
_pdbx_audit_revision_group.data_content_type 
_pdbx_audit_revision_group.group 
1 2 'Structure model' 'Version format compliance' 
2 3 'Structure model' Advisory                    
3 3 'Structure model' 'Version format compliance' 
4 4 'Structure model' 'Data collection'           
5 4 'Structure model' 'Database references'       
6 4 'Structure model' 'Derived calculations'      
# 
loop_
_pdbx_audit_revision_category.ordinal 
_pdbx_audit_revision_category.revision_ordinal 
_pdbx_audit_revision_category.data_content_type 
_pdbx_audit_revision_category.category 
1 4 'Structure model' chem_comp_atom         
2 4 'Structure model' chem_comp_bond         
3 4 'Structure model' database_2             
4 4 'Structure model' pdbx_struct_conn_angle 
5 4 'Structure model' struct_conn            
6 4 'Structure model' struct_ref_seq_dif     
7 4 'Structure model' struct_site            
# 
loop_
_pdbx_audit_revision_item.ordinal 
_pdbx_audit_revision_item.revision_ordinal 
_pdbx_audit_revision_item.data_content_type 
_pdbx_audit_revision_item.item 
1  4 'Structure model' '_database_2.pdbx_DOI'                        
2  4 'Structure model' '_database_2.pdbx_database_accession'         
3  4 'Structure model' '_pdbx_struct_conn_angle.ptnr1_auth_comp_id'  
4  4 'Structure model' '_pdbx_struct_conn_angle.ptnr1_auth_seq_id'   
5  4 'Structure model' '_pdbx_struct_conn_angle.ptnr1_label_asym_id' 
6  4 'Structure model' '_pdbx_struct_conn_angle.ptnr1_label_atom_id' 
7  4 'Structure model' '_pdbx_struct_conn_angle.ptnr1_label_comp_id' 
8  4 'Structure model' '_pdbx_struct_conn_angle.ptnr1_label_seq_id'  
9  4 'Structure model' '_pdbx_struct_conn_angle.ptnr3_auth_comp_id'  
10 4 'Structure model' '_pdbx_struct_conn_angle.ptnr3_auth_seq_id'   
11 4 'Structure model' '_pdbx_struct_conn_angle.ptnr3_label_asym_id' 
12 4 'Structure model' '_pdbx_struct_conn_angle.ptnr3_label_atom_id' 
13 4 'Structure model' '_pdbx_struct_conn_angle.ptnr3_label_comp_id' 
14 4 'Structure model' '_pdbx_struct_conn_angle.ptnr3_label_seq_id'  
15 4 'Structure model' '_pdbx_struct_conn_angle.value'               
16 4 'Structure model' '_struct_conn.pdbx_dist_value'                
17 4 'Structure model' '_struct_conn.ptnr1_auth_comp_id'             
18 4 'Structure model' '_struct_conn.ptnr1_auth_seq_id'              
19 4 'Structure model' '_struct_conn.ptnr1_label_asym_id'            
20 4 'Structure model' '_struct_conn.ptnr1_label_atom_id'            
21 4 'Structure model' '_struct_conn.ptnr1_label_comp_id'            
22 4 'Structure model' '_struct_conn.ptnr1_label_seq_id'             
23 4 'Structure model' '_struct_conn.ptnr2_auth_comp_id'             
24 4 'Structure model' '_struct_conn.ptnr2_auth_seq_id'              
25 4 'Structure model' '_struct_conn.ptnr2_label_asym_id'            
26 4 'Structure model' '_struct_conn.ptnr2_label_atom_id'            
27 4 'Structure model' '_struct_conn.ptnr2_label_comp_id'            
28 4 'Structure model' '_struct_conn.ptnr2_label_seq_id'             
29 4 'Structure model' '_struct_ref_seq_dif.details'                 
30 4 'Structure model' '_struct_site.pdbx_auth_asym_id'              
31 4 'Structure model' '_struct_site.pdbx_auth_comp_id'              
32 4 'Structure model' '_struct_site.pdbx_auth_seq_id'               
# 
_pdbx_database_status.status_code                     REL 
_pdbx_database_status.entry_id                        1NB0 
_pdbx_database_status.recvd_initial_deposition_date   2002-12-01 
_pdbx_database_status.deposit_site                    RCSB 
_pdbx_database_status.process_site                    RCSB 
_pdbx_database_status.status_code_sf                  REL 
_pdbx_database_status.SG_entry                        . 
_pdbx_database_status.pdb_format_compatible           Y 
_pdbx_database_status.status_code_mr                  ? 
_pdbx_database_status.status_code_cs                  ? 
_pdbx_database_status.status_code_nmr_data            ? 
_pdbx_database_status.methods_development_category    ? 
# 
loop_
_pdbx_database_related.db_name 
_pdbx_database_related.db_id 
_pdbx_database_related.details 
_pdbx_database_related.content_type 
PDB 1nb9 . unspecified 
PDB 1nbg . unspecified 
# 
loop_
_audit_author.name 
_audit_author.pdbx_ordinal 
'Karthikeyan, S.' 1 
'Zhou, Q.'        2 
'Mseeh, F.'       3 
'Grishin, N.V.'   4 
'Osterman, A.L.'  5 
'Zhang, H.'       6 
# 
_citation.id                        primary 
_citation.title                     
'Crystal Structure of Human Riboflavin Kinase Reveals a Beta Barrel Fold and a Novel Active Site Arch' 
_citation.journal_abbrev            Structure 
_citation.journal_volume            11 
_citation.page_first                265 
_citation.page_last                 273 
_citation.year                      2003 
_citation.journal_id_ASTM           STRUE6 
_citation.country                   UK 
_citation.journal_id_ISSN           0969-2126 
_citation.journal_id_CSD            2005 
_citation.book_publisher            ? 
_citation.pdbx_database_id_PubMed   12623014 
_citation.pdbx_database_id_DOI      '10.1016/S0969-2126(03)00024-8' 
# 
loop_
_citation_author.citation_id 
_citation_author.name 
_citation_author.ordinal 
_citation_author.identifier_ORCID 
primary 'Karthikeyan, S.' 1 ? 
primary 'Zhou, Q.'        2 ? 
primary 'Mseeh, F.'       3 ? 
primary 'Grishin, N.V.'   4 ? 
primary 'Osterman, A.L.'  5 ? 
primary 'Zhang, H.'       6 ? 
# 
loop_
_entity.id 
_entity.type 
_entity.src_method 
_entity.pdbx_description 
_entity.formula_weight 
_entity.pdbx_number_of_molecules 
_entity.pdbx_ec 
_entity.pdbx_mutation 
_entity.pdbx_fragment 
_entity.details 
1 polymer     man 'hypothetical protein FLJ11149' 16772.084 1   2.7.1.26 ? ? ? 
2 non-polymer syn 'MAGNESIUM ION'                 24.305    1   ?        ? ? ? 
3 non-polymer syn "ADENOSINE-5'-DIPHOSPHATE"      427.201   1   ?        ? ? ? 
4 water       nat water                           18.015    130 ?        ? ? ? 
# 
_entity_name_com.entity_id   1 
_entity_name_com.name        'Riboflavin kinase' 
# 
_entity_poly.entity_id                      1 
_entity_poly.type                           'polypeptide(L)' 
_entity_poly.nstd_linkage                   no 
_entity_poly.nstd_monomer                   no 
_entity_poly.pdbx_seq_one_letter_code       
;RHLPYFCRGQVVRGFGRGSKQLGIPTANFPEQVVDNLPADISTGIYYGWASVGSGDVHKMVVSIGWNPYYKNTKKSMETH
IMHTFKEDFYGEILNVAIVGYLRPEKNFDSLESLISAIQGDIEEAKKRLELPEYLKIKEDNFFQVSK
;
_entity_poly.pdbx_seq_one_letter_code_can   
;RHLPYFCRGQVVRGFGRGSKQLGIPTANFPEQVVDNLPADISTGIYYGWASVGSGDVHKMVVSIGWNPYYKNTKKSMETH
IMHTFKEDFYGEILNVAIVGYLRPEKNFDSLESLISAIQGDIEEAKKRLELPEYLKIKEDNFFQVSK
;
_entity_poly.pdbx_strand_id                 A 
_entity_poly.pdbx_target_identifier         ? 
# 
loop_
_pdbx_entity_nonpoly.entity_id 
_pdbx_entity_nonpoly.name 
_pdbx_entity_nonpoly.comp_id 
2 'MAGNESIUM ION'            MG  
3 "ADENOSINE-5'-DIPHOSPHATE" ADP 
4 water                      HOH 
# 
loop_
_entity_poly_seq.entity_id 
_entity_poly_seq.num 
_entity_poly_seq.mon_id 
_entity_poly_seq.hetero 
1 1   ARG n 
1 2   HIS n 
1 3   LEU n 
1 4   PRO n 
1 5   TYR n 
1 6   PHE n 
1 7   CYS n 
1 8   ARG n 
1 9   GLY n 
1 10  GLN n 
1 11  VAL n 
1 12  VAL n 
1 13  ARG n 
1 14  GLY n 
1 15  PHE n 
1 16  GLY n 
1 17  ARG n 
1 18  GLY n 
1 19  SER n 
1 20  LYS n 
1 21  GLN n 
1 22  LEU n 
1 23  GLY n 
1 24  ILE n 
1 25  PRO n 
1 26  THR n 
1 27  ALA n 
1 28  ASN n 
1 29  PHE n 
1 30  PRO n 
1 31  GLU n 
1 32  GLN n 
1 33  VAL n 
1 34  VAL n 
1 35  ASP n 
1 36  ASN n 
1 37  LEU n 
1 38  PRO n 
1 39  ALA n 
1 40  ASP n 
1 41  ILE n 
1 42  SER n 
1 43  THR n 
1 44  GLY n 
1 45  ILE n 
1 46  TYR n 
1 47  TYR n 
1 48  GLY n 
1 49  TRP n 
1 50  ALA n 
1 51  SER n 
1 52  VAL n 
1 53  GLY n 
1 54  SER n 
1 55  GLY n 
1 56  ASP n 
1 57  VAL n 
1 58  HIS n 
1 59  LYS n 
1 60  MET n 
1 61  VAL n 
1 62  VAL n 
1 63  SER n 
1 64  ILE n 
1 65  GLY n 
1 66  TRP n 
1 67  ASN n 
1 68  PRO n 
1 69  TYR n 
1 70  TYR n 
1 71  LYS n 
1 72  ASN n 
1 73  THR n 
1 74  LYS n 
1 75  LYS n 
1 76  SER n 
1 77  MET n 
1 78  GLU n 
1 79  THR n 
1 80  HIS n 
1 81  ILE n 
1 82  MET n 
1 83  HIS n 
1 84  THR n 
1 85  PHE n 
1 86  LYS n 
1 87  GLU n 
1 88  ASP n 
1 89  PHE n 
1 90  TYR n 
1 91  GLY n 
1 92  GLU n 
1 93  ILE n 
1 94  LEU n 
1 95  ASN n 
1 96  VAL n 
1 97  ALA n 
1 98  ILE n 
1 99  VAL n 
1 100 GLY n 
1 101 TYR n 
1 102 LEU n 
1 103 ARG n 
1 104 PRO n 
1 105 GLU n 
1 106 LYS n 
1 107 ASN n 
1 108 PHE n 
1 109 ASP n 
1 110 SER n 
1 111 LEU n 
1 112 GLU n 
1 113 SER n 
1 114 LEU n 
1 115 ILE n 
1 116 SER n 
1 117 ALA n 
1 118 ILE n 
1 119 GLN n 
1 120 GLY n 
1 121 ASP n 
1 122 ILE n 
1 123 GLU n 
1 124 GLU n 
1 125 ALA n 
1 126 LYS n 
1 127 LYS n 
1 128 ARG n 
1 129 LEU n 
1 130 GLU n 
1 131 LEU n 
1 132 PRO n 
1 133 GLU n 
1 134 TYR n 
1 135 LEU n 
1 136 LYS n 
1 137 ILE n 
1 138 LYS n 
1 139 GLU n 
1 140 ASP n 
1 141 ASN n 
1 142 PHE n 
1 143 PHE n 
1 144 GLN n 
1 145 VAL n 
1 146 SER n 
1 147 LYS n 
# 
_entity_src_gen.entity_id                          1 
_entity_src_gen.pdbx_src_id                        1 
_entity_src_gen.pdbx_alt_source_flag               sample 
_entity_src_gen.pdbx_seq_type                      ? 
_entity_src_gen.pdbx_beg_seq_num                   ? 
_entity_src_gen.pdbx_end_seq_num                   ? 
_entity_src_gen.gene_src_common_name               human 
_entity_src_gen.gene_src_genus                     Homo 
_entity_src_gen.pdbx_gene_src_gene                 FLJ11149 
_entity_src_gen.gene_src_species                   ? 
_entity_src_gen.gene_src_strain                    ? 
_entity_src_gen.gene_src_tissue                    ? 
_entity_src_gen.gene_src_tissue_fraction           ? 
_entity_src_gen.gene_src_details                   ? 
_entity_src_gen.pdbx_gene_src_fragment             ? 
_entity_src_gen.pdbx_gene_src_scientific_name      'Homo sapiens' 
_entity_src_gen.pdbx_gene_src_ncbi_taxonomy_id     9606 
_entity_src_gen.pdbx_gene_src_variant              ? 
_entity_src_gen.pdbx_gene_src_cell_line            ? 
_entity_src_gen.pdbx_gene_src_atcc                 ? 
_entity_src_gen.pdbx_gene_src_organ                brain 
_entity_src_gen.pdbx_gene_src_organelle            ? 
_entity_src_gen.pdbx_gene_src_cell                 ? 
_entity_src_gen.pdbx_gene_src_cellular_location    ? 
_entity_src_gen.host_org_common_name               ? 
_entity_src_gen.pdbx_host_org_scientific_name      'Escherichia coli BL21' 
_entity_src_gen.pdbx_host_org_ncbi_taxonomy_id     511693 
_entity_src_gen.host_org_genus                     Escherichia 
_entity_src_gen.pdbx_host_org_gene                 ? 
_entity_src_gen.pdbx_host_org_organ                ? 
_entity_src_gen.host_org_species                   'Escherichia coli' 
_entity_src_gen.pdbx_host_org_tissue               ? 
_entity_src_gen.pdbx_host_org_tissue_fraction      ? 
_entity_src_gen.pdbx_host_org_strain               BL21 
_entity_src_gen.pdbx_host_org_variant              ? 
_entity_src_gen.pdbx_host_org_cell_line            ? 
_entity_src_gen.pdbx_host_org_atcc                 ? 
_entity_src_gen.pdbx_host_org_culture_collection   ? 
_entity_src_gen.pdbx_host_org_cell                 ? 
_entity_src_gen.pdbx_host_org_organelle            ? 
_entity_src_gen.pdbx_host_org_cellular_location    ? 
_entity_src_gen.pdbx_host_org_vector_type          PLASMID 
_entity_src_gen.pdbx_host_org_vector               ? 
_entity_src_gen.host_org_details                   ? 
_entity_src_gen.expression_system_id               ? 
_entity_src_gen.plasmid_name                       pPROEX-Hta 
_entity_src_gen.plasmid_details                    ? 
_entity_src_gen.pdbx_description                   ? 
# 
loop_
_chem_comp.id 
_chem_comp.type 
_chem_comp.mon_nstd_flag 
_chem_comp.name 
_chem_comp.pdbx_synonyms 
_chem_comp.formula 
_chem_comp.formula_weight 
ADP non-polymer         n "ADENOSINE-5'-DIPHOSPHATE" ? 'C10 H15 N5 O10 P2' 427.201 
ALA 'L-peptide linking' y ALANINE                    ? 'C3 H7 N O2'        89.093  
ARG 'L-peptide linking' y ARGININE                   ? 'C6 H15 N4 O2 1'    175.209 
ASN 'L-peptide linking' y ASPARAGINE                 ? 'C4 H8 N2 O3'       132.118 
ASP 'L-peptide linking' y 'ASPARTIC ACID'            ? 'C4 H7 N O4'        133.103 
CYS 'L-peptide linking' y CYSTEINE                   ? 'C3 H7 N O2 S'      121.158 
GLN 'L-peptide linking' y GLUTAMINE                  ? 'C5 H10 N2 O3'      146.144 
GLU 'L-peptide linking' y 'GLUTAMIC ACID'            ? 'C5 H9 N O4'        147.129 
GLY 'peptide linking'   y GLYCINE                    ? 'C2 H5 N O2'        75.067  
HIS 'L-peptide linking' y HISTIDINE                  ? 'C6 H10 N3 O2 1'    156.162 
HOH non-polymer         . WATER                      ? 'H2 O'              18.015  
ILE 'L-peptide linking' y ISOLEUCINE                 ? 'C6 H13 N O2'       131.173 
LEU 'L-peptide linking' y LEUCINE                    ? 'C6 H13 N O2'       131.173 
LYS 'L-peptide linking' y LYSINE                     ? 'C6 H15 N2 O2 1'    147.195 
MET 'L-peptide linking' y METHIONINE                 ? 'C5 H11 N O2 S'     149.211 
MG  non-polymer         . 'MAGNESIUM ION'            ? 'Mg 2'              24.305  
PHE 'L-peptide linking' y PHENYLALANINE              ? 'C9 H11 N O2'       165.189 
PRO 'L-peptide linking' y PROLINE                    ? 'C5 H9 N O2'        115.130 
SER 'L-peptide linking' y SERINE                     ? 'C3 H7 N O3'        105.093 
THR 'L-peptide linking' y THREONINE                  ? 'C4 H9 N O3'        119.119 
TRP 'L-peptide linking' y TRYPTOPHAN                 ? 'C11 H12 N2 O2'     204.225 
TYR 'L-peptide linking' y TYROSINE                   ? 'C9 H11 N O3'       181.189 
VAL 'L-peptide linking' y VALINE                     ? 'C5 H11 N O2'       117.146 
# 
loop_
_pdbx_poly_seq_scheme.asym_id 
_pdbx_poly_seq_scheme.entity_id 
_pdbx_poly_seq_scheme.seq_id 
_pdbx_poly_seq_scheme.mon_id 
_pdbx_poly_seq_scheme.ndb_seq_num 
_pdbx_poly_seq_scheme.pdb_seq_num 
_pdbx_poly_seq_scheme.auth_seq_num 
_pdbx_poly_seq_scheme.pdb_mon_id 
_pdbx_poly_seq_scheme.auth_mon_id 
_pdbx_poly_seq_scheme.pdb_strand_id 
_pdbx_poly_seq_scheme.pdb_ins_code 
_pdbx_poly_seq_scheme.hetero 
A 1 1   ARG 1   9   9   ARG ARG A . n 
A 1 2   HIS 2   10  10  HIS HIS A . n 
A 1 3   LEU 3   11  11  LEU LEU A . n 
A 1 4   PRO 4   12  12  PRO PRO A . n 
A 1 5   TYR 5   13  13  TYR TYR A . n 
A 1 6   PHE 6   14  14  PHE PHE A . n 
A 1 7   CYS 7   15  15  CYS CYS A . n 
A 1 8   ARG 8   16  16  ARG ARG A . n 
A 1 9   GLY 9   17  17  GLY GLY A . n 
A 1 10  GLN 10  18  18  GLN GLN A . n 
A 1 11  VAL 11  19  19  VAL VAL A . n 
A 1 12  VAL 12  20  20  VAL VAL A . n 
A 1 13  ARG 13  21  21  ARG ARG A . n 
A 1 14  GLY 14  22  22  GLY GLY A . n 
A 1 15  PHE 15  23  23  PHE PHE A . n 
A 1 16  GLY 16  24  24  GLY GLY A . n 
A 1 17  ARG 17  25  25  ARG ARG A . n 
A 1 18  GLY 18  26  26  GLY GLY A . n 
A 1 19  SER 19  27  27  SER SER A . n 
A 1 20  LYS 20  28  28  LYS LYS A . n 
A 1 21  GLN 21  29  29  GLN GLN A . n 
A 1 22  LEU 22  30  30  LEU LEU A . n 
A 1 23  GLY 23  31  31  GLY GLY A . n 
A 1 24  ILE 24  32  32  ILE ILE A . n 
A 1 25  PRO 25  33  33  PRO PRO A . n 
A 1 26  THR 26  34  34  THR THR A . n 
A 1 27  ALA 27  35  35  ALA ALA A . n 
A 1 28  ASN 28  36  36  ASN ASN A . n 
A 1 29  PHE 29  37  37  PHE PHE A . n 
A 1 30  PRO 30  38  38  PRO PRO A . n 
A 1 31  GLU 31  39  39  GLU GLU A . n 
A 1 32  GLN 32  40  40  GLN GLN A . n 
A 1 33  VAL 33  41  41  VAL VAL A . n 
A 1 34  VAL 34  42  42  VAL VAL A . n 
A 1 35  ASP 35  43  43  ASP ASP A . n 
A 1 36  ASN 36  44  44  ASN ASN A . n 
A 1 37  LEU 37  45  45  LEU LEU A . n 
A 1 38  PRO 38  46  46  PRO PRO A . n 
A 1 39  ALA 39  47  47  ALA ALA A . n 
A 1 40  ASP 40  48  48  ASP ASP A . n 
A 1 41  ILE 41  49  49  ILE ILE A . n 
A 1 42  SER 42  50  50  SER SER A . n 
A 1 43  THR 43  51  51  THR THR A . n 
A 1 44  GLY 44  52  52  GLY GLY A . n 
A 1 45  ILE 45  53  53  ILE ILE A . n 
A 1 46  TYR 46  54  54  TYR TYR A . n 
A 1 47  TYR 47  55  55  TYR TYR A . n 
A 1 48  GLY 48  56  56  GLY GLY A . n 
A 1 49  TRP 49  57  57  TRP TRP A . n 
A 1 50  ALA 50  58  58  ALA ALA A . n 
A 1 51  SER 51  59  59  SER SER A . n 
A 1 52  VAL 52  60  60  VAL VAL A . n 
A 1 53  GLY 53  61  61  GLY GLY A . n 
A 1 54  SER 54  62  62  SER SER A . n 
A 1 55  GLY 55  63  63  GLY GLY A . n 
A 1 56  ASP 56  64  64  ASP ASP A . n 
A 1 57  VAL 57  65  65  VAL VAL A . n 
A 1 58  HIS 58  66  66  HIS HIS A . n 
A 1 59  LYS 59  67  67  LYS LYS A . n 
A 1 60  MET 60  68  68  MET MET A . n 
A 1 61  VAL 61  69  69  VAL VAL A . n 
A 1 62  VAL 62  70  70  VAL VAL A . n 
A 1 63  SER 63  71  71  SER SER A . n 
A 1 64  ILE 64  72  72  ILE ILE A . n 
A 1 65  GLY 65  73  73  GLY GLY A . n 
A 1 66  TRP 66  74  74  TRP TRP A . n 
A 1 67  ASN 67  75  75  ASN ASN A . n 
A 1 68  PRO 68  76  76  PRO PRO A . n 
A 1 69  TYR 69  77  77  TYR TYR A . n 
A 1 70  TYR 70  78  78  TYR TYR A . n 
A 1 71  LYS 71  79  79  LYS LYS A . n 
A 1 72  ASN 72  80  80  ASN ASN A . n 
A 1 73  THR 73  81  81  THR THR A . n 
A 1 74  LYS 74  82  82  LYS LYS A . n 
A 1 75  LYS 75  83  83  LYS LYS A . n 
A 1 76  SER 76  84  84  SER SER A . n 
A 1 77  MET 77  85  85  MET MET A . n 
A 1 78  GLU 78  86  86  GLU GLU A . n 
A 1 79  THR 79  87  87  THR THR A . n 
A 1 80  HIS 80  88  88  HIS HIS A . n 
A 1 81  ILE 81  89  89  ILE ILE A . n 
A 1 82  MET 82  90  90  MET MET A . n 
A 1 83  HIS 83  91  91  HIS HIS A . n 
A 1 84  THR 84  92  92  THR THR A . n 
A 1 85  PHE 85  93  93  PHE PHE A . n 
A 1 86  LYS 86  94  94  LYS LYS A . n 
A 1 87  GLU 87  95  95  GLU GLU A . n 
A 1 88  ASP 88  96  96  ASP ASP A . n 
A 1 89  PHE 89  97  97  PHE PHE A . n 
A 1 90  TYR 90  98  98  TYR TYR A . n 
A 1 91  GLY 91  99  99  GLY GLY A . n 
A 1 92  GLU 92  100 100 GLU GLU A . n 
A 1 93  ILE 93  101 101 ILE ILE A . n 
A 1 94  LEU 94  102 102 LEU LEU A . n 
A 1 95  ASN 95  103 103 ASN ASN A . n 
A 1 96  VAL 96  104 104 VAL VAL A . n 
A 1 97  ALA 97  105 105 ALA ALA A . n 
A 1 98  ILE 98  106 106 ILE ILE A . n 
A 1 99  VAL 99  107 107 VAL VAL A . n 
A 1 100 GLY 100 108 108 GLY GLY A . n 
A 1 101 TYR 101 109 109 TYR TYR A . n 
A 1 102 LEU 102 110 110 LEU LEU A . n 
A 1 103 ARG 103 111 111 ARG ARG A . n 
A 1 104 PRO 104 112 112 PRO PRO A . n 
A 1 105 GLU 105 113 113 GLU GLU A . n 
A 1 106 LYS 106 114 114 LYS LYS A . n 
A 1 107 ASN 107 115 115 ASN ASN A . n 
A 1 108 PHE 108 116 116 PHE PHE A . n 
A 1 109 ASP 109 117 117 ASP ASP A . n 
A 1 110 SER 110 118 118 SER SER A . n 
A 1 111 LEU 111 119 119 LEU LEU A . n 
A 1 112 GLU 112 120 120 GLU GLU A . n 
A 1 113 SER 113 121 121 SER SER A . n 
A 1 114 LEU 114 122 122 LEU LEU A . n 
A 1 115 ILE 115 123 123 ILE ILE A . n 
A 1 116 SER 116 124 124 SER SER A . n 
A 1 117 ALA 117 125 125 ALA ALA A . n 
A 1 118 ILE 118 126 126 ILE ILE A . n 
A 1 119 GLN 119 127 127 GLN GLN A . n 
A 1 120 GLY 120 128 128 GLY GLY A . n 
A 1 121 ASP 121 129 129 ASP ASP A . n 
A 1 122 ILE 122 130 130 ILE ILE A . n 
A 1 123 GLU 123 131 131 GLU GLU A . n 
A 1 124 GLU 124 132 132 GLU GLU A . n 
A 1 125 ALA 125 133 133 ALA ALA A . n 
A 1 126 LYS 126 134 134 LYS LYS A . n 
A 1 127 LYS 127 135 135 LYS LYS A . n 
A 1 128 ARG 128 136 136 ARG ARG A . n 
A 1 129 LEU 129 137 137 LEU LEU A . n 
A 1 130 GLU 130 138 138 GLU GLU A . n 
A 1 131 LEU 131 139 139 LEU LEU A . n 
A 1 132 PRO 132 140 140 PRO PRO A . n 
A 1 133 GLU 133 141 141 GLU GLU A . n 
A 1 134 TYR 134 142 142 TYR TYR A . n 
A 1 135 LEU 135 143 143 LEU LEU A . n 
A 1 136 LYS 136 144 144 LYS LYS A . n 
A 1 137 ILE 137 145 145 ILE ILE A . n 
A 1 138 LYS 138 146 146 LYS LYS A . n 
A 1 139 GLU 139 147 147 GLU GLU A . n 
A 1 140 ASP 140 148 148 ASP ASP A . n 
A 1 141 ASN 141 149 149 ASN ASN A . n 
A 1 142 PHE 142 150 150 PHE PHE A . n 
A 1 143 PHE 143 151 151 PHE PHE A . n 
A 1 144 GLN 144 152 152 GLN GLN A . n 
A 1 145 VAL 145 153 153 VAL VAL A . n 
A 1 146 SER 146 154 154 SER SER A . n 
A 1 147 LYS 147 155 155 LYS LYS A . n 
# 
loop_
_pdbx_nonpoly_scheme.asym_id 
_pdbx_nonpoly_scheme.entity_id 
_pdbx_nonpoly_scheme.mon_id 
_pdbx_nonpoly_scheme.ndb_seq_num 
_pdbx_nonpoly_scheme.pdb_seq_num 
_pdbx_nonpoly_scheme.auth_seq_num 
_pdbx_nonpoly_scheme.pdb_mon_id 
_pdbx_nonpoly_scheme.auth_mon_id 
_pdbx_nonpoly_scheme.pdb_strand_id 
_pdbx_nonpoly_scheme.pdb_ins_code 
B 2 MG  1   201 301 MG  MG  A . 
C 3 ADP 1   301 201 ADP ADP A . 
D 4 HOH 1   401 401 HOH HOH A . 
D 4 HOH 2   402 402 HOH HOH A . 
D 4 HOH 3   403 403 HOH HOH A . 
D 4 HOH 4   404 404 HOH HOH A . 
D 4 HOH 5   405 405 HOH HOH A . 
D 4 HOH 6   406 406 HOH HOH A . 
D 4 HOH 7   407 407 HOH HOH A . 
D 4 HOH 8   408 408 HOH HOH A . 
D 4 HOH 9   409 409 HOH HOH A . 
D 4 HOH 10  410 410 HOH HOH A . 
D 4 HOH 11  411 411 HOH HOH A . 
D 4 HOH 12  412 412 HOH HOH A . 
D 4 HOH 13  413 413 HOH HOH A . 
D 4 HOH 14  414 414 HOH HOH A . 
D 4 HOH 15  415 415 HOH HOH A . 
D 4 HOH 16  416 416 HOH HOH A . 
D 4 HOH 17  417 417 HOH HOH A . 
D 4 HOH 18  418 418 HOH HOH A . 
D 4 HOH 19  419 419 HOH HOH A . 
D 4 HOH 20  420 420 HOH HOH A . 
D 4 HOH 21  421 421 HOH HOH A . 
D 4 HOH 22  422 422 HOH HOH A . 
D 4 HOH 23  423 423 HOH HOH A . 
D 4 HOH 24  424 424 HOH HOH A . 
D 4 HOH 25  425 425 HOH HOH A . 
D 4 HOH 26  426 426 HOH HOH A . 
D 4 HOH 27  427 427 HOH HOH A . 
D 4 HOH 28  428 428 HOH HOH A . 
D 4 HOH 29  429 429 HOH HOH A . 
D 4 HOH 30  430 430 HOH HOH A . 
D 4 HOH 31  431 431 HOH HOH A . 
D 4 HOH 32  432 432 HOH HOH A . 
D 4 HOH 33  433 433 HOH HOH A . 
D 4 HOH 34  434 434 HOH HOH A . 
D 4 HOH 35  435 435 HOH HOH A . 
D 4 HOH 36  436 436 HOH HOH A . 
D 4 HOH 37  437 437 HOH HOH A . 
D 4 HOH 38  438 438 HOH HOH A . 
D 4 HOH 39  439 439 HOH HOH A . 
D 4 HOH 40  440 440 HOH HOH A . 
D 4 HOH 41  441 441 HOH HOH A . 
D 4 HOH 42  442 442 HOH HOH A . 
D 4 HOH 43  443 443 HOH HOH A . 
D 4 HOH 44  444 444 HOH HOH A . 
D 4 HOH 45  445 445 HOH HOH A . 
D 4 HOH 46  446 446 HOH HOH A . 
D 4 HOH 47  447 447 HOH HOH A . 
D 4 HOH 48  448 448 HOH HOH A . 
D 4 HOH 49  449 449 HOH HOH A . 
D 4 HOH 50  450 450 HOH HOH A . 
D 4 HOH 51  451 451 HOH HOH A . 
D 4 HOH 52  452 452 HOH HOH A . 
D 4 HOH 53  453 453 HOH HOH A . 
D 4 HOH 54  454 454 HOH HOH A . 
D 4 HOH 55  455 455 HOH HOH A . 
D 4 HOH 56  456 456 HOH HOH A . 
D 4 HOH 57  457 457 HOH HOH A . 
D 4 HOH 58  458 458 HOH HOH A . 
D 4 HOH 59  459 459 HOH HOH A . 
D 4 HOH 60  460 460 HOH HOH A . 
D 4 HOH 61  461 461 HOH HOH A . 
D 4 HOH 62  462 462 HOH HOH A . 
D 4 HOH 63  463 463 HOH HOH A . 
D 4 HOH 64  464 464 HOH HOH A . 
D 4 HOH 65  465 465 HOH HOH A . 
D 4 HOH 66  466 466 HOH HOH A . 
D 4 HOH 67  467 467 HOH HOH A . 
D 4 HOH 68  468 468 HOH HOH A . 
D 4 HOH 69  469 469 HOH HOH A . 
D 4 HOH 70  470 470 HOH HOH A . 
D 4 HOH 71  471 471 HOH HOH A . 
D 4 HOH 72  472 472 HOH HOH A . 
D 4 HOH 73  473 473 HOH HOH A . 
D 4 HOH 74  474 474 HOH HOH A . 
D 4 HOH 75  475 475 HOH HOH A . 
D 4 HOH 76  476 476 HOH HOH A . 
D 4 HOH 77  477 477 HOH HOH A . 
D 4 HOH 78  478 478 HOH HOH A . 
D 4 HOH 79  479 479 HOH HOH A . 
D 4 HOH 80  480 480 HOH HOH A . 
D 4 HOH 81  481 481 HOH HOH A . 
D 4 HOH 82  482 482 HOH HOH A . 
D 4 HOH 83  483 483 HOH HOH A . 
D 4 HOH 84  484 484 HOH HOH A . 
D 4 HOH 85  485 485 HOH HOH A . 
D 4 HOH 86  486 486 HOH HOH A . 
D 4 HOH 87  487 487 HOH HOH A . 
D 4 HOH 88  488 488 HOH HOH A . 
D 4 HOH 89  489 489 HOH HOH A . 
D 4 HOH 90  490 490 HOH HOH A . 
D 4 HOH 91  491 491 HOH HOH A . 
D 4 HOH 92  492 492 HOH HOH A . 
D 4 HOH 93  493 493 HOH HOH A . 
D 4 HOH 94  494 494 HOH HOH A . 
D 4 HOH 95  495 495 HOH HOH A . 
D 4 HOH 96  496 496 HOH HOH A . 
D 4 HOH 97  497 497 HOH HOH A . 
D 4 HOH 98  498 498 HOH HOH A . 
D 4 HOH 99  499 499 HOH HOH A . 
D 4 HOH 100 500 500 HOH HOH A . 
D 4 HOH 101 501 501 HOH HOH A . 
D 4 HOH 102 502 502 HOH HOH A . 
D 4 HOH 103 503 503 HOH HOH A . 
D 4 HOH 104 504 504 HOH HOH A . 
D 4 HOH 105 505 505 HOH HOH A . 
D 4 HOH 106 506 506 HOH HOH A . 
D 4 HOH 107 507 507 HOH HOH A . 
D 4 HOH 108 508 508 HOH HOH A . 
D 4 HOH 109 509 509 HOH HOH A . 
D 4 HOH 110 510 510 HOH HOH A . 
D 4 HOH 111 511 511 HOH HOH A . 
D 4 HOH 112 512 512 HOH HOH A . 
D 4 HOH 113 513 513 HOH HOH A . 
D 4 HOH 114 514 514 HOH HOH A . 
D 4 HOH 115 515 515 HOH HOH A . 
D 4 HOH 116 516 516 HOH HOH A . 
D 4 HOH 117 517 517 HOH HOH A . 
D 4 HOH 118 518 518 HOH HOH A . 
D 4 HOH 119 519 519 HOH HOH A . 
D 4 HOH 120 520 520 HOH HOH A . 
D 4 HOH 121 521 521 HOH HOH A . 
D 4 HOH 122 522 522 HOH HOH A . 
D 4 HOH 123 523 523 HOH HOH A . 
D 4 HOH 124 524 524 HOH HOH A . 
D 4 HOH 125 525 525 HOH HOH A . 
D 4 HOH 126 526 526 HOH HOH A . 
D 4 HOH 127 527 527 HOH HOH A . 
D 4 HOH 128 528 528 HOH HOH A . 
D 4 HOH 129 529 529 HOH HOH A . 
D 4 HOH 130 530 530 HOH HOH A . 
# 
loop_
_pdbx_unobs_or_zero_occ_atoms.id 
_pdbx_unobs_or_zero_occ_atoms.PDB_model_num 
_pdbx_unobs_or_zero_occ_atoms.polymer_flag 
_pdbx_unobs_or_zero_occ_atoms.occupancy_flag 
_pdbx_unobs_or_zero_occ_atoms.auth_asym_id 
_pdbx_unobs_or_zero_occ_atoms.auth_comp_id 
_pdbx_unobs_or_zero_occ_atoms.auth_seq_id 
_pdbx_unobs_or_zero_occ_atoms.PDB_ins_code 
_pdbx_unobs_or_zero_occ_atoms.auth_atom_id 
_pdbx_unobs_or_zero_occ_atoms.label_alt_id 
_pdbx_unobs_or_zero_occ_atoms.label_asym_id 
_pdbx_unobs_or_zero_occ_atoms.label_comp_id 
_pdbx_unobs_or_zero_occ_atoms.label_seq_id 
_pdbx_unobs_or_zero_occ_atoms.label_atom_id 
1 1 Y 1 A ARG 9 ? CB  ? A ARG 1 CB  
2 1 Y 1 A ARG 9 ? CG  ? A ARG 1 CG  
3 1 Y 1 A ARG 9 ? CD  ? A ARG 1 CD  
4 1 Y 1 A ARG 9 ? NE  ? A ARG 1 NE  
5 1 Y 1 A ARG 9 ? CZ  ? A ARG 1 CZ  
6 1 Y 1 A ARG 9 ? NH1 ? A ARG 1 NH1 
7 1 Y 1 A ARG 9 ? NH2 ? A ARG 1 NH2 
# 
loop_
_software.name 
_software.classification 
_software.version 
_software.citation_id 
_software.pdbx_ordinal 
HKL-2000  'data collection' .      ? 1 
SCALEPACK 'data scaling'    .      ? 2 
SOLVE     phasing           .      ? 3 
REFMAC    refinement        5.1.27 ? 4 
HKL-2000  'data reduction'  .      ? 5 
# 
_cell.entry_id           1NB0 
_cell.length_a           57.096 
_cell.length_b           57.096 
_cell.length_c           82.505 
_cell.angle_alpha        90.00 
_cell.angle_beta         90.00 
_cell.angle_gamma        120.00 
_cell.Z_PDB              6 
_cell.pdbx_unique_axis   ? 
# 
_symmetry.entry_id                         1NB0 
_symmetry.space_group_name_H-M             'P 31 2 1' 
_symmetry.pdbx_full_space_group_name_H-M   ? 
_symmetry.cell_setting                     ? 
_symmetry.Int_Tables_number                152 
# 
_exptl.entry_id          1NB0 
_exptl.method            'X-RAY DIFFRACTION' 
_exptl.crystals_number   1 
# 
_exptl_crystal.id                    1 
_exptl_crystal.density_meas          ? 
_exptl_crystal.density_Matthews      2.06 
_exptl_crystal.density_percent_sol   39.69 
_exptl_crystal.description           ? 
# 
_exptl_crystal_grow.crystal_id      1 
_exptl_crystal_grow.method          'VAPOR DIFFUSION, HANGING DROP' 
_exptl_crystal_grow.temp            293 
_exptl_crystal_grow.temp_details    ? 
_exptl_crystal_grow.pH              6.5 
_exptl_crystal_grow.pdbx_details    'NA cadodalyte, Mg acetate, PEG 8000, pH 6.5, VAPOR DIFFUSION, HANGING DROP, temperature 293K' 
_exptl_crystal_grow.pdbx_pH_range   . 
# 
_diffrn.id                     1 
_diffrn.ambient_temp           100 
_diffrn.ambient_temp_details   ? 
_diffrn.crystal_id             1 
# 
_diffrn_detector.diffrn_id              1 
_diffrn_detector.detector               CCD 
_diffrn_detector.type                   CUSTOM-MADE 
_diffrn_detector.pdbx_collection_date   2002-08-25 
_diffrn_detector.details                MIRROR 
# 
_diffrn_radiation.diffrn_id                        1 
_diffrn_radiation.wavelength_id                    1 
_diffrn_radiation.pdbx_monochromatic_or_laue_m_l   M 
_diffrn_radiation.monochromator                    'ROSENBAUM-ROCK DOUBLE CRYSTAL MONOCHROMATOR' 
_diffrn_radiation.pdbx_diffrn_protocol             'SINGLE WAVELENGTH' 
_diffrn_radiation.pdbx_scattering_type             x-ray 
# 
_diffrn_radiation_wavelength.id           1 
_diffrn_radiation_wavelength.wavelength   1.0080 
_diffrn_radiation_wavelength.wt           1.0 
# 
_diffrn_source.diffrn_id                   1 
_diffrn_source.source                      SYNCHROTRON 
_diffrn_source.type                        'APS BEAMLINE 19-BM' 
_diffrn_source.pdbx_synchrotron_site       APS 
_diffrn_source.pdbx_synchrotron_beamline   19-BM 
_diffrn_source.pdbx_wavelength             ? 
_diffrn_source.pdbx_wavelength_list        1.0080 
# 
_reflns.entry_id                     1NB0 
_reflns.observed_criterion_sigma_I   -3.000 
_reflns.observed_criterion_sigma_F   ? 
_reflns.d_resolution_low             50.000 
_reflns.d_resolution_high            1.700 
_reflns.number_obs                   17010 
_reflns.number_all                   ? 
_reflns.percent_possible_obs         95.9 
_reflns.pdbx_Rmerge_I_obs            ? 
_reflns.pdbx_Rsym_value              0.036 
_reflns.pdbx_netI_over_sigmaI        49.2000 
_reflns.B_iso_Wilson_estimate        20.32 
_reflns.pdbx_redundancy              12.470 
_reflns.R_free_details               ? 
_reflns.limit_h_max                  ? 
_reflns.limit_h_min                  ? 
_reflns.limit_k_max                  ? 
_reflns.limit_k_min                  ? 
_reflns.limit_l_max                  ? 
_reflns.limit_l_min                  ? 
_reflns.observed_criterion_F_max     ? 
_reflns.observed_criterion_F_min     ? 
_reflns.pdbx_ordinal                 1 
_reflns.pdbx_diffrn_id               1 
# 
_reflns_shell.d_res_high             1.70 
_reflns_shell.d_res_low              1.76 
_reflns_shell.percent_possible_all   83.2 
_reflns_shell.Rmerge_I_obs           ? 
_reflns_shell.pdbx_Rsym_value        0.2 
_reflns_shell.meanI_over_sigI_obs    4.300 
_reflns_shell.pdbx_redundancy        ? 
_reflns_shell.percent_possible_obs   ? 
_reflns_shell.number_unique_all      ? 
_reflns_shell.pdbx_ordinal           1 
_reflns_shell.pdbx_diffrn_id         1 
# 
_refine.entry_id                                 1NB0 
_refine.ls_number_reflns_obs                     15843 
_refine.ls_number_reflns_all                     ? 
_refine.pdbx_ls_sigma_I                          ? 
_refine.pdbx_ls_sigma_F                          0.00 
_refine.pdbx_data_cutoff_high_absF               ? 
_refine.pdbx_data_cutoff_low_absF                ? 
_refine.pdbx_data_cutoff_high_rms_absF           ? 
_refine.ls_d_res_low                             49.39 
_refine.ls_d_res_high                            1.70 
_refine.ls_percent_reflns_obs                    94.36 
_refine.ls_R_factor_obs                          0.186 
_refine.ls_R_factor_all                          ? 
_refine.ls_R_factor_R_work                       0.184 
_refine.ls_R_factor_R_free                       0.221 
_refine.ls_R_factor_R_free_error                 ? 
_refine.ls_R_factor_R_free_error_details         ? 
_refine.ls_percent_reflns_R_free                 5.2 
_refine.ls_number_reflns_R_free                  861 
_refine.ls_number_parameters                     ? 
_refine.ls_number_restraints                     ? 
_refine.occupancy_min                            ? 
_refine.occupancy_max                            ? 
_refine.correlation_coeff_Fo_to_Fc               0.954 
_refine.correlation_coeff_Fo_to_Fc_free          0.940 
_refine.B_iso_mean                               15.50 
_refine.aniso_B[1][1]                            -0.21 
_refine.aniso_B[2][2]                            -0.21 
_refine.aniso_B[3][3]                            0.32 
_refine.aniso_B[1][2]                            -0.11 
_refine.aniso_B[1][3]                            0.00 
_refine.aniso_B[2][3]                            0.00 
_refine.solvent_model_details                    'BABINET MODEL WITH MASK' 
_refine.solvent_model_param_ksol                 ? 
_refine.solvent_model_param_bsol                 ? 
_refine.pdbx_solvent_vdw_probe_radii             1.40 
_refine.pdbx_solvent_ion_probe_radii             0.80 
_refine.pdbx_solvent_shrinkage_radii             0.80 
_refine.pdbx_ls_cross_valid_method               THROUGHOUT 
_refine.details                                  'HYDROGENS HAVE BEEN ADDED IN THE RIDING POSITIONS' 
_refine.pdbx_starting_model                      ? 
_refine.pdbx_method_to_determine_struct          MAD 
_refine.pdbx_isotropic_thermal_model             ? 
_refine.pdbx_stereochemistry_target_values       'MAXIMUM LIKELIHOOD' 
_refine.pdbx_stereochem_target_val_spec_case     ? 
_refine.pdbx_R_Free_selection_details            RANDOM 
_refine.pdbx_overall_ESU_R                       0.116 
_refine.pdbx_overall_ESU_R_Free                  0.113 
_refine.overall_SU_ML                            0.075 
_refine.overall_SU_B                             2.264 
_refine.ls_redundancy_reflns_obs                 ? 
_refine.B_iso_min                                ? 
_refine.B_iso_max                                ? 
_refine.overall_SU_R_Cruickshank_DPI             ? 
_refine.overall_SU_R_free                        ? 
_refine.pdbx_refine_id                           'X-RAY DIFFRACTION' 
_refine.pdbx_TLS_residual_ADP_flag               'LIKELY RESIDUAL' 
_refine.pdbx_diffrn_id                           1 
_refine.pdbx_overall_phase_error                 ? 
_refine.pdbx_overall_SU_R_free_Cruickshank_DPI   ? 
_refine.pdbx_overall_SU_R_Blow_DPI               ? 
_refine.pdbx_overall_SU_R_free_Blow_DPI          ? 
# 
_refine_hist.pdbx_refine_id                   'X-RAY DIFFRACTION' 
_refine_hist.cycle_id                         LAST 
_refine_hist.pdbx_number_atoms_protein        1177 
_refine_hist.pdbx_number_atoms_nucleic_acid   0 
_refine_hist.pdbx_number_atoms_ligand         28 
_refine_hist.number_atoms_solvent             130 
_refine_hist.number_atoms_total               1335 
_refine_hist.d_res_high                       1.70 
_refine_hist.d_res_low                        49.39 
# 
loop_
_refine_ls_restr.type 
_refine_ls_restr.dev_ideal 
_refine_ls_restr.dev_ideal_target 
_refine_ls_restr.weight 
_refine_ls_restr.number 
_refine_ls_restr.pdbx_refine_id 
_refine_ls_restr.pdbx_restraint_function 
r_bond_refined_d         0.015 0.021 ? 1251 'X-RAY DIFFRACTION' ? 
r_bond_other_d           ?     ?     ? ?    'X-RAY DIFFRACTION' ? 
r_angle_refined_deg      1.611 1.978 ? 1693 'X-RAY DIFFRACTION' ? 
r_angle_other_deg        ?     ?     ? ?    'X-RAY DIFFRACTION' ? 
r_dihedral_angle_1_deg   6.017 5.000 ? 146  'X-RAY DIFFRACTION' ? 
r_dihedral_angle_2_deg   ?     ?     ? ?    'X-RAY DIFFRACTION' ? 
r_chiral_restr           0.120 0.200 ? 176  'X-RAY DIFFRACTION' ? 
r_gen_planes_refined     0.008 0.020 ? 945  'X-RAY DIFFRACTION' ? 
r_gen_planes_other       ?     ?     ? ?    'X-RAY DIFFRACTION' ? 
r_nbd_refined            0.227 0.200 ? 523  'X-RAY DIFFRACTION' ? 
r_nbd_other              ?     ?     ? ?    'X-RAY DIFFRACTION' ? 
r_nbtor_other            ?     ?     ? ?    'X-RAY DIFFRACTION' ? 
r_xyhbond_nbd_refined    0.158 0.200 ? 114  'X-RAY DIFFRACTION' ? 
r_xyhbond_nbd_other      ?     ?     ? ?    'X-RAY DIFFRACTION' ? 
r_symmetry_vdw_refined   0.180 0.200 ? 42   'X-RAY DIFFRACTION' ? 
r_symmetry_vdw_other     ?     ?     ? ?    'X-RAY DIFFRACTION' ? 
r_symmetry_hbond_refined 0.158 0.200 ? 17   'X-RAY DIFFRACTION' ? 
r_symmetry_hbond_other   ?     ?     ? ?    'X-RAY DIFFRACTION' ? 
r_mcbond_it              1.042 1.500 ? 729  'X-RAY DIFFRACTION' ? 
r_mcangle_it             1.907 2.000 ? 1178 'X-RAY DIFFRACTION' ? 
r_scbond_it              2.511 3.000 ? 522  'X-RAY DIFFRACTION' ? 
r_scangle_it             3.779 4.500 ? 515  'X-RAY DIFFRACTION' ? 
r_rigid_bond_restr       ?     ?     ? ?    'X-RAY DIFFRACTION' ? 
r_sphericity_free        ?     ?     ? ?    'X-RAY DIFFRACTION' ? 
r_sphericity_bonded      ?     ?     ? ?    'X-RAY DIFFRACTION' ? 
# 
_refine_ls_shell.pdbx_total_number_of_bins_used   20 
_refine_ls_shell.d_res_high                       1.698 
_refine_ls_shell.d_res_low                        1.742 
_refine_ls_shell.number_reflns_R_work             895 
_refine_ls_shell.R_factor_R_work                  0.214 
_refine_ls_shell.percent_reflns_obs               ? 
_refine_ls_shell.R_factor_R_free                  0.243 
_refine_ls_shell.R_factor_R_free_error            ? 
_refine_ls_shell.percent_reflns_R_free            ? 
_refine_ls_shell.number_reflns_R_free             74 
_refine_ls_shell.redundancy_reflns_obs            ? 
_refine_ls_shell.number_reflns_all                ? 
_refine_ls_shell.number_reflns_obs                ? 
_refine_ls_shell.pdbx_refine_id                   'X-RAY DIFFRACTION' 
_refine_ls_shell.R_factor_all                     ? 
# 
_struct.entry_id                  1NB0 
_struct.title                     'Crystal Structure of Human Riboflavin Kinase' 
_struct.pdbx_model_details        ? 
_struct.pdbx_CASP_flag            ? 
_struct.pdbx_model_type_details   ? 
# 
_struct_keywords.entry_id        1NB0 
_struct_keywords.pdbx_keywords   TRANSFERASE 
_struct_keywords.text            'BETA BARREL, TRANSFERASE' 
# 
loop_
_struct_asym.id 
_struct_asym.pdbx_blank_PDB_chainid_flag 
_struct_asym.pdbx_modified 
_struct_asym.entity_id 
_struct_asym.details 
A N N 1 ? 
B N N 2 ? 
C N N 3 ? 
D N N 4 ? 
# 
_struct_ref.id                         1 
_struct_ref.db_name                    UNP 
_struct_ref.db_code                    RIFK_HUMAN 
_struct_ref.pdbx_db_accession          Q969G6 
_struct_ref.entity_id                  1 
_struct_ref.pdbx_seq_one_letter_code   
;RHLPYFCRGQVVRGFGRGSKQLGIPTANFPEQVVDNLPADISTGIYYGWASVGSGDVHKMVVSIGWNPYYKNTKKSMETH
IMHTFKEDFYGEILNVAIVGYLRPEKNFDSLESLISAIQGDIEEAKKRLELPEHLKIKEDNFFQVSK
;
_struct_ref.pdbx_align_begin           9 
_struct_ref.pdbx_db_isoform            ? 
# 
_struct_ref_seq.align_id                      1 
_struct_ref_seq.ref_id                        1 
_struct_ref_seq.pdbx_PDB_id_code              1NB0 
_struct_ref_seq.pdbx_strand_id                A 
_struct_ref_seq.seq_align_beg                 1 
_struct_ref_seq.pdbx_seq_align_beg_ins_code   ? 
_struct_ref_seq.seq_align_end                 147 
_struct_ref_seq.pdbx_seq_align_end_ins_code   ? 
_struct_ref_seq.pdbx_db_accession             Q969G6 
_struct_ref_seq.db_align_beg                  9 
_struct_ref_seq.pdbx_db_align_beg_ins_code    ? 
_struct_ref_seq.db_align_end                  155 
_struct_ref_seq.pdbx_db_align_end_ins_code    ? 
_struct_ref_seq.pdbx_auth_seq_align_beg       9 
_struct_ref_seq.pdbx_auth_seq_align_end       155 
# 
_struct_ref_seq_dif.align_id                     1 
_struct_ref_seq_dif.pdbx_pdb_id_code             1NB0 
_struct_ref_seq_dif.mon_id                       TYR 
_struct_ref_seq_dif.pdbx_pdb_strand_id           A 
_struct_ref_seq_dif.seq_num                      134 
_struct_ref_seq_dif.pdbx_pdb_ins_code            ? 
_struct_ref_seq_dif.pdbx_seq_db_name             UNP 
_struct_ref_seq_dif.pdbx_seq_db_accession_code   Q969G6 
_struct_ref_seq_dif.db_mon_id                    HIS 
_struct_ref_seq_dif.pdbx_seq_db_seq_num          142 
_struct_ref_seq_dif.details                      conflict 
_struct_ref_seq_dif.pdbx_auth_seq_num            142 
_struct_ref_seq_dif.pdbx_ordinal                 1 
# 
_pdbx_struct_assembly.id                   1 
_pdbx_struct_assembly.details              author_defined_assembly 
_pdbx_struct_assembly.method_details       ? 
_pdbx_struct_assembly.oligomeric_details   monomeric 
_pdbx_struct_assembly.oligomeric_count     1 
# 
_pdbx_struct_assembly_gen.assembly_id       1 
_pdbx_struct_assembly_gen.oper_expression   1 
_pdbx_struct_assembly_gen.asym_id_list      A,B,C,D 
# 
_pdbx_struct_oper_list.id                   1 
_pdbx_struct_oper_list.type                 'identity operation' 
_pdbx_struct_oper_list.name                 1_555 
_pdbx_struct_oper_list.symmetry_operation   x,y,z 
_pdbx_struct_oper_list.matrix[1][1]         1.0000000000 
_pdbx_struct_oper_list.matrix[1][2]         0.0000000000 
_pdbx_struct_oper_list.matrix[1][3]         0.0000000000 
_pdbx_struct_oper_list.vector[1]            0.0000000000 
_pdbx_struct_oper_list.matrix[2][1]         0.0000000000 
_pdbx_struct_oper_list.matrix[2][2]         1.0000000000 
_pdbx_struct_oper_list.matrix[2][3]         0.0000000000 
_pdbx_struct_oper_list.vector[2]            0.0000000000 
_pdbx_struct_oper_list.matrix[3][1]         0.0000000000 
_pdbx_struct_oper_list.matrix[3][2]         0.0000000000 
_pdbx_struct_oper_list.matrix[3][3]         1.0000000000 
_pdbx_struct_oper_list.vector[3]            0.0000000000 
# 
_struct_biol.id   1 
# 
loop_
_struct_conf.conf_type_id 
_struct_conf.id 
_struct_conf.pdbx_PDB_helix_id 
_struct_conf.beg_label_comp_id 
_struct_conf.beg_label_asym_id 
_struct_conf.beg_label_seq_id 
_struct_conf.pdbx_beg_PDB_ins_code 
_struct_conf.end_label_comp_id 
_struct_conf.end_label_asym_id 
_struct_conf.end_label_seq_id 
_struct_conf.pdbx_end_PDB_ins_code 
_struct_conf.beg_auth_comp_id 
_struct_conf.beg_auth_asym_id 
_struct_conf.beg_auth_seq_id 
_struct_conf.end_auth_comp_id 
_struct_conf.end_auth_asym_id 
_struct_conf.end_auth_seq_id 
_struct_conf.pdbx_PDB_helix_class 
_struct_conf.details 
_struct_conf.pdbx_PDB_helix_length 
HELX_P HELX_P1 1 GLY A 18  ? GLY A 23  ? GLY A 26  GLY A 31  5 ? 6  
HELX_P HELX_P2 2 PRO A 30  ? ASN A 36  ? PRO A 38  ASN A 44  1 ? 7  
HELX_P HELX_P3 3 SER A 110 ? LEU A 129 ? SER A 118 LEU A 137 1 ? 20 
HELX_P HELX_P4 4 LEU A 131 ? LYS A 136 ? LEU A 139 LYS A 144 1 ? 6  
HELX_P HELX_P5 5 ILE A 137 ? GLU A 139 ? ILE A 145 GLU A 147 5 ? 3  
HELX_P HELX_P6 6 ASP A 140 ? SER A 146 ? ASP A 148 SER A 154 1 ? 7  
# 
_struct_conf_type.id          HELX_P 
_struct_conf_type.criteria    ? 
_struct_conf_type.reference   ? 
# 
loop_
_struct_conn.id 
_struct_conn.conn_type_id 
_struct_conn.pdbx_leaving_atom_flag 
_struct_conn.pdbx_PDB_id 
_struct_conn.ptnr1_label_asym_id 
_struct_conn.ptnr1_label_comp_id 
_struct_conn.ptnr1_label_seq_id 
_struct_conn.ptnr1_label_atom_id 
_struct_conn.pdbx_ptnr1_label_alt_id 
_struct_conn.pdbx_ptnr1_PDB_ins_code 
_struct_conn.pdbx_ptnr1_standard_comp_id 
_struct_conn.ptnr1_symmetry 
_struct_conn.ptnr2_label_asym_id 
_struct_conn.ptnr2_label_comp_id 
_struct_conn.ptnr2_label_seq_id 
_struct_conn.ptnr2_label_atom_id 
_struct_conn.pdbx_ptnr2_label_alt_id 
_struct_conn.pdbx_ptnr2_PDB_ins_code 
_struct_conn.ptnr1_auth_asym_id 
_struct_conn.ptnr1_auth_comp_id 
_struct_conn.ptnr1_auth_seq_id 
_struct_conn.ptnr2_auth_asym_id 
_struct_conn.ptnr2_auth_comp_id 
_struct_conn.ptnr2_auth_seq_id 
_struct_conn.ptnr2_symmetry 
_struct_conn.pdbx_ptnr3_label_atom_id 
_struct_conn.pdbx_ptnr3_label_seq_id 
_struct_conn.pdbx_ptnr3_label_comp_id 
_struct_conn.pdbx_ptnr3_label_asym_id 
_struct_conn.pdbx_ptnr3_label_alt_id 
_struct_conn.pdbx_ptnr3_PDB_ins_code 
_struct_conn.details 
_struct_conn.pdbx_dist_value 
_struct_conn.pdbx_value_order 
_struct_conn.pdbx_role 
metalc1 metalc ? ? A THR 26 O   ? ? ? 1_555 B MG  . MG  ? ? A THR 34  A MG  201 1_555 ? ? ? ? ? ? ? 2.146 ? ? 
metalc2 metalc ? ? A THR 26 OG1 ? ? ? 1_555 B MG  . MG  ? ? A THR 34  A MG  201 1_555 ? ? ? ? ? ? ? 2.144 ? ? 
metalc3 metalc ? ? B MG  .  MG  ? ? ? 1_555 C ADP . O1B ? ? A MG  201 A ADP 301 1_555 ? ? ? ? ? ? ? 2.035 ? ? 
metalc4 metalc ? ? B MG  .  MG  ? ? ? 1_555 C ADP . O2A ? ? A MG  201 A ADP 301 1_555 ? ? ? ? ? ? ? 2.053 ? ? 
metalc5 metalc ? ? B MG  .  MG  ? ? ? 1_555 D HOH . O   ? ? A MG  201 A HOH 402 1_555 ? ? ? ? ? ? ? 2.074 ? ? 
metalc6 metalc ? ? B MG  .  MG  ? ? ? 1_555 D HOH . O   ? ? A MG  201 A HOH 408 1_555 ? ? ? ? ? ? ? 2.140 ? ? 
# 
_struct_conn_type.id          metalc 
_struct_conn_type.criteria    ? 
_struct_conn_type.reference   ? 
# 
loop_
_pdbx_struct_conn_angle.id 
_pdbx_struct_conn_angle.ptnr1_label_atom_id 
_pdbx_struct_conn_angle.ptnr1_label_alt_id 
_pdbx_struct_conn_angle.ptnr1_label_asym_id 
_pdbx_struct_conn_angle.ptnr1_label_comp_id 
_pdbx_struct_conn_angle.ptnr1_label_seq_id 
_pdbx_struct_conn_angle.ptnr1_auth_atom_id 
_pdbx_struct_conn_angle.ptnr1_auth_asym_id 
_pdbx_struct_conn_angle.ptnr1_auth_comp_id 
_pdbx_struct_conn_angle.ptnr1_auth_seq_id 
_pdbx_struct_conn_angle.ptnr1_PDB_ins_code 
_pdbx_struct_conn_angle.ptnr1_symmetry 
_pdbx_struct_conn_angle.ptnr2_label_atom_id 
_pdbx_struct_conn_angle.ptnr2_label_alt_id 
_pdbx_struct_conn_angle.ptnr2_label_asym_id 
_pdbx_struct_conn_angle.ptnr2_label_comp_id 
_pdbx_struct_conn_angle.ptnr2_label_seq_id 
_pdbx_struct_conn_angle.ptnr2_auth_atom_id 
_pdbx_struct_conn_angle.ptnr2_auth_asym_id 
_pdbx_struct_conn_angle.ptnr2_auth_comp_id 
_pdbx_struct_conn_angle.ptnr2_auth_seq_id 
_pdbx_struct_conn_angle.ptnr2_PDB_ins_code 
_pdbx_struct_conn_angle.ptnr2_symmetry 
_pdbx_struct_conn_angle.ptnr3_label_atom_id 
_pdbx_struct_conn_angle.ptnr3_label_alt_id 
_pdbx_struct_conn_angle.ptnr3_label_asym_id 
_pdbx_struct_conn_angle.ptnr3_label_comp_id 
_pdbx_struct_conn_angle.ptnr3_label_seq_id 
_pdbx_struct_conn_angle.ptnr3_auth_atom_id 
_pdbx_struct_conn_angle.ptnr3_auth_asym_id 
_pdbx_struct_conn_angle.ptnr3_auth_comp_id 
_pdbx_struct_conn_angle.ptnr3_auth_seq_id 
_pdbx_struct_conn_angle.ptnr3_PDB_ins_code 
_pdbx_struct_conn_angle.ptnr3_symmetry 
_pdbx_struct_conn_angle.value 
_pdbx_struct_conn_angle.value_esd 
1  O   ? A THR 26 ? A THR 34  ? 1_555 MG ? B MG . ? A MG 201 ? 1_555 OG1 ? A THR 26 ? A THR 34  ? 1_555 86.9  ? 
2  O   ? A THR 26 ? A THR 34  ? 1_555 MG ? B MG . ? A MG 201 ? 1_555 O1B ? C ADP .  ? A ADP 301 ? 1_555 96.2  ? 
3  OG1 ? A THR 26 ? A THR 34  ? 1_555 MG ? B MG . ? A MG 201 ? 1_555 O1B ? C ADP .  ? A ADP 301 ? 1_555 176.9 ? 
4  O   ? A THR 26 ? A THR 34  ? 1_555 MG ? B MG . ? A MG 201 ? 1_555 O2A ? C ADP .  ? A ADP 301 ? 1_555 89.9  ? 
5  OG1 ? A THR 26 ? A THR 34  ? 1_555 MG ? B MG . ? A MG 201 ? 1_555 O2A ? C ADP .  ? A ADP 301 ? 1_555 87.6  ? 
6  O1B ? C ADP .  ? A ADP 301 ? 1_555 MG ? B MG . ? A MG 201 ? 1_555 O2A ? C ADP .  ? A ADP 301 ? 1_555 92.2  ? 
7  O   ? A THR 26 ? A THR 34  ? 1_555 MG ? B MG . ? A MG 201 ? 1_555 O   ? D HOH .  ? A HOH 402 ? 1_555 91.0  ? 
8  OG1 ? A THR 26 ? A THR 34  ? 1_555 MG ? B MG . ? A MG 201 ? 1_555 O   ? D HOH .  ? A HOH 402 ? 1_555 87.8  ? 
9  O1B ? C ADP .  ? A ADP 301 ? 1_555 MG ? B MG . ? A MG 201 ? 1_555 O   ? D HOH .  ? A HOH 402 ? 1_555 92.3  ? 
10 O2A ? C ADP .  ? A ADP 301 ? 1_555 MG ? B MG . ? A MG 201 ? 1_555 O   ? D HOH .  ? A HOH 402 ? 1_555 175.2 ? 
11 O   ? A THR 26 ? A THR 34  ? 1_555 MG ? B MG . ? A MG 201 ? 1_555 O   ? D HOH .  ? A HOH 408 ? 1_555 171.8 ? 
12 OG1 ? A THR 26 ? A THR 34  ? 1_555 MG ? B MG . ? A MG 201 ? 1_555 O   ? D HOH .  ? A HOH 408 ? 1_555 85.1  ? 
13 O1B ? C ADP .  ? A ADP 301 ? 1_555 MG ? B MG . ? A MG 201 ? 1_555 O   ? D HOH .  ? A HOH 408 ? 1_555 91.9  ? 
14 O2A ? C ADP .  ? A ADP 301 ? 1_555 MG ? B MG . ? A MG 201 ? 1_555 O   ? D HOH .  ? A HOH 408 ? 1_555 88.3  ? 
15 O   ? D HOH .  ? A HOH 402 ? 1_555 MG ? B MG . ? A MG 201 ? 1_555 O   ? D HOH .  ? A HOH 408 ? 1_555 90.1  ? 
# 
_struct_mon_prot_cis.pdbx_id                1 
_struct_mon_prot_cis.label_comp_id          LEU 
_struct_mon_prot_cis.label_seq_id           3 
_struct_mon_prot_cis.label_asym_id          A 
_struct_mon_prot_cis.label_alt_id           . 
_struct_mon_prot_cis.pdbx_PDB_ins_code      ? 
_struct_mon_prot_cis.auth_comp_id           LEU 
_struct_mon_prot_cis.auth_seq_id            11 
_struct_mon_prot_cis.auth_asym_id           A 
_struct_mon_prot_cis.pdbx_label_comp_id_2   PRO 
_struct_mon_prot_cis.pdbx_label_seq_id_2    4 
_struct_mon_prot_cis.pdbx_label_asym_id_2   A 
_struct_mon_prot_cis.pdbx_PDB_ins_code_2    ? 
_struct_mon_prot_cis.pdbx_auth_comp_id_2    PRO 
_struct_mon_prot_cis.pdbx_auth_seq_id_2     12 
_struct_mon_prot_cis.pdbx_auth_asym_id_2    A 
_struct_mon_prot_cis.pdbx_PDB_model_num     1 
_struct_mon_prot_cis.pdbx_omega_angle       -2.34 
# 
_struct_sheet.id               A 
_struct_sheet.type             ? 
_struct_sheet.number_strands   6 
_struct_sheet.details          ? 
# 
loop_
_struct_sheet_order.sheet_id 
_struct_sheet_order.range_id_1 
_struct_sheet_order.range_id_2 
_struct_sheet_order.offset 
_struct_sheet_order.sense 
A 1 2 ? anti-parallel 
A 2 3 ? anti-parallel 
A 3 4 ? anti-parallel 
A 4 5 ? anti-parallel 
A 5 6 ? anti-parallel 
# 
loop_
_struct_sheet_range.sheet_id 
_struct_sheet_range.id 
_struct_sheet_range.beg_label_comp_id 
_struct_sheet_range.beg_label_asym_id 
_struct_sheet_range.beg_label_seq_id 
_struct_sheet_range.pdbx_beg_PDB_ins_code 
_struct_sheet_range.end_label_comp_id 
_struct_sheet_range.end_label_asym_id 
_struct_sheet_range.end_label_seq_id 
_struct_sheet_range.pdbx_end_PDB_ins_code 
_struct_sheet_range.beg_auth_comp_id 
_struct_sheet_range.beg_auth_asym_id 
_struct_sheet_range.beg_auth_seq_id 
_struct_sheet_range.end_auth_comp_id 
_struct_sheet_range.end_auth_asym_id 
_struct_sheet_range.end_auth_seq_id 
A 1 TYR A 5  ? GLN A 10  ? TYR A 13  GLN A 18  
A 2 ILE A 93 ? ARG A 103 ? ILE A 101 ARG A 111 
A 3 GLY A 44 ? VAL A 52  ? GLY A 52  VAL A 60  
A 4 HIS A 58 ? TRP A 66  ? HIS A 66  TRP A 74  
A 5 LYS A 75 ? ILE A 81  ? LYS A 83  ILE A 89  
A 6 ALA A 27 ? ASN A 28  ? ALA A 35  ASN A 36  
# 
loop_
_pdbx_struct_sheet_hbond.sheet_id 
_pdbx_struct_sheet_hbond.range_id_1 
_pdbx_struct_sheet_hbond.range_id_2 
_pdbx_struct_sheet_hbond.range_1_label_atom_id 
_pdbx_struct_sheet_hbond.range_1_label_comp_id 
_pdbx_struct_sheet_hbond.range_1_label_asym_id 
_pdbx_struct_sheet_hbond.range_1_label_seq_id 
_pdbx_struct_sheet_hbond.range_1_PDB_ins_code 
_pdbx_struct_sheet_hbond.range_1_auth_atom_id 
_pdbx_struct_sheet_hbond.range_1_auth_comp_id 
_pdbx_struct_sheet_hbond.range_1_auth_asym_id 
_pdbx_struct_sheet_hbond.range_1_auth_seq_id 
_pdbx_struct_sheet_hbond.range_2_label_atom_id 
_pdbx_struct_sheet_hbond.range_2_label_comp_id 
_pdbx_struct_sheet_hbond.range_2_label_asym_id 
_pdbx_struct_sheet_hbond.range_2_label_seq_id 
_pdbx_struct_sheet_hbond.range_2_PDB_ins_code 
_pdbx_struct_sheet_hbond.range_2_auth_atom_id 
_pdbx_struct_sheet_hbond.range_2_auth_comp_id 
_pdbx_struct_sheet_hbond.range_2_auth_asym_id 
_pdbx_struct_sheet_hbond.range_2_auth_seq_id 
A 1 2 N GLY A 9  ? N GLY A 17  O LEU A 94 ? O LEU A 102 
A 2 3 O ASN A 95 ? O ASN A 103 N SER A 51 ? N SER A 59  
A 3 4 N TYR A 46 ? N TYR A 54  O VAL A 62 ? O VAL A 70  
A 4 5 N VAL A 61 ? N VAL A 69  O HIS A 80 ? O HIS A 88  
A 5 6 O THR A 79 ? O THR A 87  N ALA A 27 ? N ALA A 35  
# 
loop_
_struct_site.id 
_struct_site.pdbx_evidence_code 
_struct_site.pdbx_auth_asym_id 
_struct_site.pdbx_auth_comp_id 
_struct_site.pdbx_auth_seq_id 
_struct_site.pdbx_auth_ins_code 
_struct_site.pdbx_num_residues 
_struct_site.details 
AC1 Software A MG  201 ? 4  'BINDING SITE FOR RESIDUE MG A 201'  
AC2 Software A ADP 301 ? 23 'BINDING SITE FOR RESIDUE ADP A 301' 
# 
loop_
_struct_site_gen.id 
_struct_site_gen.site_id 
_struct_site_gen.pdbx_num_res 
_struct_site_gen.label_comp_id 
_struct_site_gen.label_asym_id 
_struct_site_gen.label_seq_id 
_struct_site_gen.pdbx_auth_ins_code 
_struct_site_gen.auth_comp_id 
_struct_site_gen.auth_asym_id 
_struct_site_gen.auth_seq_id 
_struct_site_gen.label_atom_id 
_struct_site_gen.label_alt_id 
_struct_site_gen.symmetry 
_struct_site_gen.details 
1  AC1 4  THR A 26 ? THR A 34  . ? 1_555 ? 
2  AC1 4  ADP C .  ? ADP A 301 . ? 1_555 ? 
3  AC1 4  HOH D .  ? HOH A 402 . ? 1_555 ? 
4  AC1 4  HOH D .  ? HOH A 408 . ? 1_555 ? 
5  AC2 23 VAL A 11 ? VAL A 19  . ? 1_555 ? 
6  AC2 23 GLY A 14 ? GLY A 22  . ? 1_555 ? 
7  AC2 23 GLY A 18 ? GLY A 26  . ? 1_555 ? 
8  AC2 23 SER A 19 ? SER A 27  . ? 1_555 ? 
9  AC2 23 LYS A 20 ? LYS A 28  . ? 1_555 ? 
10 AC2 23 PRO A 25 ? PRO A 33  . ? 1_555 ? 
11 AC2 23 THR A 26 ? THR A 34  . ? 1_555 ? 
12 AC2 23 ASN A 28 ? ASN A 36  . ? 1_555 ? 
13 AC2 23 THR A 79 ? THR A 87  . ? 1_555 ? 
14 AC2 23 ILE A 81 ? ILE A 89  . ? 1_555 ? 
15 AC2 23 HIS A 83 ? HIS A 91  . ? 1_555 ? 
16 AC2 23 PHE A 85 ? PHE A 93  . ? 1_555 ? 
17 AC2 23 ASP A 88 ? ASP A 96  . ? 1_555 ? 
18 AC2 23 PHE A 89 ? PHE A 97  . ? 1_555 ? 
19 AC2 23 TYR A 90 ? TYR A 98  . ? 1_555 ? 
20 AC2 23 MG  B .  ? MG  A 201 . ? 1_555 ? 
21 AC2 23 HOH D .  ? HOH A 401 . ? 1_555 ? 
22 AC2 23 HOH D .  ? HOH A 402 . ? 1_555 ? 
23 AC2 23 HOH D .  ? HOH A 406 . ? 1_555 ? 
24 AC2 23 HOH D .  ? HOH A 408 . ? 1_555 ? 
25 AC2 23 HOH D .  ? HOH A 422 . ? 1_555 ? 
26 AC2 23 HOH D .  ? HOH A 426 . ? 1_555 ? 
27 AC2 23 HOH D .  ? HOH A 452 . ? 2_655 ? 
# 
_pdbx_validate_rmsd_angle.id                         1 
_pdbx_validate_rmsd_angle.PDB_model_num              1 
_pdbx_validate_rmsd_angle.auth_atom_id_1             CB 
_pdbx_validate_rmsd_angle.auth_asym_id_1             A 
_pdbx_validate_rmsd_angle.auth_comp_id_1             ASP 
_pdbx_validate_rmsd_angle.auth_seq_id_1              148 
_pdbx_validate_rmsd_angle.PDB_ins_code_1             ? 
_pdbx_validate_rmsd_angle.label_alt_id_1             ? 
_pdbx_validate_rmsd_angle.auth_atom_id_2             CG 
_pdbx_validate_rmsd_angle.auth_asym_id_2             A 
_pdbx_validate_rmsd_angle.auth_comp_id_2             ASP 
_pdbx_validate_rmsd_angle.auth_seq_id_2              148 
_pdbx_validate_rmsd_angle.PDB_ins_code_2             ? 
_pdbx_validate_rmsd_angle.label_alt_id_2             ? 
_pdbx_validate_rmsd_angle.auth_atom_id_3             OD2 
_pdbx_validate_rmsd_angle.auth_asym_id_3             A 
_pdbx_validate_rmsd_angle.auth_comp_id_3             ASP 
_pdbx_validate_rmsd_angle.auth_seq_id_3              148 
_pdbx_validate_rmsd_angle.PDB_ins_code_3             ? 
_pdbx_validate_rmsd_angle.label_alt_id_3             ? 
_pdbx_validate_rmsd_angle.angle_value                123.99 
_pdbx_validate_rmsd_angle.angle_target_value         118.30 
_pdbx_validate_rmsd_angle.angle_deviation            5.69 
_pdbx_validate_rmsd_angle.angle_standard_deviation   0.90 
_pdbx_validate_rmsd_angle.linker_flag                N 
# 
_pdbx_validate_torsion.id              1 
_pdbx_validate_torsion.PDB_model_num   1 
_pdbx_validate_torsion.auth_comp_id    ASN 
_pdbx_validate_torsion.auth_asym_id    A 
_pdbx_validate_torsion.auth_seq_id     80 
_pdbx_validate_torsion.PDB_ins_code    ? 
_pdbx_validate_torsion.label_alt_id    ? 
_pdbx_validate_torsion.phi             67.08 
_pdbx_validate_torsion.psi             175.34 
# 
_pdbx_refine_tls.id               1 
_pdbx_refine_tls.details          ? 
_pdbx_refine_tls.method           refined 
_pdbx_refine_tls.origin_x         -0.0002 
_pdbx_refine_tls.origin_y         -0.1066 
_pdbx_refine_tls.origin_z         -0.0500 
_pdbx_refine_tls.T[1][1]          0.1000 
_pdbx_refine_tls.T[2][2]          0.1439 
_pdbx_refine_tls.T[3][3]          0.1101 
_pdbx_refine_tls.T[1][2]          0.0040 
_pdbx_refine_tls.T[1][3]          -0.0140 
_pdbx_refine_tls.T[2][3]          -0.0469 
_pdbx_refine_tls.L[1][1]          1.7693 
_pdbx_refine_tls.L[2][2]          1.2480 
_pdbx_refine_tls.L[3][3]          1.7878 
_pdbx_refine_tls.L[1][2]          -0.6981 
_pdbx_refine_tls.L[1][3]          0.7515 
_pdbx_refine_tls.L[2][3]          -0.1870 
_pdbx_refine_tls.S[1][1]          0.0377 
_pdbx_refine_tls.S[1][2]          0.0886 
_pdbx_refine_tls.S[1][3]          -0.0237 
_pdbx_refine_tls.S[2][1]          -0.0087 
_pdbx_refine_tls.S[2][2]          0.0273 
_pdbx_refine_tls.S[2][3]          -0.0034 
_pdbx_refine_tls.S[3][1]          0.0024 
_pdbx_refine_tls.S[3][2]          0.0506 
_pdbx_refine_tls.S[3][3]          -0.0650 
_pdbx_refine_tls.pdbx_refine_id   'X-RAY DIFFRACTION' 
# 
_pdbx_refine_tls_group.id                  1 
_pdbx_refine_tls_group.refine_tls_id       1 
_pdbx_refine_tls_group.beg_label_asym_id   A 
_pdbx_refine_tls_group.beg_label_seq_id    1 
_pdbx_refine_tls_group.beg_auth_seq_id     9 
_pdbx_refine_tls_group.end_label_asym_id   A 
_pdbx_refine_tls_group.end_label_seq_id    147 
_pdbx_refine_tls_group.end_auth_seq_id     155 
_pdbx_refine_tls_group.selection           ? 
_pdbx_refine_tls_group.beg_auth_asym_id    A 
_pdbx_refine_tls_group.end_auth_asym_id    A 
_pdbx_refine_tls_group.pdbx_refine_id      'X-RAY DIFFRACTION' 
_pdbx_refine_tls_group.selection_details   ? 
# 
loop_
_chem_comp_atom.comp_id 
_chem_comp_atom.atom_id 
_chem_comp_atom.type_symbol 
_chem_comp_atom.pdbx_aromatic_flag 
_chem_comp_atom.pdbx_stereo_config 
_chem_comp_atom.pdbx_ordinal 
ADP PB     P  N N 1   
ADP O1B    O  N N 2   
ADP O2B    O  N N 3   
ADP O3B    O  N N 4   
ADP PA     P  N S 5   
ADP O1A    O  N N 6   
ADP O2A    O  N N 7   
ADP O3A    O  N N 8   
ADP "O5'"  O  N N 9   
ADP "C5'"  C  N N 10  
ADP "C4'"  C  N R 11  
ADP "O4'"  O  N N 12  
ADP "C3'"  C  N S 13  
ADP "O3'"  O  N N 14  
ADP "C2'"  C  N R 15  
ADP "O2'"  O  N N 16  
ADP "C1'"  C  N R 17  
ADP N9     N  Y N 18  
ADP C8     C  Y N 19  
ADP N7     N  Y N 20  
ADP C5     C  Y N 21  
ADP C6     C  Y N 22  
ADP N6     N  N N 23  
ADP N1     N  Y N 24  
ADP C2     C  Y N 25  
ADP N3     N  Y N 26  
ADP C4     C  Y N 27  
ADP HOB2   H  N N 28  
ADP HOB3   H  N N 29  
ADP HOA2   H  N N 30  
ADP "H5'1" H  N N 31  
ADP "H5'2" H  N N 32  
ADP "H4'"  H  N N 33  
ADP "H3'"  H  N N 34  
ADP "HO3'" H  N N 35  
ADP "H2'"  H  N N 36  
ADP "HO2'" H  N N 37  
ADP "H1'"  H  N N 38  
ADP H8     H  N N 39  
ADP HN61   H  N N 40  
ADP HN62   H  N N 41  
ADP H2     H  N N 42  
ALA N      N  N N 43  
ALA CA     C  N S 44  
ALA C      C  N N 45  
ALA O      O  N N 46  
ALA CB     C  N N 47  
ALA OXT    O  N N 48  
ALA H      H  N N 49  
ALA H2     H  N N 50  
ALA HA     H  N N 51  
ALA HB1    H  N N 52  
ALA HB2    H  N N 53  
ALA HB3    H  N N 54  
ALA HXT    H  N N 55  
ARG N      N  N N 56  
ARG CA     C  N S 57  
ARG C      C  N N 58  
ARG O      O  N N 59  
ARG CB     C  N N 60  
ARG CG     C  N N 61  
ARG CD     C  N N 62  
ARG NE     N  N N 63  
ARG CZ     C  N N 64  
ARG NH1    N  N N 65  
ARG NH2    N  N N 66  
ARG OXT    O  N N 67  
ARG H      H  N N 68  
ARG H2     H  N N 69  
ARG HA     H  N N 70  
ARG HB2    H  N N 71  
ARG HB3    H  N N 72  
ARG HG2    H  N N 73  
ARG HG3    H  N N 74  
ARG HD2    H  N N 75  
ARG HD3    H  N N 76  
ARG HE     H  N N 77  
ARG HH11   H  N N 78  
ARG HH12   H  N N 79  
ARG HH21   H  N N 80  
ARG HH22   H  N N 81  
ARG HXT    H  N N 82  
ASN N      N  N N 83  
ASN CA     C  N S 84  
ASN C      C  N N 85  
ASN O      O  N N 86  
ASN CB     C  N N 87  
ASN CG     C  N N 88  
ASN OD1    O  N N 89  
ASN ND2    N  N N 90  
ASN OXT    O  N N 91  
ASN H      H  N N 92  
ASN H2     H  N N 93  
ASN HA     H  N N 94  
ASN HB2    H  N N 95  
ASN HB3    H  N N 96  
ASN HD21   H  N N 97  
ASN HD22   H  N N 98  
ASN HXT    H  N N 99  
ASP N      N  N N 100 
ASP CA     C  N S 101 
ASP C      C  N N 102 
ASP O      O  N N 103 
ASP CB     C  N N 104 
ASP CG     C  N N 105 
ASP OD1    O  N N 106 
ASP OD2    O  N N 107 
ASP OXT    O  N N 108 
ASP H      H  N N 109 
ASP H2     H  N N 110 
ASP HA     H  N N 111 
ASP HB2    H  N N 112 
ASP HB3    H  N N 113 
ASP HD2    H  N N 114 
ASP HXT    H  N N 115 
CYS N      N  N N 116 
CYS CA     C  N R 117 
CYS C      C  N N 118 
CYS O      O  N N 119 
CYS CB     C  N N 120 
CYS SG     S  N N 121 
CYS OXT    O  N N 122 
CYS H      H  N N 123 
CYS H2     H  N N 124 
CYS HA     H  N N 125 
CYS HB2    H  N N 126 
CYS HB3    H  N N 127 
CYS HG     H  N N 128 
CYS HXT    H  N N 129 
GLN N      N  N N 130 
GLN CA     C  N S 131 
GLN C      C  N N 132 
GLN O      O  N N 133 
GLN CB     C  N N 134 
GLN CG     C  N N 135 
GLN CD     C  N N 136 
GLN OE1    O  N N 137 
GLN NE2    N  N N 138 
GLN OXT    O  N N 139 
GLN H      H  N N 140 
GLN H2     H  N N 141 
GLN HA     H  N N 142 
GLN HB2    H  N N 143 
GLN HB3    H  N N 144 
GLN HG2    H  N N 145 
GLN HG3    H  N N 146 
GLN HE21   H  N N 147 
GLN HE22   H  N N 148 
GLN HXT    H  N N 149 
GLU N      N  N N 150 
GLU CA     C  N S 151 
GLU C      C  N N 152 
GLU O      O  N N 153 
GLU CB     C  N N 154 
GLU CG     C  N N 155 
GLU CD     C  N N 156 
GLU OE1    O  N N 157 
GLU OE2    O  N N 158 
GLU OXT    O  N N 159 
GLU H      H  N N 160 
GLU H2     H  N N 161 
GLU HA     H  N N 162 
GLU HB2    H  N N 163 
GLU HB3    H  N N 164 
GLU HG2    H  N N 165 
GLU HG3    H  N N 166 
GLU HE2    H  N N 167 
GLU HXT    H  N N 168 
GLY N      N  N N 169 
GLY CA     C  N N 170 
GLY C      C  N N 171 
GLY O      O  N N 172 
GLY OXT    O  N N 173 
GLY H      H  N N 174 
GLY H2     H  N N 175 
GLY HA2    H  N N 176 
GLY HA3    H  N N 177 
GLY HXT    H  N N 178 
HIS N      N  N N 179 
HIS CA     C  N S 180 
HIS C      C  N N 181 
HIS O      O  N N 182 
HIS CB     C  N N 183 
HIS CG     C  Y N 184 
HIS ND1    N  Y N 185 
HIS CD2    C  Y N 186 
HIS CE1    C  Y N 187 
HIS NE2    N  Y N 188 
HIS OXT    O  N N 189 
HIS H      H  N N 190 
HIS H2     H  N N 191 
HIS HA     H  N N 192 
HIS HB2    H  N N 193 
HIS HB3    H  N N 194 
HIS HD1    H  N N 195 
HIS HD2    H  N N 196 
HIS HE1    H  N N 197 
HIS HE2    H  N N 198 
HIS HXT    H  N N 199 
HOH O      O  N N 200 
HOH H1     H  N N 201 
HOH H2     H  N N 202 
ILE N      N  N N 203 
ILE CA     C  N S 204 
ILE C      C  N N 205 
ILE O      O  N N 206 
ILE CB     C  N S 207 
ILE CG1    C  N N 208 
ILE CG2    C  N N 209 
ILE CD1    C  N N 210 
ILE OXT    O  N N 211 
ILE H      H  N N 212 
ILE H2     H  N N 213 
ILE HA     H  N N 214 
ILE HB     H  N N 215 
ILE HG12   H  N N 216 
ILE HG13   H  N N 217 
ILE HG21   H  N N 218 
ILE HG22   H  N N 219 
ILE HG23   H  N N 220 
ILE HD11   H  N N 221 
ILE HD12   H  N N 222 
ILE HD13   H  N N 223 
ILE HXT    H  N N 224 
LEU N      N  N N 225 
LEU CA     C  N S 226 
LEU C      C  N N 227 
LEU O      O  N N 228 
LEU CB     C  N N 229 
LEU CG     C  N N 230 
LEU CD1    C  N N 231 
LEU CD2    C  N N 232 
LEU OXT    O  N N 233 
LEU H      H  N N 234 
LEU H2     H  N N 235 
LEU HA     H  N N 236 
LEU HB2    H  N N 237 
LEU HB3    H  N N 238 
LEU HG     H  N N 239 
LEU HD11   H  N N 240 
LEU HD12   H  N N 241 
LEU HD13   H  N N 242 
LEU HD21   H  N N 243 
LEU HD22   H  N N 244 
LEU HD23   H  N N 245 
LEU HXT    H  N N 246 
LYS N      N  N N 247 
LYS CA     C  N S 248 
LYS C      C  N N 249 
LYS O      O  N N 250 
LYS CB     C  N N 251 
LYS CG     C  N N 252 
LYS CD     C  N N 253 
LYS CE     C  N N 254 
LYS NZ     N  N N 255 
LYS OXT    O  N N 256 
LYS H      H  N N 257 
LYS H2     H  N N 258 
LYS HA     H  N N 259 
LYS HB2    H  N N 260 
LYS HB3    H  N N 261 
LYS HG2    H  N N 262 
LYS HG3    H  N N 263 
LYS HD2    H  N N 264 
LYS HD3    H  N N 265 
LYS HE2    H  N N 266 
LYS HE3    H  N N 267 
LYS HZ1    H  N N 268 
LYS HZ2    H  N N 269 
LYS HZ3    H  N N 270 
LYS HXT    H  N N 271 
MET N      N  N N 272 
MET CA     C  N S 273 
MET C      C  N N 274 
MET O      O  N N 275 
MET CB     C  N N 276 
MET CG     C  N N 277 
MET SD     S  N N 278 
MET CE     C  N N 279 
MET OXT    O  N N 280 
MET H      H  N N 281 
MET H2     H  N N 282 
MET HA     H  N N 283 
MET HB2    H  N N 284 
MET HB3    H  N N 285 
MET HG2    H  N N 286 
MET HG3    H  N N 287 
MET HE1    H  N N 288 
MET HE2    H  N N 289 
MET HE3    H  N N 290 
MET HXT    H  N N 291 
MG  MG     MG N N 292 
PHE N      N  N N 293 
PHE CA     C  N S 294 
PHE C      C  N N 295 
PHE O      O  N N 296 
PHE CB     C  N N 297 
PHE CG     C  Y N 298 
PHE CD1    C  Y N 299 
PHE CD2    C  Y N 300 
PHE CE1    C  Y N 301 
PHE CE2    C  Y N 302 
PHE CZ     C  Y N 303 
PHE OXT    O  N N 304 
PHE H      H  N N 305 
PHE H2     H  N N 306 
PHE HA     H  N N 307 
PHE HB2    H  N N 308 
PHE HB3    H  N N 309 
PHE HD1    H  N N 310 
PHE HD2    H  N N 311 
PHE HE1    H  N N 312 
PHE HE2    H  N N 313 
PHE HZ     H  N N 314 
PHE HXT    H  N N 315 
PRO N      N  N N 316 
PRO CA     C  N S 317 
PRO C      C  N N 318 
PRO O      O  N N 319 
PRO CB     C  N N 320 
PRO CG     C  N N 321 
PRO CD     C  N N 322 
PRO OXT    O  N N 323 
PRO H      H  N N 324 
PRO HA     H  N N 325 
PRO HB2    H  N N 326 
PRO HB3    H  N N 327 
PRO HG2    H  N N 328 
PRO HG3    H  N N 329 
PRO HD2    H  N N 330 
PRO HD3    H  N N 331 
PRO HXT    H  N N 332 
SER N      N  N N 333 
SER CA     C  N S 334 
SER C      C  N N 335 
SER O      O  N N 336 
SER CB     C  N N 337 
SER OG     O  N N 338 
SER OXT    O  N N 339 
SER H      H  N N 340 
SER H2     H  N N 341 
SER HA     H  N N 342 
SER HB2    H  N N 343 
SER HB3    H  N N 344 
SER HG     H  N N 345 
SER HXT    H  N N 346 
THR N      N  N N 347 
THR CA     C  N S 348 
THR C      C  N N 349 
THR O      O  N N 350 
THR CB     C  N R 351 
THR OG1    O  N N 352 
THR CG2    C  N N 353 
THR OXT    O  N N 354 
THR H      H  N N 355 
THR H2     H  N N 356 
THR HA     H  N N 357 
THR HB     H  N N 358 
THR HG1    H  N N 359 
THR HG21   H  N N 360 
THR HG22   H  N N 361 
THR HG23   H  N N 362 
THR HXT    H  N N 363 
TRP N      N  N N 364 
TRP CA     C  N S 365 
TRP C      C  N N 366 
TRP O      O  N N 367 
TRP CB     C  N N 368 
TRP CG     C  Y N 369 
TRP CD1    C  Y N 370 
TRP CD2    C  Y N 371 
TRP NE1    N  Y N 372 
TRP CE2    C  Y N 373 
TRP CE3    C  Y N 374 
TRP CZ2    C  Y N 375 
TRP CZ3    C  Y N 376 
TRP CH2    C  Y N 377 
TRP OXT    O  N N 378 
TRP H      H  N N 379 
TRP H2     H  N N 380 
TRP HA     H  N N 381 
TRP HB2    H  N N 382 
TRP HB3    H  N N 383 
TRP HD1    H  N N 384 
TRP HE1    H  N N 385 
TRP HE3    H  N N 386 
TRP HZ2    H  N N 387 
TRP HZ3    H  N N 388 
TRP HH2    H  N N 389 
TRP HXT    H  N N 390 
TYR N      N  N N 391 
TYR CA     C  N S 392 
TYR C      C  N N 393 
TYR O      O  N N 394 
TYR CB     C  N N 395 
TYR CG     C  Y N 396 
TYR CD1    C  Y N 397 
TYR CD2    C  Y N 398 
TYR CE1    C  Y N 399 
TYR CE2    C  Y N 400 
TYR CZ     C  Y N 401 
TYR OH     O  N N 402 
TYR OXT    O  N N 403 
TYR H      H  N N 404 
TYR H2     H  N N 405 
TYR HA     H  N N 406 
TYR HB2    H  N N 407 
TYR HB3    H  N N 408 
TYR HD1    H  N N 409 
TYR HD2    H  N N 410 
TYR HE1    H  N N 411 
TYR HE2    H  N N 412 
TYR HH     H  N N 413 
TYR HXT    H  N N 414 
VAL N      N  N N 415 
VAL CA     C  N S 416 
VAL C      C  N N 417 
VAL O      O  N N 418 
VAL CB     C  N N 419 
VAL CG1    C  N N 420 
VAL CG2    C  N N 421 
VAL OXT    O  N N 422 
VAL H      H  N N 423 
VAL H2     H  N N 424 
VAL HA     H  N N 425 
VAL HB     H  N N 426 
VAL HG11   H  N N 427 
VAL HG12   H  N N 428 
VAL HG13   H  N N 429 
VAL HG21   H  N N 430 
VAL HG22   H  N N 431 
VAL HG23   H  N N 432 
VAL HXT    H  N N 433 
# 
loop_
_chem_comp_bond.comp_id 
_chem_comp_bond.atom_id_1 
_chem_comp_bond.atom_id_2 
_chem_comp_bond.value_order 
_chem_comp_bond.pdbx_aromatic_flag 
_chem_comp_bond.pdbx_stereo_config 
_chem_comp_bond.pdbx_ordinal 
ADP PB    O1B    doub N N 1   
ADP PB    O2B    sing N N 2   
ADP PB    O3B    sing N N 3   
ADP PB    O3A    sing N N 4   
ADP O2B   HOB2   sing N N 5   
ADP O3B   HOB3   sing N N 6   
ADP PA    O1A    doub N N 7   
ADP PA    O2A    sing N N 8   
ADP PA    O3A    sing N N 9   
ADP PA    "O5'"  sing N N 10  
ADP O2A   HOA2   sing N N 11  
ADP "O5'" "C5'"  sing N N 12  
ADP "C5'" "C4'"  sing N N 13  
ADP "C5'" "H5'1" sing N N 14  
ADP "C5'" "H5'2" sing N N 15  
ADP "C4'" "O4'"  sing N N 16  
ADP "C4'" "C3'"  sing N N 17  
ADP "C4'" "H4'"  sing N N 18  
ADP "O4'" "C1'"  sing N N 19  
ADP "C3'" "O3'"  sing N N 20  
ADP "C3'" "C2'"  sing N N 21  
ADP "C3'" "H3'"  sing N N 22  
ADP "O3'" "HO3'" sing N N 23  
ADP "C2'" "O2'"  sing N N 24  
ADP "C2'" "C1'"  sing N N 25  
ADP "C2'" "H2'"  sing N N 26  
ADP "O2'" "HO2'" sing N N 27  
ADP "C1'" N9     sing N N 28  
ADP "C1'" "H1'"  sing N N 29  
ADP N9    C8     sing Y N 30  
ADP N9    C4     sing Y N 31  
ADP C8    N7     doub Y N 32  
ADP C8    H8     sing N N 33  
ADP N7    C5     sing Y N 34  
ADP C5    C6     sing Y N 35  
ADP C5    C4     doub Y N 36  
ADP C6    N6     sing N N 37  
ADP C6    N1     doub Y N 38  
ADP N6    HN61   sing N N 39  
ADP N6    HN62   sing N N 40  
ADP N1    C2     sing Y N 41  
ADP C2    N3     doub Y N 42  
ADP C2    H2     sing N N 43  
ADP N3    C4     sing Y N 44  
ALA N     CA     sing N N 45  
ALA N     H      sing N N 46  
ALA N     H2     sing N N 47  
ALA CA    C      sing N N 48  
ALA CA    CB     sing N N 49  
ALA CA    HA     sing N N 50  
ALA C     O      doub N N 51  
ALA C     OXT    sing N N 52  
ALA CB    HB1    sing N N 53  
ALA CB    HB2    sing N N 54  
ALA CB    HB3    sing N N 55  
ALA OXT   HXT    sing N N 56  
ARG N     CA     sing N N 57  
ARG N     H      sing N N 58  
ARG N     H2     sing N N 59  
ARG CA    C      sing N N 60  
ARG CA    CB     sing N N 61  
ARG CA    HA     sing N N 62  
ARG C     O      doub N N 63  
ARG C     OXT    sing N N 64  
ARG CB    CG     sing N N 65  
ARG CB    HB2    sing N N 66  
ARG CB    HB3    sing N N 67  
ARG CG    CD     sing N N 68  
ARG CG    HG2    sing N N 69  
ARG CG    HG3    sing N N 70  
ARG CD    NE     sing N N 71  
ARG CD    HD2    sing N N 72  
ARG CD    HD3    sing N N 73  
ARG NE    CZ     sing N N 74  
ARG NE    HE     sing N N 75  
ARG CZ    NH1    sing N N 76  
ARG CZ    NH2    doub N N 77  
ARG NH1   HH11   sing N N 78  
ARG NH1   HH12   sing N N 79  
ARG NH2   HH21   sing N N 80  
ARG NH2   HH22   sing N N 81  
ARG OXT   HXT    sing N N 82  
ASN N     CA     sing N N 83  
ASN N     H      sing N N 84  
ASN N     H2     sing N N 85  
ASN CA    C      sing N N 86  
ASN CA    CB     sing N N 87  
ASN CA    HA     sing N N 88  
ASN C     O      doub N N 89  
ASN C     OXT    sing N N 90  
ASN CB    CG     sing N N 91  
ASN CB    HB2    sing N N 92  
ASN CB    HB3    sing N N 93  
ASN CG    OD1    doub N N 94  
ASN CG    ND2    sing N N 95  
ASN ND2   HD21   sing N N 96  
ASN ND2   HD22   sing N N 97  
ASN OXT   HXT    sing N N 98  
ASP N     CA     sing N N 99  
ASP N     H      sing N N 100 
ASP N     H2     sing N N 101 
ASP CA    C      sing N N 102 
ASP CA    CB     sing N N 103 
ASP CA    HA     sing N N 104 
ASP C     O      doub N N 105 
ASP C     OXT    sing N N 106 
ASP CB    CG     sing N N 107 
ASP CB    HB2    sing N N 108 
ASP CB    HB3    sing N N 109 
ASP CG    OD1    doub N N 110 
ASP CG    OD2    sing N N 111 
ASP OD2   HD2    sing N N 112 
ASP OXT   HXT    sing N N 113 
CYS N     CA     sing N N 114 
CYS N     H      sing N N 115 
CYS N     H2     sing N N 116 
CYS CA    C      sing N N 117 
CYS CA    CB     sing N N 118 
CYS CA    HA     sing N N 119 
CYS C     O      doub N N 120 
CYS C     OXT    sing N N 121 
CYS CB    SG     sing N N 122 
CYS CB    HB2    sing N N 123 
CYS CB    HB3    sing N N 124 
CYS SG    HG     sing N N 125 
CYS OXT   HXT    sing N N 126 
GLN N     CA     sing N N 127 
GLN N     H      sing N N 128 
GLN N     H2     sing N N 129 
GLN CA    C      sing N N 130 
GLN CA    CB     sing N N 131 
GLN CA    HA     sing N N 132 
GLN C     O      doub N N 133 
GLN C     OXT    sing N N 134 
GLN CB    CG     sing N N 135 
GLN CB    HB2    sing N N 136 
GLN CB    HB3    sing N N 137 
GLN CG    CD     sing N N 138 
GLN CG    HG2    sing N N 139 
GLN CG    HG3    sing N N 140 
GLN CD    OE1    doub N N 141 
GLN CD    NE2    sing N N 142 
GLN NE2   HE21   sing N N 143 
GLN NE2   HE22   sing N N 144 
GLN OXT   HXT    sing N N 145 
GLU N     CA     sing N N 146 
GLU N     H      sing N N 147 
GLU N     H2     sing N N 148 
GLU CA    C      sing N N 149 
GLU CA    CB     sing N N 150 
GLU CA    HA     sing N N 151 
GLU C     O      doub N N 152 
GLU C     OXT    sing N N 153 
GLU CB    CG     sing N N 154 
GLU CB    HB2    sing N N 155 
GLU CB    HB3    sing N N 156 
GLU CG    CD     sing N N 157 
GLU CG    HG2    sing N N 158 
GLU CG    HG3    sing N N 159 
GLU CD    OE1    doub N N 160 
GLU CD    OE2    sing N N 161 
GLU OE2   HE2    sing N N 162 
GLU OXT   HXT    sing N N 163 
GLY N     CA     sing N N 164 
GLY N     H      sing N N 165 
GLY N     H2     sing N N 166 
GLY CA    C      sing N N 167 
GLY CA    HA2    sing N N 168 
GLY CA    HA3    sing N N 169 
GLY C     O      doub N N 170 
GLY C     OXT    sing N N 171 
GLY OXT   HXT    sing N N 172 
HIS N     CA     sing N N 173 
HIS N     H      sing N N 174 
HIS N     H2     sing N N 175 
HIS CA    C      sing N N 176 
HIS CA    CB     sing N N 177 
HIS CA    HA     sing N N 178 
HIS C     O      doub N N 179 
HIS C     OXT    sing N N 180 
HIS CB    CG     sing N N 181 
HIS CB    HB2    sing N N 182 
HIS CB    HB3    sing N N 183 
HIS CG    ND1    sing Y N 184 
HIS CG    CD2    doub Y N 185 
HIS ND1   CE1    doub Y N 186 
HIS ND1   HD1    sing N N 187 
HIS CD2   NE2    sing Y N 188 
HIS CD2   HD2    sing N N 189 
HIS CE1   NE2    sing Y N 190 
HIS CE1   HE1    sing N N 191 
HIS NE2   HE2    sing N N 192 
HIS OXT   HXT    sing N N 193 
HOH O     H1     sing N N 194 
HOH O     H2     sing N N 195 
ILE N     CA     sing N N 196 
ILE N     H      sing N N 197 
ILE N     H2     sing N N 198 
ILE CA    C      sing N N 199 
ILE CA    CB     sing N N 200 
ILE CA    HA     sing N N 201 
ILE C     O      doub N N 202 
ILE C     OXT    sing N N 203 
ILE CB    CG1    sing N N 204 
ILE CB    CG2    sing N N 205 
ILE CB    HB     sing N N 206 
ILE CG1   CD1    sing N N 207 
ILE CG1   HG12   sing N N 208 
ILE CG1   HG13   sing N N 209 
ILE CG2   HG21   sing N N 210 
ILE CG2   HG22   sing N N 211 
ILE CG2   HG23   sing N N 212 
ILE CD1   HD11   sing N N 213 
ILE CD1   HD12   sing N N 214 
ILE CD1   HD13   sing N N 215 
ILE OXT   HXT    sing N N 216 
LEU N     CA     sing N N 217 
LEU N     H      sing N N 218 
LEU N     H2     sing N N 219 
LEU CA    C      sing N N 220 
LEU CA    CB     sing N N 221 
LEU CA    HA     sing N N 222 
LEU C     O      doub N N 223 
LEU C     OXT    sing N N 224 
LEU CB    CG     sing N N 225 
LEU CB    HB2    sing N N 226 
LEU CB    HB3    sing N N 227 
LEU CG    CD1    sing N N 228 
LEU CG    CD2    sing N N 229 
LEU CG    HG     sing N N 230 
LEU CD1   HD11   sing N N 231 
LEU CD1   HD12   sing N N 232 
LEU CD1   HD13   sing N N 233 
LEU CD2   HD21   sing N N 234 
LEU CD2   HD22   sing N N 235 
LEU CD2   HD23   sing N N 236 
LEU OXT   HXT    sing N N 237 
LYS N     CA     sing N N 238 
LYS N     H      sing N N 239 
LYS N     H2     sing N N 240 
LYS CA    C      sing N N 241 
LYS CA    CB     sing N N 242 
LYS CA    HA     sing N N 243 
LYS C     O      doub N N 244 
LYS C     OXT    sing N N 245 
LYS CB    CG     sing N N 246 
LYS CB    HB2    sing N N 247 
LYS CB    HB3    sing N N 248 
LYS CG    CD     sing N N 249 
LYS CG    HG2    sing N N 250 
LYS CG    HG3    sing N N 251 
LYS CD    CE     sing N N 252 
LYS CD    HD2    sing N N 253 
LYS CD    HD3    sing N N 254 
LYS CE    NZ     sing N N 255 
LYS CE    HE2    sing N N 256 
LYS CE    HE3    sing N N 257 
LYS NZ    HZ1    sing N N 258 
LYS NZ    HZ2    sing N N 259 
LYS NZ    HZ3    sing N N 260 
LYS OXT   HXT    sing N N 261 
MET N     CA     sing N N 262 
MET N     H      sing N N 263 
MET N     H2     sing N N 264 
MET CA    C      sing N N 265 
MET CA    CB     sing N N 266 
MET CA    HA     sing N N 267 
MET C     O      doub N N 268 
MET C     OXT    sing N N 269 
MET CB    CG     sing N N 270 
MET CB    HB2    sing N N 271 
MET CB    HB3    sing N N 272 
MET CG    SD     sing N N 273 
MET CG    HG2    sing N N 274 
MET CG    HG3    sing N N 275 
MET SD    CE     sing N N 276 
MET CE    HE1    sing N N 277 
MET CE    HE2    sing N N 278 
MET CE    HE3    sing N N 279 
MET OXT   HXT    sing N N 280 
PHE N     CA     sing N N 281 
PHE N     H      sing N N 282 
PHE N     H2     sing N N 283 
PHE CA    C      sing N N 284 
PHE CA    CB     sing N N 285 
PHE CA    HA     sing N N 286 
PHE C     O      doub N N 287 
PHE C     OXT    sing N N 288 
PHE CB    CG     sing N N 289 
PHE CB    HB2    sing N N 290 
PHE CB    HB3    sing N N 291 
PHE CG    CD1    doub Y N 292 
PHE CG    CD2    sing Y N 293 
PHE CD1   CE1    sing Y N 294 
PHE CD1   HD1    sing N N 295 
PHE CD2   CE2    doub Y N 296 
PHE CD2   HD2    sing N N 297 
PHE CE1   CZ     doub Y N 298 
PHE CE1   HE1    sing N N 299 
PHE CE2   CZ     sing Y N 300 
PHE CE2   HE2    sing N N 301 
PHE CZ    HZ     sing N N 302 
PHE OXT   HXT    sing N N 303 
PRO N     CA     sing N N 304 
PRO N     CD     sing N N 305 
PRO N     H      sing N N 306 
PRO CA    C      sing N N 307 
PRO CA    CB     sing N N 308 
PRO CA    HA     sing N N 309 
PRO C     O      doub N N 310 
PRO C     OXT    sing N N 311 
PRO CB    CG     sing N N 312 
PRO CB    HB2    sing N N 313 
PRO CB    HB3    sing N N 314 
PRO CG    CD     sing N N 315 
PRO CG    HG2    sing N N 316 
PRO CG    HG3    sing N N 317 
PRO CD    HD2    sing N N 318 
PRO CD    HD3    sing N N 319 
PRO OXT   HXT    sing N N 320 
SER N     CA     sing N N 321 
SER N     H      sing N N 322 
SER N     H2     sing N N 323 
SER CA    C      sing N N 324 
SER CA    CB     sing N N 325 
SER CA    HA     sing N N 326 
SER C     O      doub N N 327 
SER C     OXT    sing N N 328 
SER CB    OG     sing N N 329 
SER CB    HB2    sing N N 330 
SER CB    HB3    sing N N 331 
SER OG    HG     sing N N 332 
SER OXT   HXT    sing N N 333 
THR N     CA     sing N N 334 
THR N     H      sing N N 335 
THR N     H2     sing N N 336 
THR CA    C      sing N N 337 
THR CA    CB     sing N N 338 
THR CA    HA     sing N N 339 
THR C     O      doub N N 340 
THR C     OXT    sing N N 341 
THR CB    OG1    sing N N 342 
THR CB    CG2    sing N N 343 
THR CB    HB     sing N N 344 
THR OG1   HG1    sing N N 345 
THR CG2   HG21   sing N N 346 
THR CG2   HG22   sing N N 347 
THR CG2   HG23   sing N N 348 
THR OXT   HXT    sing N N 349 
TRP N     CA     sing N N 350 
TRP N     H      sing N N 351 
TRP N     H2     sing N N 352 
TRP CA    C      sing N N 353 
TRP CA    CB     sing N N 354 
TRP CA    HA     sing N N 355 
TRP C     O      doub N N 356 
TRP C     OXT    sing N N 357 
TRP CB    CG     sing N N 358 
TRP CB    HB2    sing N N 359 
TRP CB    HB3    sing N N 360 
TRP CG    CD1    doub Y N 361 
TRP CG    CD2    sing Y N 362 
TRP CD1   NE1    sing Y N 363 
TRP CD1   HD1    sing N N 364 
TRP CD2   CE2    doub Y N 365 
TRP CD2   CE3    sing Y N 366 
TRP NE1   CE2    sing Y N 367 
TRP NE1   HE1    sing N N 368 
TRP CE2   CZ2    sing Y N 369 
TRP CE3   CZ3    doub Y N 370 
TRP CE3   HE3    sing N N 371 
TRP CZ2   CH2    doub Y N 372 
TRP CZ2   HZ2    sing N N 373 
TRP CZ3   CH2    sing Y N 374 
TRP CZ3   HZ3    sing N N 375 
TRP CH2   HH2    sing N N 376 
TRP OXT   HXT    sing N N 377 
TYR N     CA     sing N N 378 
TYR N     H      sing N N 379 
TYR N     H2     sing N N 380 
TYR CA    C      sing N N 381 
TYR CA    CB     sing N N 382 
TYR CA    HA     sing N N 383 
TYR C     O      doub N N 384 
TYR C     OXT    sing N N 385 
TYR CB    CG     sing N N 386 
TYR CB    HB2    sing N N 387 
TYR CB    HB3    sing N N 388 
TYR CG    CD1    doub Y N 389 
TYR CG    CD2    sing Y N 390 
TYR CD1   CE1    sing Y N 391 
TYR CD1   HD1    sing N N 392 
TYR CD2   CE2    doub Y N 393 
TYR CD2   HD2    sing N N 394 
TYR CE1   CZ     doub Y N 395 
TYR CE1   HE1    sing N N 396 
TYR CE2   CZ     sing Y N 397 
TYR CE2   HE2    sing N N 398 
TYR CZ    OH     sing N N 399 
TYR OH    HH     sing N N 400 
TYR OXT   HXT    sing N N 401 
VAL N     CA     sing N N 402 
VAL N     H      sing N N 403 
VAL N     H2     sing N N 404 
VAL CA    C      sing N N 405 
VAL CA    CB     sing N N 406 
VAL CA    HA     sing N N 407 
VAL C     O      doub N N 408 
VAL C     OXT    sing N N 409 
VAL CB    CG1    sing N N 410 
VAL CB    CG2    sing N N 411 
VAL CB    HB     sing N N 412 
VAL CG1   HG11   sing N N 413 
VAL CG1   HG12   sing N N 414 
VAL CG1   HG13   sing N N 415 
VAL CG2   HG21   sing N N 416 
VAL CG2   HG22   sing N N 417 
VAL CG2   HG23   sing N N 418 
VAL OXT   HXT    sing N N 419 
# 
_atom_sites.entry_id                    1NB0 
_atom_sites.fract_transf_matrix[1][1]   0.00816180 
_atom_sites.fract_transf_matrix[1][2]   0.01695477 
_atom_sites.fract_transf_matrix[1][3]   -0.00741037 
_atom_sites.fract_transf_matrix[2][1]   -0.01174377 
_atom_sites.fract_transf_matrix[2][2]   0.01597809 
_atom_sites.fract_transf_matrix[2][3]   -0.00397425 
_atom_sites.fract_transf_matrix[3][1]   0.00174582 
_atom_sites.fract_transf_matrix[3][2]   0.00408774 
_atom_sites.fract_transf_matrix[3][3]   0.01127550 
_atom_sites.fract_transf_vector[1]      0.486408 
_atom_sites.fract_transf_vector[2]      0.131259 
_atom_sites.fract_transf_vector[3]      0.096530 
# 
loop_
_atom_type.symbol 
C  
MG 
N  
O  
P  
S  
# 
loop_
_atom_site.group_PDB 
_atom_site.id 
_atom_site.type_symbol 
_atom_site.label_atom_id 
_atom_site.label_alt_id 
_atom_site.label_comp_id 
_atom_site.label_asym_id 
_atom_site.label_entity_id 
_atom_site.label_seq_id 
_atom_site.pdbx_PDB_ins_code 
_atom_site.Cartn_x 
_atom_site.Cartn_y 
_atom_site.Cartn_z 
_atom_site.occupancy 
_atom_site.B_iso_or_equiv 
_atom_site.pdbx_formal_charge 
_atom_site.auth_seq_id 
_atom_site.auth_comp_id 
_atom_site.auth_asym_id 
_atom_site.auth_atom_id 
_atom_site.pdbx_PDB_model_num 
ATOM   1    N  N     . ARG A 1 1   ? 8.478   -6.373  -12.937 1.00 27.05 ? 9   ARG A N     1 
ATOM   2    C  CA    . ARG A 1 1   ? 9.860   -6.964  -12.916 1.00 26.61 ? 9   ARG A CA    1 
ATOM   3    C  C     . ARG A 1 1   ? 10.280  -7.491  -11.543 1.00 26.22 ? 9   ARG A C     1 
ATOM   4    O  O     . ARG A 1 1   ? 10.793  -8.620  -11.426 1.00 27.11 ? 9   ARG A O     1 
ATOM   5    N  N     . HIS A 1 2   ? 10.099  -6.677  -10.507 1.00 24.16 ? 10  HIS A N     1 
ATOM   6    C  CA    . HIS A 1 2   ? 10.400  -7.148  -9.164  1.00 22.37 ? 10  HIS A CA    1 
ATOM   7    C  C     . HIS A 1 2   ? 9.122   -7.416  -8.370  1.00 20.29 ? 10  HIS A C     1 
ATOM   8    O  O     . HIS A 1 2   ? 9.126   -7.334  -7.148  1.00 18.62 ? 10  HIS A O     1 
ATOM   9    C  CB    . HIS A 1 2   ? 11.358  -6.210  -8.405  1.00 23.44 ? 10  HIS A CB    1 
ATOM   10   C  CG    . HIS A 1 2   ? 12.810  -6.530  -8.629  1.00 25.47 ? 10  HIS A CG    1 
ATOM   11   N  ND1   . HIS A 1 2   ? 13.544  -5.980  -9.659  1.00 27.63 ? 10  HIS A ND1   1 
ATOM   12   C  CD2   . HIS A 1 2   ? 13.654  -7.365  -7.972  1.00 27.27 ? 10  HIS A CD2   1 
ATOM   13   C  CE1   . HIS A 1 2   ? 14.779  -6.450  -9.620  1.00 28.66 ? 10  HIS A CE1   1 
ATOM   14   N  NE2   . HIS A 1 2   ? 14.871  -7.296  -8.608  1.00 30.02 ? 10  HIS A NE2   1 
ATOM   15   N  N     . LEU A 1 3   ? 8.045   -7.763  -9.089  1.00 16.75 ? 11  LEU A N     1 
ATOM   16   C  CA    . LEU A 1 3   ? 6.820   -8.256  -8.460  1.00 14.36 ? 11  LEU A CA    1 
ATOM   17   C  C     . LEU A 1 3   ? 6.703   -9.783  -8.558  1.00 13.50 ? 11  LEU A C     1 
ATOM   18   O  O     . LEU A 1 3   ? 7.179   -10.364 -9.562  1.00 13.64 ? 11  LEU A O     1 
ATOM   19   C  CB    . LEU A 1 3   ? 5.592   -7.551  -9.067  1.00 13.37 ? 11  LEU A CB    1 
ATOM   20   C  CG    . LEU A 1 3   ? 5.559   -6.005  -9.009  1.00 12.48 ? 11  LEU A CG    1 
ATOM   21   C  CD1   . LEU A 1 3   ? 4.223   -5.489  -9.497  1.00 13.84 ? 11  LEU A CD1   1 
ATOM   22   C  CD2   . LEU A 1 3   ? 5.828   -5.445  -7.607  1.00 12.23 ? 11  LEU A CD2   1 
ATOM   23   N  N     . PRO A 1 4   ? 6.126   -10.460 -7.549  1.00 11.91 ? 12  PRO A N     1 
ATOM   24   C  CA    . PRO A 1 4   ? 5.627   -9.850  -6.306  1.00 10.35 ? 12  PRO A CA    1 
ATOM   25   C  C     . PRO A 1 4   ? 6.742   -9.410  -5.375  1.00 9.41  ? 12  PRO A C     1 
ATOM   26   O  O     . PRO A 1 4   ? 7.815   -10.078 -5.283  1.00 9.20  ? 12  PRO A O     1 
ATOM   27   C  CB    . PRO A 1 4   ? 4.819   -10.988 -5.672  1.00 10.82 ? 12  PRO A CB    1 
ATOM   28   C  CG    . PRO A 1 4   ? 5.507   -12.202 -6.142  1.00 11.13 ? 12  PRO A CG    1 
ATOM   29   C  CD    . PRO A 1 4   ? 5.851   -11.910 -7.581  1.00 12.17 ? 12  PRO A CD    1 
ATOM   30   N  N     . TYR A 1 5   ? 6.509   -8.288  -4.703  1.00 8.19  ? 13  TYR A N     1 
ATOM   31   C  CA    . TYR A 1 5   ? 7.479   -7.743  -3.766  1.00 8.60  ? 13  TYR A CA    1 
ATOM   32   C  C     . TYR A 1 5   ? 6.933   -7.872  -2.350  1.00 8.43  ? 13  TYR A C     1 
ATOM   33   O  O     . TYR A 1 5   ? 5.858   -7.377  -2.046  1.00 9.31  ? 13  TYR A O     1 
ATOM   34   C  CB    . TYR A 1 5   ? 7.711   -6.270  -4.085  1.00 9.82  ? 13  TYR A CB    1 
ATOM   35   C  CG    . TYR A 1 5   ? 8.832   -5.712  -3.271  1.00 10.11 ? 13  TYR A CG    1 
ATOM   36   C  CD1   . TYR A 1 5   ? 10.130  -5.979  -3.625  1.00 11.56 ? 13  TYR A CD1   1 
ATOM   37   C  CD2   . TYR A 1 5   ? 8.584   -4.929  -2.145  1.00 13.19 ? 13  TYR A CD2   1 
ATOM   38   C  CE1   . TYR A 1 5   ? 11.201  -5.490  -2.852  1.00 15.01 ? 13  TYR A CE1   1 
ATOM   39   C  CE2   . TYR A 1 5   ? 9.637   -4.430  -1.373  1.00 14.45 ? 13  TYR A CE2   1 
ATOM   40   C  CZ    . TYR A 1 5   ? 10.931  -4.722  -1.739  1.00 15.22 ? 13  TYR A CZ    1 
ATOM   41   O  OH    . TYR A 1 5   ? 12.005  -4.241  -1.010  1.00 18.61 ? 13  TYR A OH    1 
ATOM   42   N  N     . PHE A 1 6   ? 7.715   -8.476  -1.473  1.00 8.12  ? 14  PHE A N     1 
ATOM   43   C  CA    . PHE A 1 6   ? 7.283   -8.755  -0.120  1.00 8.22  ? 14  PHE A CA    1 
ATOM   44   C  C     . PHE A 1 6   ? 8.081   -7.925  0.844   1.00 8.10  ? 14  PHE A C     1 
ATOM   45   O  O     . PHE A 1 6   ? 9.315   -7.917  0.794   1.00 9.57  ? 14  PHE A O     1 
ATOM   46   C  CB    . PHE A 1 6   ? 7.538   -10.241 0.206   1.00 8.03  ? 14  PHE A CB    1 
ATOM   47   C  CG    . PHE A 1 6   ? 6.706   -11.180 -0.596  1.00 7.34  ? 14  PHE A CG    1 
ATOM   48   C  CD1   . PHE A 1 6   ? 5.459   -11.572 -0.147  1.00 9.13  ? 14  PHE A CD1   1 
ATOM   49   C  CD2   . PHE A 1 6   ? 7.189   -11.709 -1.790  1.00 8.40  ? 14  PHE A CD2   1 
ATOM   50   C  CE1   . PHE A 1 6   ? 4.665   -12.442 -0.870  1.00 8.37  ? 14  PHE A CE1   1 
ATOM   51   C  CE2   . PHE A 1 6   ? 6.404   -12.563 -2.564  1.00 9.13  ? 14  PHE A CE2   1 
ATOM   52   C  CZ    . PHE A 1 6   ? 5.137   -12.967 -2.101  1.00 11.56 ? 14  PHE A CZ    1 
ATOM   53   N  N     . CYS A 1 7   ? 7.392   -7.227  1.727   1.00 7.79  ? 15  CYS A N     1 
ATOM   54   C  CA    . CYS A 1 7   ? 8.089   -6.447  2.763   1.00 7.91  ? 15  CYS A CA    1 
ATOM   55   C  C     . CYS A 1 7   ? 7.264   -6.257  4.016   1.00 7.97  ? 15  CYS A C     1 
ATOM   56   O  O     . CYS A 1 7   ? 6.054   -6.490  4.001   1.00 8.04  ? 15  CYS A O     1 
ATOM   57   C  CB    . CYS A 1 7   ? 8.603   -5.111  2.225   1.00 9.11  ? 15  CYS A CB    1 
ATOM   58   S  SG    . CYS A 1 7   ? 7.276   -4.052  1.706   1.00 13.42 ? 15  CYS A SG    1 
ATOM   59   N  N     . ARG A 1 8   ? 7.914   -5.902  5.125   1.00 7.32  ? 16  ARG A N     1 
ATOM   60   C  CA    . ARG A 1 8   ? 7.223   -5.747  6.392   1.00 8.37  ? 16  ARG A CA    1 
ATOM   61   C  C     . ARG A 1 8   ? 7.811   -4.560  7.095   1.00 8.95  ? 16  ARG A C     1 
ATOM   62   O  O     . ARG A 1 8   ? 9.021   -4.298  6.987   1.00 11.22 ? 16  ARG A O     1 
ATOM   63   C  CB    . ARG A 1 8   ? 7.448   -6.947  7.323   1.00 7.74  ? 16  ARG A CB    1 
ATOM   64   C  CG    . ARG A 1 8   ? 7.381   -8.333  6.697   1.00 8.25  ? 16  ARG A CG    1 
ATOM   65   C  CD    . ARG A 1 8   ? 7.619   -9.398  7.742   1.00 7.10  ? 16  ARG A CD    1 
ATOM   66   N  NE    . ARG A 1 8   ? 7.792   -10.706 7.151   1.00 6.29  ? 16  ARG A NE    1 
ATOM   67   C  CZ    . ARG A 1 8   ? 6.820   -11.600 7.060   1.00 6.90  ? 16  ARG A CZ    1 
ATOM   68   N  NH1   . ARG A 1 8   ? 5.581   -11.281 7.501   1.00 10.03 ? 16  ARG A NH1   1 
ATOM   69   N  NH2   . ARG A 1 8   ? 7.081   -12.797 6.550   1.00 10.18 ? 16  ARG A NH2   1 
ATOM   70   N  N     . GLY A 1 9   ? 6.995   -3.883  7.882   1.00 8.90  ? 17  GLY A N     1 
ATOM   71   C  CA    . GLY A 1 9   ? 7.546   -2.757  8.631   1.00 9.73  ? 17  GLY A CA    1 
ATOM   72   C  C     . GLY A 1 9   ? 6.585   -2.269  9.687   1.00 9.40  ? 17  GLY A C     1 
ATOM   73   O  O     . GLY A 1 9   ? 5.372   -2.553  9.653   1.00 8.93  ? 17  GLY A O     1 
ATOM   74   N  N     . GLN A 1 10  ? 7.137   -1.508  10.634  1.00 9.79  ? 18  GLN A N     1 
ATOM   75   C  CA    . GLN A 1 10  ? 6.334   -0.880  11.682  1.00 9.72  ? 18  GLN A CA    1 
ATOM   76   C  C     . GLN A 1 10  ? 5.467   0.207   11.034  1.00 9.91  ? 18  GLN A C     1 
ATOM   77   O  O     . GLN A 1 10  ? 5.904   0.910   10.110  1.00 11.07 ? 18  GLN A O     1 
ATOM   78   C  CB    . GLN A 1 10  ? 7.260   -0.364  12.822  1.00 10.98 ? 18  GLN A CB    1 
ATOM   79   C  CG    . GLN A 1 10  ? 7.981   -1.612  13.544  1.00 13.69 ? 18  GLN A CG    1 
ATOM   80   C  CD    . GLN A 1 10  ? 8.664   -1.390  14.944  1.00 23.26 ? 18  GLN A CD    1 
ATOM   81   O  OE1   . GLN A 1 10  ? 9.305   -0.369  15.172  1.00 22.81 ? 18  GLN A OE1   1 
ATOM   82   N  NE2   . GLN A 1 10  ? 8.595   -2.428  15.832  1.00 20.24 ? 18  GLN A NE2   1 
ATOM   83   N  N     . VAL A 1 11  ? 4.234   0.330   11.508  1.00 8.63  ? 19  VAL A N     1 
ATOM   84   C  CA    . VAL A 1 11  ? 3.319   1.339   10.950  1.00 8.18  ? 19  VAL A CA    1 
ATOM   85   C  C     . VAL A 1 11  ? 3.561   2.642   11.703  1.00 7.81  ? 19  VAL A C     1 
ATOM   86   O  O     . VAL A 1 11  ? 3.485   2.674   12.926  1.00 8.36  ? 19  VAL A O     1 
ATOM   87   C  CB    . VAL A 1 11  ? 1.865   0.857   11.066  1.00 8.02  ? 19  VAL A CB    1 
ATOM   88   C  CG1   . VAL A 1 11  ? 0.901   2.009   10.698  1.00 8.15  ? 19  VAL A CG1   1 
ATOM   89   C  CG2   . VAL A 1 11  ? 1.647   -0.343  10.157  1.00 8.71  ? 19  VAL A CG2   1 
ATOM   90   N  N     . VAL A 1 12  ? 3.898   3.694   10.958  1.00 7.27  ? 20  VAL A N     1 
ATOM   91   C  CA    . VAL A 1 12  ? 4.352   4.962   11.564  1.00 7.82  ? 20  VAL A CA    1 
ATOM   92   C  C     . VAL A 1 12  ? 3.516   6.129   11.056  1.00 7.68  ? 20  VAL A C     1 
ATOM   93   O  O     . VAL A 1 12  ? 2.887   6.039   10.002  1.00 7.18  ? 20  VAL A O     1 
ATOM   94   C  CB    . VAL A 1 12  ? 5.847   5.232   11.319  1.00 7.33  ? 20  VAL A CB    1 
ATOM   95   C  CG1   . VAL A 1 12  ? 6.677   4.116   11.957  1.00 8.69  ? 20  VAL A CG1   1 
ATOM   96   C  CG2   . VAL A 1 12  ? 6.153   5.386   9.829   1.00 8.23  ? 20  VAL A CG2   1 
ATOM   97   N  N     . ARG A 1 13  ? 3.469   7.195   11.857  1.00 6.81  ? 21  ARG A N     1 
ATOM   98   C  CA    . ARG A 1 13  ? 2.647   8.343   11.493  1.00 8.43  ? 21  ARG A CA    1 
ATOM   99   C  C     . ARG A 1 13  ? 3.283   9.124   10.366  1.00 7.09  ? 21  ARG A C     1 
ATOM   100  O  O     . ARG A 1 13  ? 4.516   9.153   10.236  1.00 8.10  ? 21  ARG A O     1 
ATOM   101  C  CB    . ARG A 1 13  ? 2.464   9.278   12.698  1.00 8.04  ? 21  ARG A CB    1 
ATOM   102  C  CG    . ARG A 1 13  ? 1.390   8.784   13.648  1.00 11.90 ? 21  ARG A CG    1 
ATOM   103  C  CD    . ARG A 1 13  ? 0.891   9.773   14.757  1.00 15.21 ? 21  ARG A CD    1 
ATOM   104  N  NE    A ARG A 1 13  ? -0.336  9.315   15.415  0.50 16.91 ? 21  ARG A NE    1 
ATOM   105  N  NE    B ARG A 1 13  ? -0.085  9.047   15.581  0.50 15.66 ? 21  ARG A NE    1 
ATOM   106  C  CZ    A ARG A 1 13  ? -1.573  9.603   15.033  0.50 16.43 ? 21  ARG A CZ    1 
ATOM   107  C  CZ    B ARG A 1 13  ? 0.216   8.205   16.578  0.50 12.49 ? 21  ARG A CZ    1 
ATOM   108  N  NH1   A ARG A 1 13  ? -1.805  10.376  13.977  0.30 15.22 ? 21  ARG A NH1   1 
ATOM   109  N  NH1   B ARG A 1 13  ? -0.759  7.574   17.210  0.30 10.41 ? 21  ARG A NH1   1 
ATOM   110  N  NH2   A ARG A 1 13  ? -2.598  9.124   15.727  0.50 19.63 ? 21  ARG A NH2   1 
ATOM   111  N  NH2   B ARG A 1 13  ? 1.479   7.992   16.949  0.50 13.50 ? 21  ARG A NH2   1 
ATOM   112  N  N     . GLY A 1 14  ? 2.436   9.812   9.616   1.00 5.90  ? 22  GLY A N     1 
ATOM   113  C  CA    . GLY A 1 14  ? 2.886   10.700  8.559   1.00 6.03  ? 22  GLY A CA    1 
ATOM   114  C  C     . GLY A 1 14  ? 2.683   12.156  8.938   1.00 5.61  ? 22  GLY A C     1 
ATOM   115  O  O     . GLY A 1 14  ? 2.364   12.493  10.082  1.00 5.58  ? 22  GLY A O     1 
ATOM   116  N  N     . PHE A 1 15  ? 2.862   13.026  7.962   1.00 6.05  ? 23  PHE A N     1 
ATOM   117  C  CA    . PHE A 1 15  ? 2.845   14.461  8.208   1.00 7.80  ? 23  PHE A CA    1 
ATOM   118  C  C     . PHE A 1 15  ? 1.727   15.111  7.353   1.00 9.25  ? 23  PHE A C     1 
ATOM   119  O  O     . PHE A 1 15  ? 1.016   14.424  6.590   1.00 12.21 ? 23  PHE A O     1 
ATOM   120  C  CB    . PHE A 1 15  ? 4.275   14.996  8.021   1.00 6.01  ? 23  PHE A CB    1 
ATOM   121  C  CG    . PHE A 1 15  ? 5.244   14.269  8.896   1.00 6.38  ? 23  PHE A CG    1 
ATOM   122  C  CD1   . PHE A 1 15  ? 5.350   14.601  10.255  1.00 9.04  ? 23  PHE A CD1   1 
ATOM   123  C  CD2   . PHE A 1 15  ? 5.946   13.159  8.412   1.00 7.44  ? 23  PHE A CD2   1 
ATOM   124  C  CE1   . PHE A 1 15  ? 6.180   13.881  11.086  1.00 8.02  ? 23  PHE A CE1   1 
ATOM   125  C  CE2   . PHE A 1 15  ? 6.766   12.435  9.245   1.00 8.20  ? 23  PHE A CE2   1 
ATOM   126  C  CZ    . PHE A 1 15  ? 6.887   12.831  10.602  1.00 9.80  ? 23  PHE A CZ    1 
ATOM   127  N  N     . GLY A 1 16  ? 1.497   16.397  7.533   1.00 11.84 ? 24  GLY A N     1 
ATOM   128  C  CA    . GLY A 1 16  ? 0.275   16.981  6.955   1.00 12.69 ? 24  GLY A CA    1 
ATOM   129  C  C     . GLY A 1 16  ? -1.019  16.374  7.527   1.00 13.43 ? 24  GLY A C     1 
ATOM   130  O  O     . GLY A 1 16  ? -1.020  15.847  8.653   1.00 14.27 ? 24  GLY A O     1 
ATOM   131  N  N     . ARG A 1 17  ? -2.121  16.441  6.778   1.00 11.81 ? 25  ARG A N     1 
ATOM   132  C  CA    . ARG A 1 17  ? -3.379  15.903  7.288   1.00 12.02 ? 25  ARG A CA    1 
ATOM   133  C  C     . ARG A 1 17  ? -3.562  14.472  6.799   1.00 11.24 ? 25  ARG A C     1 
ATOM   134  O  O     . ARG A 1 17  ? -3.425  14.188  5.612   1.00 13.99 ? 25  ARG A O     1 
ATOM   135  C  CB    A ARG A 1 17  ? -4.588  16.765  6.909   0.50 11.12 ? 25  ARG A CB    1 
ATOM   136  C  CB    B ARG A 1 17  ? -4.557  16.766  6.817   0.50 11.12 ? 25  ARG A CB    1 
ATOM   137  C  CG    A ARG A 1 17  ? -5.872  16.317  7.621   0.50 11.15 ? 25  ARG A CG    1 
ATOM   138  C  CG    B ARG A 1 17  ? -4.345  18.269  6.959   0.50 10.35 ? 25  ARG A CG    1 
ATOM   139  C  CD    A ARG A 1 17  ? -7.013  17.325  7.624   0.50 9.91  ? 25  ARG A CD    1 
ATOM   140  C  CD    B ARG A 1 17  ? -5.559  19.118  6.555   0.50 11.88 ? 25  ARG A CD    1 
ATOM   141  N  NE    A ARG A 1 17  ? -6.710  18.490  8.455   0.50 10.36 ? 25  ARG A NE    1 
ATOM   142  N  NE    B ARG A 1 17  ? -5.537  20.404  7.243   0.50 11.58 ? 25  ARG A NE    1 
ATOM   143  C  CZ    A ARG A 1 17  ? -6.829  18.539  9.778   0.50 6.62  ? 25  ARG A CZ    1 
ATOM   144  C  CZ    B ARG A 1 17  ? -4.762  21.420  6.893   0.50 12.03 ? 25  ARG A CZ    1 
ATOM   145  N  NH1   A ARG A 1 17  ? -7.277  17.505  10.478  0.50 10.46 ? 25  ARG A NH1   1 
ATOM   146  N  NH1   B ARG A 1 17  ? -3.962  21.325  5.837   0.50 13.36 ? 25  ARG A NH1   1 
ATOM   147  N  NH2   A ARG A 1 17  ? -6.526  19.629  10.407  0.50 7.29  ? 25  ARG A NH2   1 
ATOM   148  N  NH2   B ARG A 1 17  ? -4.787  22.529  7.597   0.50 12.15 ? 25  ARG A NH2   1 
ATOM   149  N  N     . GLY A 1 18  ? -3.875  13.574  7.700   1.00 10.99 ? 26  GLY A N     1 
ATOM   150  C  CA    . GLY A 1 18  ? -3.986  12.175  7.321   1.00 9.22  ? 26  GLY A CA    1 
ATOM   151  C  C     . GLY A 1 18  ? -5.131  11.914  6.367   1.00 9.41  ? 26  GLY A C     1 
ATOM   152  O  O     . GLY A 1 18  ? -6.163  12.574  6.447   1.00 9.80  ? 26  GLY A O     1 
ATOM   153  N  N     . SER A 1 19  ? -4.977  10.929  5.493   1.00 8.38  ? 27  SER A N     1 
ATOM   154  C  CA    . SER A 1 19  ? -6.063  10.570  4.549   1.00 8.21  ? 27  SER A CA    1 
ATOM   155  C  C     . SER A 1 19  ? -7.261  9.870   5.205   1.00 8.18  ? 27  SER A C     1 
ATOM   156  O  O     . SER A 1 19  ? -8.237  9.578   4.512   1.00 9.16  ? 27  SER A O     1 
ATOM   157  C  CB    . SER A 1 19  ? -5.520  9.723   3.387   1.00 7.61  ? 27  SER A CB    1 
ATOM   158  O  OG    . SER A 1 19  ? -4.996  8.494   3.875   1.00 7.95  ? 27  SER A OG    1 
ATOM   159  N  N     . LYS A 1 20  ? -7.189  9.598   6.513   1.00 7.60  ? 28  LYS A N     1 
ATOM   160  C  CA    . LYS A 1 20  ? -8.400  9.371   7.331   1.00 8.30  ? 28  LYS A CA    1 
ATOM   161  C  C     . LYS A 1 20  ? -9.459  10.438  7.083   1.00 7.91  ? 28  LYS A C     1 
ATOM   162  O  O     . LYS A 1 20  ? -10.658 10.157  7.162   1.00 9.41  ? 28  LYS A O     1 
ATOM   163  C  CB    . LYS A 1 20  ? -8.092  9.397   8.836   1.00 8.44  ? 28  LYS A CB    1 
ATOM   164  C  CG    . LYS A 1 20  ? -7.769  8.054   9.412   1.00 11.79 ? 28  LYS A CG    1 
ATOM   165  C  CD    . LYS A 1 20  ? -7.352  8.169   10.864  1.00 11.70 ? 28  LYS A CD    1 
ATOM   166  C  CE    . LYS A 1 20  ? -7.048  6.814   11.483  1.00 14.55 ? 28  LYS A CE    1 
ATOM   167  N  NZ    . LYS A 1 20  ? -6.661  7.042   12.926  1.00 19.79 ? 28  LYS A NZ    1 
ATOM   168  N  N     . GLN A 1 21  ? -9.035  11.668  6.805   1.00 7.47  ? 29  GLN A N     1 
ATOM   169  C  CA    . GLN A 1 21  ? -10.000 12.750  6.546   1.00 8.15  ? 29  GLN A CA    1 
ATOM   170  C  C     . GLN A 1 21  ? -10.902 12.402  5.356   1.00 9.69  ? 29  GLN A C     1 
ATOM   171  O  O     . GLN A 1 21  ? -12.040 12.885  5.300   1.00 10.69 ? 29  GLN A O     1 
ATOM   172  C  CB    . GLN A 1 21  ? -9.322  14.104  6.307   1.00 8.35  ? 29  GLN A CB    1 
ATOM   173  C  CG    . GLN A 1 21  ? -8.477  14.136  5.023   1.00 13.67 ? 29  GLN A CG    1 
ATOM   174  C  CD    . GLN A 1 21  ? -7.917  15.511  4.642   1.00 17.30 ? 29  GLN A CD    1 
ATOM   175  O  OE1   . GLN A 1 21  ? -8.623  16.499  4.659   1.00 17.75 ? 29  GLN A OE1   1 
ATOM   176  N  NE2   . GLN A 1 21  ? -6.641  15.545  4.259   1.00 23.49 ? 29  GLN A NE2   1 
ATOM   177  N  N     . LEU A 1 22  ? -10.373 11.610  4.419   1.00 8.98  ? 30  LEU A N     1 
ATOM   178  C  CA    . LEU A 1 22  ? -11.119 11.170  3.225   1.00 10.89 ? 30  LEU A CA    1 
ATOM   179  C  C     . LEU A 1 22  ? -11.835 9.838   3.406   1.00 10.55 ? 30  LEU A C     1 
ATOM   180  O  O     . LEU A 1 22  ? -12.533 9.395   2.495   1.00 12.04 ? 30  LEU A O     1 
ATOM   181  C  CB    . LEU A 1 22  ? -10.183 11.043  2.010   1.00 10.58 ? 30  LEU A CB    1 
ATOM   182  C  CG    . LEU A 1 22  ? -9.250  12.214  1.735   1.00 13.01 ? 30  LEU A CG    1 
ATOM   183  C  CD1   . LEU A 1 22  ? -8.378  11.896  0.561   1.00 17.40 ? 30  LEU A CD1   1 
ATOM   184  C  CD2   . LEU A 1 22  ? -10.012 13.543  1.519   1.00 14.15 ? 30  LEU A CD2   1 
ATOM   185  N  N     . GLY A 1 23  ? -11.705 9.241   4.581   1.00 11.08 ? 31  GLY A N     1 
ATOM   186  C  CA    . GLY A 1 23  ? -12.284 7.957   4.891   1.00 10.47 ? 31  GLY A CA    1 
ATOM   187  C  C     . GLY A 1 23  ? -11.422 6.870   4.277   1.00 11.14 ? 31  GLY A C     1 
ATOM   188  O  O     . GLY A 1 23  ? -11.861 5.709   4.229   1.00 11.90 ? 31  GLY A O     1 
ATOM   189  N  N     . ILE A 1 24  ? -10.192 7.220   3.848   1.00 10.07 ? 32  ILE A N     1 
ATOM   190  C  CA    . ILE A 1 24  ? -9.323  6.240   3.170   1.00 8.41  ? 32  ILE A CA    1 
ATOM   191  C  C     . ILE A 1 24  ? -7.923  6.239   3.842   1.00 7.53  ? 32  ILE A C     1 
ATOM   192  O  O     . ILE A 1 24  ? -6.982  6.818   3.289   1.00 7.36  ? 32  ILE A O     1 
ATOM   193  C  CB    . ILE A 1 24  ? -9.224  6.491   1.645   1.00 8.33  ? 32  ILE A CB    1 
ATOM   194  C  CG1   . ILE A 1 24  ? -10.643 6.603   1.036   1.00 10.58 ? 32  ILE A CG1   1 
ATOM   195  C  CG2   . ILE A 1 24  ? -8.420  5.318   0.982   1.00 8.97  ? 32  ILE A CG2   1 
ATOM   196  C  CD1   . ILE A 1 24  ? -10.725 7.048   -0.412  1.00 15.11 ? 32  ILE A CD1   1 
ATOM   197  N  N     . PRO A 1 25  ? -7.801  5.655   5.038   1.00 7.50  ? 33  PRO A N     1 
ATOM   198  C  CA    . PRO A 1 25  ? -6.539  5.779   5.796   1.00 6.49  ? 33  PRO A CA    1 
ATOM   199  C  C     . PRO A 1 25  ? -5.414  5.082   5.057   1.00 6.62  ? 33  PRO A C     1 
ATOM   200  O  O     . PRO A 1 25  ? -5.657  4.076   4.385   1.00 5.30  ? 33  PRO A O     1 
ATOM   201  C  CB    . PRO A 1 25  ? -6.789  5.026   7.106   1.00 7.41  ? 33  PRO A CB    1 
ATOM   202  C  CG    . PRO A 1 25  ? -8.046  4.225   6.885   1.00 8.49  ? 33  PRO A CG    1 
ATOM   203  C  CD    . PRO A 1 25  ? -8.823  4.885   5.774   1.00 8.00  ? 33  PRO A CD    1 
ATOM   204  N  N     . THR A 1 26  ? -4.216  5.652   5.160   1.00 5.52  ? 34  THR A N     1 
ATOM   205  C  CA    . THR A 1 26  ? -3.035  5.150   4.443   1.00 5.49  ? 34  THR A CA    1 
ATOM   206  C  C     . THR A 1 26  ? -1.892  4.972   5.455   1.00 5.65  ? 34  THR A C     1 
ATOM   207  O  O     . THR A 1 26  ? -1.420  5.934   6.060   1.00 4.72  ? 34  THR A O     1 
ATOM   208  C  CB    . THR A 1 26  ? -2.558  6.145   3.385   1.00 4.71  ? 34  THR A CB    1 
ATOM   209  O  OG1   . THR A 1 26  ? -2.695  7.487   3.900   1.00 5.43  ? 34  THR A OG1   1 
ATOM   210  C  CG2   . THR A 1 26  ? -3.499  6.112   2.198   1.00 7.27  ? 34  THR A CG2   1 
ATOM   211  N  N     . ALA A 1 27  ? -1.455  3.741   5.618   1.00 4.20  ? 35  ALA A N     1 
ATOM   212  C  CA    . ALA A 1 27  ? -0.405  3.419   6.574   1.00 4.47  ? 35  ALA A CA    1 
ATOM   213  C  C     . ALA A 1 27  ? 0.970   3.581   5.939   1.00 5.19  ? 35  ALA A C     1 
ATOM   214  O  O     . ALA A 1 27  ? 1.207   3.086   4.802   1.00 5.97  ? 35  ALA A O     1 
ATOM   215  C  CB    . ALA A 1 27  ? -0.596  1.983   7.034   1.00 4.43  ? 35  ALA A CB    1 
ATOM   216  N  N     . ASN A 1 28  ? 1.864   4.212   6.705   1.00 5.70  ? 36  ASN A N     1 
ATOM   217  C  CA    . ASN A 1 28  ? 3.290   4.395   6.347   1.00 6.92  ? 36  ASN A CA    1 
ATOM   218  C  C     . ASN A 1 28  ? 4.235   3.417   7.023   1.00 7.69  ? 36  ASN A C     1 
ATOM   219  O  O     . ASN A 1 28  ? 3.991   2.941   8.133   1.00 7.17  ? 36  ASN A O     1 
ATOM   220  C  CB    . ASN A 1 28  ? 3.761   5.833   6.665   1.00 5.78  ? 36  ASN A CB    1 
ATOM   221  C  CG    . ASN A 1 28  ? 2.711   6.863   6.312   1.00 6.57  ? 36  ASN A CG    1 
ATOM   222  O  OD1   . ASN A 1 28  ? 2.430   7.101   5.130   1.00 8.44  ? 36  ASN A OD1   1 
ATOM   223  N  ND2   . ASN A 1 28  ? 2.065   7.431   7.323   1.00 5.11  ? 36  ASN A ND2   1 
ATOM   224  N  N     . PHE A 1 29  ? 5.340   3.127   6.329   1.00 11.97 ? 37  PHE A N     1 
ATOM   225  C  CA    . PHE A 1 29  ? 6.466   2.363   6.898   1.00 13.09 ? 37  PHE A CA    1 
ATOM   226  C  C     . PHE A 1 29  ? 7.637   3.302   7.233   1.00 14.37 ? 37  PHE A C     1 
ATOM   227  O  O     . PHE A 1 29  ? 7.688   4.380   6.668   1.00 16.13 ? 37  PHE A O     1 
ATOM   228  C  CB    . PHE A 1 29  ? 7.018   1.458   5.794   1.00 13.88 ? 37  PHE A CB    1 
ATOM   229  C  CG    . PHE A 1 29  ? 6.212   0.209   5.507   1.00 12.91 ? 37  PHE A CG    1 
ATOM   230  C  CD1   . PHE A 1 29  ? 5.732   -0.594  6.524   1.00 14.36 ? 37  PHE A CD1   1 
ATOM   231  C  CD2   . PHE A 1 29  ? 6.065   -0.204  4.193   1.00 12.89 ? 37  PHE A CD2   1 
ATOM   232  C  CE1   . PHE A 1 29  ? 5.049   -1.817  6.198   1.00 13.64 ? 37  PHE A CE1   1 
ATOM   233  C  CE2   . PHE A 1 29  ? 5.423   -1.417  3.868   1.00 13.05 ? 37  PHE A CE2   1 
ATOM   234  C  CZ    . PHE A 1 29  ? 4.898   -2.191  4.869   1.00 13.78 ? 37  PHE A CZ    1 
ATOM   235  N  N     . PRO A 1 30  ? 8.590   2.901   8.079   1.00 14.71 ? 38  PRO A N     1 
ATOM   236  C  CA    . PRO A 1 30  ? 9.807   3.716   8.275   1.00 14.13 ? 38  PRO A CA    1 
ATOM   237  C  C     . PRO A 1 30  ? 10.586  3.871   6.941   1.00 14.24 ? 38  PRO A C     1 
ATOM   238  O  O     . PRO A 1 30  ? 10.443  3.051   6.049   1.00 12.94 ? 38  PRO A O     1 
ATOM   239  C  CB    . PRO A 1 30  ? 10.599  2.940   9.327   1.00 14.67 ? 38  PRO A CB    1 
ATOM   240  C  CG    . PRO A 1 30  ? 9.617   2.076   9.989   1.00 15.11 ? 38  PRO A CG    1 
ATOM   241  C  CD    . PRO A 1 30  ? 8.595   1.701   8.937   1.00 14.92 ? 38  PRO A CD    1 
ATOM   242  N  N     . GLU A 1 31  ? 11.360  4.947   6.799   1.00 12.82 ? 39  GLU A N     1 
ATOM   243  C  CA    . GLU A 1 31  ? 12.153  5.239   5.594   1.00 14.13 ? 39  GLU A CA    1 
ATOM   244  C  C     . GLU A 1 31  ? 12.999  4.018   5.153   1.00 13.11 ? 39  GLU A C     1 
ATOM   245  O  O     . GLU A 1 31  ? 13.147  3.755   3.937   1.00 13.00 ? 39  GLU A O     1 
ATOM   246  C  CB    . GLU A 1 31  ? 13.041  6.480   5.880   1.00 14.81 ? 39  GLU A CB    1 
ATOM   247  C  CG    . GLU A 1 31  ? 14.092  6.861   4.842   1.00 19.95 ? 39  GLU A CG    1 
ATOM   248  C  CD    . GLU A 1 31  ? 14.889  8.115   5.204   1.00 25.19 ? 39  GLU A CD    1 
ATOM   249  O  OE1   . GLU A 1 31  ? 14.927  8.487   6.413   1.00 27.06 ? 39  GLU A OE1   1 
ATOM   250  O  OE2   . GLU A 1 31  ? 15.499  8.727   4.276   1.00 27.48 ? 39  GLU A OE2   1 
ATOM   251  N  N     . GLN A 1 32  ? 13.517  3.269   6.129   1.00 13.30 ? 40  GLN A N     1 
ATOM   252  C  CA    . GLN A 1 32  ? 14.353  2.070   5.870   1.00 13.65 ? 40  GLN A CA    1 
ATOM   253  C  C     . GLN A 1 32  ? 13.659  1.102   4.914   1.00 13.06 ? 40  GLN A C     1 
ATOM   254  O  O     . GLN A 1 32  ? 14.309  0.485   4.048   1.00 12.51 ? 40  GLN A O     1 
ATOM   255  C  CB    . GLN A 1 32  ? 14.680  1.322   7.191   1.00 14.83 ? 40  GLN A CB    1 
ATOM   256  C  CG    . GLN A 1 32  ? 13.480  0.446   7.676   1.00 17.97 ? 40  GLN A CG    1 
ATOM   257  C  CD    . GLN A 1 32  ? 13.528  -0.042  9.143   1.00 23.75 ? 40  GLN A CD    1 
ATOM   258  O  OE1   . GLN A 1 32  ? 12.982  -1.136  9.469   1.00 21.96 ? 40  GLN A OE1   1 
ATOM   259  N  NE2   . GLN A 1 32  ? 14.133  0.755   10.016  1.00 21.62 ? 40  GLN A NE2   1 
ATOM   260  N  N     . VAL A 1 33  ? 12.337  0.932   5.064   1.00 12.01 ? 41  VAL A N     1 
ATOM   261  C  CA    . VAL A 1 33  ? 11.634  -0.024  4.238   1.00 12.53 ? 41  VAL A CA    1 
ATOM   262  C  C     . VAL A 1 33  ? 11.596  0.499   2.811   1.00 12.38 ? 41  VAL A C     1 
ATOM   263  O  O     . VAL A 1 33  ? 11.960  -0.215  1.879   1.00 10.76 ? 41  VAL A O     1 
ATOM   264  C  CB    . VAL A 1 33  ? 10.174  -0.333  4.730   1.00 11.76 ? 41  VAL A CB    1 
ATOM   265  C  CG1   . VAL A 1 33  ? 9.438   -1.141  3.702   1.00 15.09 ? 41  VAL A CG1   1 
ATOM   266  C  CG2   . VAL A 1 33  ? 10.225  -1.037  6.079   1.00 14.74 ? 41  VAL A CG2   1 
ATOM   267  N  N     . VAL A 1 34  ? 11.168  1.759   2.663   1.00 12.30 ? 42  VAL A N     1 
ATOM   268  C  CA    . VAL A 1 34  ? 10.997  2.352   1.342   1.00 13.97 ? 42  VAL A CA    1 
ATOM   269  C  C     . VAL A 1 34  ? 12.360  2.399   0.623   1.00 14.05 ? 42  VAL A C     1 
ATOM   270  O  O     . VAL A 1 34  ? 12.443  2.180   -0.585  1.00 14.17 ? 42  VAL A O     1 
ATOM   271  C  CB    . VAL A 1 34  ? 10.401  3.785   1.438   1.00 14.26 ? 42  VAL A CB    1 
ATOM   272  C  CG1   . VAL A 1 34  ? 10.101  4.320   0.054   1.00 16.60 ? 42  VAL A CG1   1 
ATOM   273  C  CG2   . VAL A 1 34  ? 9.128   3.777   2.302   1.00 17.50 ? 42  VAL A CG2   1 
ATOM   274  N  N     . ASP A 1 35  ? 13.427  2.662   1.376   1.00 14.42 ? 43  ASP A N     1 
ATOM   275  C  CA    . ASP A 1 35  ? 14.769  2.729   0.773   1.00 15.15 ? 43  ASP A CA    1 
ATOM   276  C  C     . ASP A 1 35  ? 15.281  1.421   0.196   1.00 15.45 ? 43  ASP A C     1 
ATOM   277  O  O     . ASP A 1 35  ? 16.196  1.424   -0.662  1.00 15.42 ? 43  ASP A O     1 
ATOM   278  C  CB    . ASP A 1 35  ? 15.759  3.346   1.737   1.00 16.62 ? 43  ASP A CB    1 
ATOM   279  C  CG    . ASP A 1 35  ? 15.487  4.808   1.953   1.00 17.98 ? 43  ASP A CG    1 
ATOM   280  O  OD1   . ASP A 1 35  ? 14.583  5.371   1.266   1.00 21.88 ? 43  ASP A OD1   1 
ATOM   281  O  OD2   . ASP A 1 35  ? 16.097  5.463   2.797   1.00 23.19 ? 43  ASP A OD2   1 
ATOM   282  N  N     . ASN A 1 36  ? 14.689  0.309   0.615   1.00 14.46 ? 44  ASN A N     1 
ATOM   283  C  CA    . ASN A 1 36  ? 15.129  -0.969  0.088   1.00 15.52 ? 44  ASN A CA    1 
ATOM   284  C  C     . ASN A 1 36  ? 14.346  -1.458  -1.091  1.00 15.72 ? 44  ASN A C     1 
ATOM   285  O  O     . ASN A 1 36  ? 14.615  -2.553  -1.582  1.00 16.07 ? 44  ASN A O     1 
ATOM   286  C  CB    . ASN A 1 36  ? 15.212  -2.022  1.184   1.00 15.71 ? 44  ASN A CB    1 
ATOM   287  C  CG    . ASN A 1 36  ? 16.511  -1.932  1.924   1.00 16.96 ? 44  ASN A CG    1 
ATOM   288  O  OD1   . ASN A 1 36  ? 17.525  -2.486  1.485   1.00 18.40 ? 44  ASN A OD1   1 
ATOM   289  N  ND2   . ASN A 1 36  ? 16.532  -1.135  2.998   1.00 19.25 ? 44  ASN A ND2   1 
ATOM   290  N  N     . LEU A 1 37  ? 13.365  -0.663  -1.547  1.00 15.87 ? 45  LEU A N     1 
ATOM   291  C  CA    . LEU A 1 37  ? 12.674  -0.979  -2.796  1.00 17.05 ? 45  LEU A CA    1 
ATOM   292  C  C     . LEU A 1 37  ? 13.676  -0.953  -3.951  1.00 17.69 ? 45  LEU A C     1 
ATOM   293  O  O     . LEU A 1 37  ? 14.562  -0.111  -3.983  1.00 17.36 ? 45  LEU A O     1 
ATOM   294  C  CB    . LEU A 1 37  ? 11.580  0.050   -3.101  1.00 16.96 ? 45  LEU A CB    1 
ATOM   295  C  CG    . LEU A 1 37  ? 10.322  0.138   -2.258  1.00 16.97 ? 45  LEU A CG    1 
ATOM   296  C  CD1   . LEU A 1 37  ? 9.618   1.524   -2.481  1.00 20.50 ? 45  LEU A CD1   1 
ATOM   297  C  CD2   . LEU A 1 37  ? 9.431   -0.989  -2.596  1.00 20.17 ? 45  LEU A CD2   1 
ATOM   298  N  N     . PRO A 1 38  ? 13.543  -1.871  -4.898  1.00 19.89 ? 46  PRO A N     1 
ATOM   299  C  CA    . PRO A 1 38  ? 14.344  -1.820  -6.131  1.00 21.54 ? 46  PRO A CA    1 
ATOM   300  C  C     . PRO A 1 38  ? 14.038  -0.534  -6.888  1.00 23.33 ? 46  PRO A C     1 
ATOM   301  O  O     . PRO A 1 38  ? 12.938  -0.018  -6.693  1.00 23.37 ? 46  PRO A O     1 
ATOM   302  C  CB    . PRO A 1 38  ? 13.806  -3.009  -6.940  1.00 21.87 ? 46  PRO A CB    1 
ATOM   303  C  CG    . PRO A 1 38  ? 13.202  -3.908  -5.954  1.00 21.42 ? 46  PRO A CG    1 
ATOM   304  C  CD    . PRO A 1 38  ? 12.649  -3.038  -4.862  1.00 20.37 ? 46  PRO A CD    1 
ATOM   305  N  N     . ALA A 1 39  ? 14.935  -0.055  -7.753  1.00 24.95 ? 47  ALA A N     1 
ATOM   306  C  CA    . ALA A 1 39  ? 14.604  1.088   -8.633  1.00 26.10 ? 47  ALA A CA    1 
ATOM   307  C  C     . ALA A 1 39  ? 13.544  0.786   -9.721  1.00 27.37 ? 47  ALA A C     1 
ATOM   308  O  O     . ALA A 1 39  ? 12.769  1.670   -10.106 1.00 27.00 ? 47  ALA A O     1 
ATOM   309  C  CB    . ALA A 1 39  ? 15.825  1.674   -9.230  1.00 26.13 ? 47  ALA A CB    1 
ATOM   310  N  N     . ASP A 1 40  ? 13.495  -0.460  -10.196 1.00 28.33 ? 48  ASP A N     1 
ATOM   311  C  CA    . ASP A 1 40  ? 12.524  -0.859  -11.233 1.00 28.93 ? 48  ASP A CA    1 
ATOM   312  C  C     . ASP A 1 40  ? 11.118  -0.698  -10.698 1.00 28.35 ? 48  ASP A C     1 
ATOM   313  O  O     . ASP A 1 40  ? 10.117  -0.792  -11.437 1.00 28.86 ? 48  ASP A O     1 
ATOM   314  C  CB    . ASP A 1 40  ? 12.755  -2.301  -11.695 1.00 29.59 ? 48  ASP A CB    1 
ATOM   315  C  CG    . ASP A 1 40  ? 12.938  -3.251  -10.537 1.00 31.11 ? 48  ASP A CG    1 
ATOM   316  O  OD1   . ASP A 1 40  ? 11.909  -3.707  -9.981  1.00 32.43 ? 48  ASP A OD1   1 
ATOM   317  O  OD2   . ASP A 1 40  ? 14.073  -3.583  -10.105 1.00 32.88 ? 48  ASP A OD2   1 
ATOM   318  N  N     . ILE A 1 41  ? 11.049  -0.466  -9.392  1.00 27.05 ? 49  ILE A N     1 
ATOM   319  C  CA    . ILE A 1 41  ? 9.863   0.034   -8.789  1.00 25.95 ? 49  ILE A CA    1 
ATOM   320  C  C     . ILE A 1 41  ? 9.659   1.480   -9.293  1.00 24.08 ? 49  ILE A C     1 
ATOM   321  O  O     . ILE A 1 41  ? 10.459  2.418   -9.077  1.00 23.57 ? 49  ILE A O     1 
ATOM   322  C  CB    . ILE A 1 41  ? 9.951   -0.104  -7.278  1.00 26.90 ? 49  ILE A CB    1 
ATOM   323  C  CG1   . ILE A 1 41  ? 8.762   -0.934  -6.788  1.00 28.61 ? 49  ILE A CG1   1 
ATOM   324  C  CG2   . ILE A 1 41  ? 10.111  1.257   -6.600  1.00 27.95 ? 49  ILE A CG2   1 
ATOM   325  C  CD1   . ILE A 1 41  ? 9.075   -2.450  -6.679  1.00 28.88 ? 49  ILE A CD1   1 
ATOM   326  N  N     . SER A 1 42  ? 8.611   1.597   -10.072 1.00 19.59 ? 50  SER A N     1 
ATOM   327  C  CA    . SER A 1 42  ? 8.164   2.857   -10.593 1.00 17.14 ? 50  SER A CA    1 
ATOM   328  C  C     . SER A 1 42  ? 7.287   3.486   -9.542  1.00 13.68 ? 50  SER A C     1 
ATOM   329  O  O     . SER A 1 42  ? 6.621   2.788   -8.767  1.00 12.43 ? 50  SER A O     1 
ATOM   330  C  CB    . SER A 1 42  ? 7.286   2.558   -11.798 1.00 16.45 ? 50  SER A CB    1 
ATOM   331  O  OG    . SER A 1 42  ? 7.868   1.515   -12.555 1.00 21.59 ? 50  SER A OG    1 
ATOM   332  N  N     . THR A 1 43  ? 7.205   4.805   -9.554  1.00 10.69 ? 51  THR A N     1 
ATOM   333  C  CA    . THR A 1 43  ? 6.090   5.422   -8.851  1.00 8.75  ? 51  THR A CA    1 
ATOM   334  C  C     . THR A 1 43  ? 4.778   5.039   -9.511  1.00 8.20  ? 51  THR A C     1 
ATOM   335  O  O     . THR A 1 43  ? 4.745   4.653   -10.704 1.00 8.40  ? 51  THR A O     1 
ATOM   336  C  CB    . THR A 1 43  ? 6.248   6.942   -8.773  1.00 8.52  ? 51  THR A CB    1 
ATOM   337  O  OG1   . THR A 1 43  ? 6.335   7.483   -10.105 1.00 8.87  ? 51  THR A OG1   1 
ATOM   338  C  CG2   . THR A 1 43  ? 7.587   7.292   -8.146  1.00 10.15 ? 51  THR A CG2   1 
ATOM   339  N  N     . GLY A 1 44  ? 3.704   5.127   -8.748  1.00 6.58  ? 52  GLY A N     1 
ATOM   340  C  CA    . GLY A 1 44  ? 2.364   4.831   -9.228  1.00 6.53  ? 52  GLY A CA    1 
ATOM   341  C  C     . GLY A 1 44  ? 1.577   4.048   -8.173  1.00 7.50  ? 52  GLY A C     1 
ATOM   342  O  O     . GLY A 1 44  ? 1.987   3.918   -6.989  1.00 7.63  ? 52  GLY A O     1 
ATOM   343  N  N     . ILE A 1 45  ? 0.464   3.496   -8.621  1.00 6.45  ? 53  ILE A N     1 
ATOM   344  C  CA    . ILE A 1 45  ? -0.465  2.809   -7.742  1.00 6.59  ? 53  ILE A CA    1 
ATOM   345  C  C     . ILE A 1 45  ? -0.345  1.320   -8.021  1.00 6.20  ? 53  ILE A C     1 
ATOM   346  O  O     . ILE A 1 45  ? -0.390  0.887   -9.165  1.00 7.26  ? 53  ILE A O     1 
ATOM   347  C  CB    . ILE A 1 45  ? -1.942  3.295   -7.966  1.00 7.35  ? 53  ILE A CB    1 
ATOM   348  C  CG1   . ILE A 1 45  ? -2.059  4.825   -7.834  1.00 9.30  ? 53  ILE A CG1   1 
ATOM   349  C  CG2   . ILE A 1 45  ? -2.854  2.626   -6.981  1.00 9.50  ? 53  ILE A CG2   1 
ATOM   350  C  CD1   . ILE A 1 45  ? -1.535  5.412   -6.510  1.00 12.76 ? 53  ILE A CD1   1 
ATOM   351  N  N     . TYR A 1 46  ? -0.185  0.540   -6.959  1.00 6.42  ? 54  TYR A N     1 
ATOM   352  C  CA    . TYR A 1 46  ? -0.056  -0.928  -7.071  1.00 6.24  ? 54  TYR A CA    1 
ATOM   353  C  C     . TYR A 1 46  ? -1.145  -1.564  -6.213  1.00 6.58  ? 54  TYR A C     1 
ATOM   354  O  O     . TYR A 1 46  ? -1.810  -0.883  -5.387  1.00 7.61  ? 54  TYR A O     1 
ATOM   355  C  CB    . TYR A 1 46  ? 1.308   -1.360  -6.509  1.00 6.14  ? 54  TYR A CB    1 
ATOM   356  C  CG    . TYR A 1 46  ? 2.510   -0.901  -7.273  1.00 6.09  ? 54  TYR A CG    1 
ATOM   357  C  CD1   . TYR A 1 46  ? 2.983   0.420   -7.168  1.00 7.06  ? 54  TYR A CD1   1 
ATOM   358  C  CD2   . TYR A 1 46  ? 3.254   -1.818  -8.034  1.00 6.38  ? 54  TYR A CD2   1 
ATOM   359  C  CE1   . TYR A 1 46  ? 4.140   0.836   -7.854  1.00 6.61  ? 54  TYR A CE1   1 
ATOM   360  C  CE2   . TYR A 1 46  ? 4.420   -1.426  -8.677  1.00 8.30  ? 54  TYR A CE2   1 
ATOM   361  C  CZ    . TYR A 1 46  ? 4.845   -0.100  -8.613  1.00 8.64  ? 54  TYR A CZ    1 
ATOM   362  O  OH    . TYR A 1 46  ? 5.992   0.235   -9.312  1.00 12.44 ? 54  TYR A OH    1 
ATOM   363  N  N     . TYR A 1 47  ? -1.308  -2.874  -6.327  1.00 7.53  ? 55  TYR A N     1 
ATOM   364  C  CA    . TYR A 1 47  ? -2.303  -3.594  -5.522  1.00 7.63  ? 55  TYR A CA    1 
ATOM   365  C  C     . TYR A 1 47  ? -1.700  -4.900  -5.039  1.00 7.81  ? 55  TYR A C     1 
ATOM   366  O  O     . TYR A 1 47  ? -0.689  -5.374  -5.557  1.00 7.54  ? 55  TYR A O     1 
ATOM   367  C  CB    . TYR A 1 47  ? -3.623  -3.812  -6.278  1.00 8.74  ? 55  TYR A CB    1 
ATOM   368  C  CG    . TYR A 1 47  ? -3.480  -4.545  -7.577  1.00 7.50  ? 55  TYR A CG    1 
ATOM   369  C  CD1   . TYR A 1 47  ? -3.157  -3.872  -8.750  1.00 10.69 ? 55  TYR A CD1   1 
ATOM   370  C  CD2   . TYR A 1 47  ? -3.599  -5.938  -7.640  1.00 9.84  ? 55  TYR A CD2   1 
ATOM   371  C  CE1   . TYR A 1 47  ? -3.006  -4.553  -9.949  1.00 9.39  ? 55  TYR A CE1   1 
ATOM   372  C  CE2   . TYR A 1 47  ? -3.447  -6.618  -8.818  1.00 11.48 ? 55  TYR A CE2   1 
ATOM   373  C  CZ    . TYR A 1 47  ? -3.152  -5.923  -9.975  1.00 10.43 ? 55  TYR A CZ    1 
ATOM   374  O  OH    . TYR A 1 47  ? -3.015  -6.627  -11.128 1.00 13.71 ? 55  TYR A OH    1 
ATOM   375  N  N     . GLY A 1 48  ? -2.281  -5.458  -4.001  1.00 7.14  ? 56  GLY A N     1 
ATOM   376  C  CA    . GLY A 1 48  ? -1.677  -6.629  -3.414  1.00 7.74  ? 56  GLY A CA    1 
ATOM   377  C  C     . GLY A 1 48  ? -2.439  -7.067  -2.179  1.00 7.82  ? 56  GLY A C     1 
ATOM   378  O  O     . GLY A 1 48  ? -3.645  -6.794  -2.042  1.00 6.79  ? 56  GLY A O     1 
ATOM   379  N  N     . TRP A 1 49  ? -1.694  -7.684  -1.267  1.00 6.88  ? 57  TRP A N     1 
ATOM   380  C  CA    . TRP A 1 49  ? -2.281  -8.280  -0.058  1.00 6.51  ? 57  TRP A CA    1 
ATOM   381  C  C     . TRP A 1 49  ? -1.555  -7.732  1.138   1.00 6.93  ? 57  TRP A C     1 
ATOM   382  O  O     . TRP A 1 49  ? -0.353  -7.405  1.070   1.00 6.79  ? 57  TRP A O     1 
ATOM   383  C  CB    . TRP A 1 49  ? -2.133  -9.816  -0.071  1.00 5.93  ? 57  TRP A CB    1 
ATOM   384  C  CG    . TRP A 1 49  ? -2.855  -10.464 -1.224  1.00 6.63  ? 57  TRP A CG    1 
ATOM   385  C  CD1   . TRP A 1 49  ? -2.317  -10.910 -2.401  1.00 6.02  ? 57  TRP A CD1   1 
ATOM   386  C  CD2   . TRP A 1 49  ? -4.254  -10.722 -1.300  1.00 6.26  ? 57  TRP A CD2   1 
ATOM   387  N  NE1   . TRP A 1 49  ? -3.313  -11.407 -3.212  1.00 5.74  ? 57  TRP A NE1   1 
ATOM   388  C  CE2   . TRP A 1 49  ? -4.505  -11.336 -2.547  1.00 6.35  ? 57  TRP A CE2   1 
ATOM   389  C  CE3   . TRP A 1 49  ? -5.329  -10.511 -0.422  1.00 8.32  ? 57  TRP A CE3   1 
ATOM   390  C  CZ2   . TRP A 1 49  ? -5.800  -11.721 -2.963  1.00 6.42  ? 57  TRP A CZ2   1 
ATOM   391  C  CZ3   . TRP A 1 49  ? -6.612  -10.889 -0.836  1.00 8.76  ? 57  TRP A CZ3   1 
ATOM   392  C  CH2   . TRP A 1 49  ? -6.826  -11.520 -2.085  1.00 8.42  ? 57  TRP A CH2   1 
ATOM   393  N  N     . ALA A 1 50  ? -2.275  -7.611  2.248   1.00 6.81  ? 58  ALA A N     1 
ATOM   394  C  CA    . ALA A 1 50  ? -1.657  -7.091  3.480   1.00 7.84  ? 58  ALA A CA    1 
ATOM   395  C  C     . ALA A 1 50  ? -2.251  -7.742  4.694   1.00 7.33  ? 58  ALA A C     1 
ATOM   396  O  O     . ALA A 1 50  ? -3.439  -8.028  4.721   1.00 7.88  ? 58  ALA A O     1 
ATOM   397  C  CB    . ALA A 1 50  ? -1.858  -5.542  3.584   1.00 7.36  ? 58  ALA A CB    1 
ATOM   398  N  N     . SER A 1 51  ? -1.443  -7.879  5.744   1.00 7.42  ? 59  SER A N     1 
ATOM   399  C  CA    . SER A 1 51  ? -1.975  -8.259  7.042   1.00 6.63  ? 59  SER A CA    1 
ATOM   400  C  C     . SER A 1 51  ? -1.271  -7.383  8.093   1.00 7.77  ? 59  SER A C     1 
ATOM   401  O  O     . SER A 1 51  ? -0.155  -6.890  7.854   1.00 6.68  ? 59  SER A O     1 
ATOM   402  C  CB    . SER A 1 51  ? -1.723  -9.749  7.304   1.00 7.04  ? 59  SER A CB    1 
ATOM   403  O  OG    . SER A 1 51  ? -0.324  -10.027 7.465   1.00 6.37  ? 59  SER A OG    1 
ATOM   404  N  N     . VAL A 1 52  ? -1.922  -7.224  9.246   1.00 8.31  ? 60  VAL A N     1 
ATOM   405  C  CA    . VAL A 1 52  ? -1.354  -6.473  10.373  1.00 10.50 ? 60  VAL A CA    1 
ATOM   406  C  C     . VAL A 1 52  ? -1.094  -7.420  11.546  1.00 11.50 ? 60  VAL A C     1 
ATOM   407  O  O     . VAL A 1 52  ? -2.009  -8.165  12.001  1.00 10.78 ? 60  VAL A O     1 
ATOM   408  C  CB    . VAL A 1 52  ? -2.318  -5.321  10.815  1.00 10.58 ? 60  VAL A CB    1 
ATOM   409  C  CG1   . VAL A 1 52  ? -1.750  -4.563  12.052  1.00 12.02 ? 60  VAL A CG1   1 
ATOM   410  C  CG2   . VAL A 1 52  ? -2.508  -4.358  9.668   1.00 12.58 ? 60  VAL A CG2   1 
ATOM   411  N  N     . GLY A 1 53  ? 0.156   -7.413  12.019  1.00 12.08 ? 61  GLY A N     1 
ATOM   412  C  CA    . GLY A 1 53  ? 0.596   -8.338  13.073  1.00 13.83 ? 61  GLY A CA    1 
ATOM   413  C  C     . GLY A 1 53  ? 0.198   -9.759  12.698  1.00 14.22 ? 61  GLY A C     1 
ATOM   414  O  O     . GLY A 1 53  ? 0.529   -10.242 11.614  1.00 15.22 ? 61  GLY A O     1 
ATOM   415  N  N     . SER A 1 54  ? -0.578  -10.401 13.555  1.00 15.39 ? 62  SER A N     1 
ATOM   416  C  CA    . SER A 1 54  ? -0.957  -11.799 13.354  1.00 15.62 ? 62  SER A CA    1 
ATOM   417  C  C     . SER A 1 54  ? -2.340  -11.945 12.711  1.00 15.43 ? 62  SER A C     1 
ATOM   418  O  O     . SER A 1 54  ? -2.880  -13.059 12.645  1.00 15.34 ? 62  SER A O     1 
ATOM   419  C  CB    . SER A 1 54  ? -0.884  -12.578 14.688  1.00 16.56 ? 62  SER A CB    1 
ATOM   420  O  OG    . SER A 1 54  ? -1.773  -12.012 15.646  1.00 19.05 ? 62  SER A OG    1 
ATOM   421  N  N     . GLY A 1 55  ? -2.882  -10.825 12.220  1.00 13.78 ? 63  GLY A N     1 
ATOM   422  C  CA    . GLY A 1 55  ? -4.216  -10.755 11.631  1.00 12.10 ? 63  GLY A CA    1 
ATOM   423  C  C     . GLY A 1 55  ? -4.369  -11.440 10.284  1.00 11.58 ? 63  GLY A C     1 
ATOM   424  O  O     . GLY A 1 55  ? -3.418  -11.952 9.705   1.00 11.62 ? 63  GLY A O     1 
ATOM   425  N  N     . ASP A 1 56  ? -5.596  -11.453 9.780   1.00 10.29 ? 64  ASP A N     1 
ATOM   426  C  CA    . ASP A 1 56  ? -5.899  -12.076 8.497   1.00 9.81  ? 64  ASP A CA    1 
ATOM   427  C  C     . ASP A 1 56  ? -5.386  -11.228 7.337   1.00 8.51  ? 64  ASP A C     1 
ATOM   428  O  O     . ASP A 1 56  ? -5.048  -10.041 7.532   1.00 9.60  ? 64  ASP A O     1 
ATOM   429  C  CB    . ASP A 1 56  ? -7.407  -12.271 8.379   1.00 10.46 ? 64  ASP A CB    1 
ATOM   430  C  CG    . ASP A 1 56  ? -7.934  -13.400 9.254   1.00 13.95 ? 64  ASP A CG    1 
ATOM   431  O  OD1   . ASP A 1 56  ? -7.159  -14.247 9.752   1.00 16.47 ? 64  ASP A OD1   1 
ATOM   432  O  OD2   . ASP A 1 56  ? -9.152  -13.512 9.483   1.00 19.58 ? 64  ASP A OD2   1 
ATOM   433  N  N     . VAL A 1 57  ? -5.294  -11.867 6.163   1.00 6.92  ? 65  VAL A N     1 
ATOM   434  C  CA    . VAL A 1 57  ? -4.795  -11.241 4.945   1.00 6.67  ? 65  VAL A CA    1 
ATOM   435  C  C     . VAL A 1 57  ? -5.954  -10.590 4.190   1.00 6.23  ? 65  VAL A C     1 
ATOM   436  O  O     . VAL A 1 57  ? -6.971  -11.234 3.906   1.00 5.83  ? 65  VAL A O     1 
ATOM   437  C  CB    . VAL A 1 57  ? -4.042  -12.252 4.032   1.00 7.07  ? 65  VAL A CB    1 
ATOM   438  C  CG1   . VAL A 1 57  ? -3.445  -11.525 2.817   1.00 8.63  ? 65  VAL A CG1   1 
ATOM   439  C  CG2   . VAL A 1 57  ? -2.913  -12.976 4.862   1.00 7.90  ? 65  VAL A CG2   1 
ATOM   440  N  N     . HIS A 1 58  ? -5.781  -9.310  3.863   1.00 6.78  ? 66  HIS A N     1 
ATOM   441  C  CA    . HIS A 1 58  ? -6.814  -8.531  3.166   1.00 7.00  ? 66  HIS A CA    1 
ATOM   442  C  C     . HIS A 1 58  ? -6.249  -7.897  1.897   1.00 6.39  ? 66  HIS A C     1 
ATOM   443  O  O     . HIS A 1 58  ? -5.017  -7.764  1.740   1.00 8.26  ? 66  HIS A O     1 
ATOM   444  C  CB    . HIS A 1 58  ? -7.326  -7.410  4.078   1.00 7.92  ? 66  HIS A CB    1 
ATOM   445  C  CG    . HIS A 1 58  ? -7.822  -7.898  5.407   1.00 9.98  ? 66  HIS A CG    1 
ATOM   446  N  ND1   . HIS A 1 58  ? -9.004  -8.583  5.551   1.00 11.58 ? 66  HIS A ND1   1 
ATOM   447  C  CD2   . HIS A 1 58  ? -7.298  -7.791  6.646   1.00 10.35 ? 66  HIS A CD2   1 
ATOM   448  C  CE1   . HIS A 1 58  ? -9.189  -8.890  6.824   1.00 10.60 ? 66  HIS A CE1   1 
ATOM   449  N  NE2   . HIS A 1 58  ? -8.166  -8.427  7.509   1.00 11.89 ? 66  HIS A NE2   1 
ATOM   450  N  N     . LYS A 1 59  ? -7.143  -7.478  1.003   1.00 6.35  ? 67  LYS A N     1 
ATOM   451  C  CA    . LYS A 1 59  ? -6.749  -6.783  -0.209  1.00 6.30  ? 67  LYS A CA    1 
ATOM   452  C  C     . LYS A 1 59  ? -6.242  -5.397  0.162   1.00 5.80  ? 67  LYS A C     1 
ATOM   453  O  O     . LYS A 1 59  ? -6.640  -4.852  1.202   1.00 6.66  ? 67  LYS A O     1 
ATOM   454  C  CB    . LYS A 1 59  ? -7.933  -6.698  -1.181  1.00 5.28  ? 67  LYS A CB    1 
ATOM   455  C  CG    . LYS A 1 59  ? -8.470  -8.066  -1.577  1.00 5.72  ? 67  LYS A CG    1 
ATOM   456  C  CD    . LYS A 1 59  ? -9.548  -7.920  -2.675  1.00 5.88  ? 67  LYS A CD    1 
ATOM   457  C  CE    . LYS A 1 59  ? -9.990  -9.296  -3.206  1.00 5.03  ? 67  LYS A CE    1 
ATOM   458  N  NZ    . LYS A 1 59  ? -11.181 -9.190  -4.189  1.00 5.84  ? 67  LYS A NZ    1 
ATOM   459  N  N     . MET A 1 60  ? -5.364  -4.829  -0.665  1.00 6.41  ? 68  MET A N     1 
ATOM   460  C  CA    . MET A 1 60  ? -4.846  -3.503  -0.361  1.00 7.13  ? 68  MET A CA    1 
ATOM   461  C  C     . MET A 1 60  ? -4.392  -2.833  -1.661  1.00 7.70  ? 68  MET A C     1 
ATOM   462  O  O     . MET A 1 60  ? -4.225  -3.504  -2.710  1.00 7.08  ? 68  MET A O     1 
ATOM   463  C  CB    . MET A 1 60  ? -3.704  -3.559  0.660   1.00 6.89  ? 68  MET A CB    1 
ATOM   464  C  CG    . MET A 1 60  ? -2.493  -4.415  0.208   1.00 6.66  ? 68  MET A CG    1 
ATOM   465  S  SD    . MET A 1 60  ? -1.514  -3.617  -1.061  1.00 11.38 ? 68  MET A SD    1 
ATOM   466  C  CE    . MET A 1 60  ? 0.119   -4.357  -0.742  1.00 9.61  ? 68  MET A CE    1 
ATOM   467  N  N     . VAL A 1 61  ? -4.288  -1.511  -1.599  1.00 6.69  ? 69  VAL A N     1 
ATOM   468  C  CA    . VAL A 1 61  ? -3.617  -0.743  -2.648  1.00 7.22  ? 69  VAL A CA    1 
ATOM   469  C  C     . VAL A 1 61  ? -2.446  0.014   -2.003  1.00 7.29  ? 69  VAL A C     1 
ATOM   470  O  O     . VAL A 1 61  ? -2.519  0.450   -0.836  1.00 7.41  ? 69  VAL A O     1 
ATOM   471  C  CB    . VAL A 1 61  ? -4.524  0.264   -3.345  1.00 7.88  ? 69  VAL A CB    1 
ATOM   472  C  CG1   . VAL A 1 61  ? -5.580  -0.475  -4.192  1.00 10.05 ? 69  VAL A CG1   1 
ATOM   473  C  CG2   . VAL A 1 61  ? -5.205  1.134   -2.357  1.00 10.96 ? 69  VAL A CG2   1 
ATOM   474  N  N     . VAL A 1 62  ? -1.376  0.148   -2.752  1.00 6.98  ? 70  VAL A N     1 
ATOM   475  C  CA    . VAL A 1 62  ? -0.201  0.873   -2.256  1.00 7.89  ? 70  VAL A CA    1 
ATOM   476  C  C     . VAL A 1 62  ? 0.113   1.936   -3.246  1.00 8.01  ? 70  VAL A C     1 
ATOM   477  O  O     . VAL A 1 62  ? 0.153   1.653   -4.446  1.00 8.84  ? 70  VAL A O     1 
ATOM   478  C  CB    . VAL A 1 62  ? 1.060   -0.040  -2.171  1.00 9.28  ? 70  VAL A CB    1 
ATOM   479  C  CG1   . VAL A 1 62  ? 2.299   0.836   -1.790  1.00 11.89 ? 70  VAL A CG1   1 
ATOM   480  C  CG2   . VAL A 1 62  ? 0.884   -1.119  -1.130  1.00 11.59 ? 70  VAL A CG2   1 
ATOM   481  N  N     . SER A 1 63  ? 0.391   3.137   -2.749  1.00 7.47  ? 71  SER A N     1 
ATOM   482  C  CA    . SER A 1 63  ? 0.869   4.234   -3.575  1.00 8.36  ? 71  SER A CA    1 
ATOM   483  C  C     . SER A 1 63  ? 2.365   4.434   -3.353  1.00 8.36  ? 71  SER A C     1 
ATOM   484  O  O     . SER A 1 63  ? 2.815   4.629   -2.210  1.00 8.23  ? 71  SER A O     1 
ATOM   485  C  CB    . SER A 1 63  ? 0.107   5.498   -3.197  1.00 10.46 ? 71  SER A CB    1 
ATOM   486  O  OG    . SER A 1 63  ? 0.529   6.566   -4.014  1.00 17.77 ? 71  SER A OG    1 
ATOM   487  N  N     . ILE A 1 64  ? 3.143   4.387   -4.426  1.00 6.82  ? 72  ILE A N     1 
ATOM   488  C  CA    . ILE A 1 64  ? 4.595   4.710   -4.343  1.00 8.21  ? 72  ILE A CA    1 
ATOM   489  C  C     . ILE A 1 64  ? 4.798   6.036   -5.035  1.00 7.16  ? 72  ILE A C     1 
ATOM   490  O  O     . ILE A 1 64  ? 4.378   6.211   -6.194  1.00 7.43  ? 72  ILE A O     1 
ATOM   491  C  CB    . ILE A 1 64  ? 5.444   3.612   -5.009  1.00 7.90  ? 72  ILE A CB    1 
ATOM   492  C  CG1   A ILE A 1 64  ? 5.244   2.299   -4.220  0.50 8.23  ? 72  ILE A CG1   1 
ATOM   493  C  CG1   B ILE A 1 64  ? 5.100   2.225   -4.431  0.50 9.23  ? 72  ILE A CG1   1 
ATOM   494  C  CG2   . ILE A 1 64  ? 6.930   4.011   -5.001  1.00 9.23  ? 72  ILE A CG2   1 
ATOM   495  C  CD1   A ILE A 1 64  ? 6.060   1.079   -4.707  0.50 6.29  ? 72  ILE A CD1   1 
ATOM   496  C  CD1   B ILE A 1 64  ? 5.677   1.936   -3.080  0.50 9.96  ? 72  ILE A CD1   1 
ATOM   497  N  N     . GLY A 1 65  ? 5.389   6.988   -4.329  1.00 6.83  ? 73  GLY A N     1 
ATOM   498  C  CA    . GLY A 1 65  ? 5.521   8.321   -4.864  1.00 7.22  ? 73  GLY A CA    1 
ATOM   499  C  C     . GLY A 1 65  ? 6.890   8.874   -4.594  1.00 6.77  ? 73  GLY A C     1 
ATOM   500  O  O     . GLY A 1 65  ? 7.756   8.161   -4.082  1.00 7.18  ? 73  GLY A O     1 
ATOM   501  N  N     . TRP A 1 66  ? 7.113   10.129  -4.982  1.00 7.51  ? 74  TRP A N     1 
ATOM   502  C  CA    . TRP A 1 66  ? 8.365   10.801  -4.671  1.00 9.14  ? 74  TRP A CA    1 
ATOM   503  C  C     . TRP A 1 66  ? 8.143   11.587  -3.384  1.00 12.01 ? 74  TRP A C     1 
ATOM   504  O  O     . TRP A 1 66  ? 7.067   12.160  -3.178  1.00 12.64 ? 74  TRP A O     1 
ATOM   505  C  CB    . TRP A 1 66  ? 8.785   11.737  -5.783  1.00 9.25  ? 74  TRP A CB    1 
ATOM   506  C  CG    . TRP A 1 66  ? 9.148   11.005  -7.031  1.00 8.43  ? 74  TRP A CG    1 
ATOM   507  C  CD1   . TRP A 1 66  ? 8.425   10.958  -8.200  1.00 11.10 ? 74  TRP A CD1   1 
ATOM   508  C  CD2   . TRP A 1 66  ? 10.302  10.209  -7.238  1.00 9.76  ? 74  TRP A CD2   1 
ATOM   509  N  NE1   . TRP A 1 66  ? 9.078   10.175  -9.122  1.00 10.75 ? 74  TRP A NE1   1 
ATOM   510  C  CE2   . TRP A 1 66  ? 10.232  9.699   -8.560  1.00 11.92 ? 74  TRP A CE2   1 
ATOM   511  C  CE3   . TRP A 1 66  ? 11.413  9.876   -6.446  1.00 10.02 ? 74  TRP A CE3   1 
ATOM   512  C  CZ2   . TRP A 1 66  ? 11.227  8.881   -9.101  1.00 13.28 ? 74  TRP A CZ2   1 
ATOM   513  C  CZ3   . TRP A 1 66  ? 12.406  9.057   -6.986  1.00 13.66 ? 74  TRP A CZ3   1 
ATOM   514  C  CH2   . TRP A 1 66  ? 12.305  8.572   -8.308  1.00 13.53 ? 74  TRP A CH2   1 
ATOM   515  N  N     . ASN A 1 67  ? 9.140   11.542  -2.514  1.00 13.71 ? 75  ASN A N     1 
ATOM   516  C  CA    . ASN A 1 67  ? 9.136   12.385  -1.319  1.00 16.36 ? 75  ASN A CA    1 
ATOM   517  C  C     . ASN A 1 67  ? 9.782   13.731  -1.627  1.00 17.25 ? 75  ASN A C     1 
ATOM   518  O  O     . ASN A 1 67  ? 11.000  13.793  -1.893  1.00 18.02 ? 75  ASN A O     1 
ATOM   519  C  CB    . ASN A 1 67  ? 9.884   11.706  -0.166  1.00 16.41 ? 75  ASN A CB    1 
ATOM   520  C  CG    . ASN A 1 67  ? 9.653   12.408  1.171   1.00 19.11 ? 75  ASN A CG    1 
ATOM   521  O  OD1   . ASN A 1 67  ? 9.332   13.588  1.216   1.00 21.76 ? 75  ASN A OD1   1 
ATOM   522  N  ND2   . ASN A 1 67  ? 9.806   11.665  2.259   1.00 19.94 ? 75  ASN A ND2   1 
ATOM   523  N  N     . PRO A 1 68  ? 8.987   14.799  -1.558  1.00 18.01 ? 76  PRO A N     1 
ATOM   524  C  CA    . PRO A 1 68  ? 9.525   16.176  -1.685  1.00 20.07 ? 76  PRO A CA    1 
ATOM   525  C  C     . PRO A 1 68  ? 10.624  16.565  -0.640  1.00 21.74 ? 76  PRO A C     1 
ATOM   526  O  O     . PRO A 1 68  ? 11.539  17.355  -0.910  1.00 22.98 ? 76  PRO A O     1 
ATOM   527  C  CB    . PRO A 1 68  ? 8.268   17.059  -1.519  1.00 19.55 ? 76  PRO A CB    1 
ATOM   528  C  CG    . PRO A 1 68  ? 7.077   16.125  -1.858  1.00 19.26 ? 76  PRO A CG    1 
ATOM   529  C  CD    . PRO A 1 68  ? 7.519   14.774  -1.359  1.00 17.75 ? 76  PRO A CD    1 
ATOM   530  N  N     . TYR A 1 69  ? 10.559  15.964  0.535   1.00 23.65 ? 77  TYR A N     1 
ATOM   531  C  CA    . TYR A 1 69  ? 11.204  16.527  1.723   1.00 24.62 ? 77  TYR A CA    1 
ATOM   532  C  C     . TYR A 1 69  ? 12.564  15.952  2.153   1.00 25.59 ? 77  TYR A C     1 
ATOM   533  O  O     . TYR A 1 69  ? 13.210  16.534  3.029   1.00 26.04 ? 77  TYR A O     1 
ATOM   534  C  CB    . TYR A 1 69  ? 10.246  16.482  2.923   1.00 24.46 ? 77  TYR A CB    1 
ATOM   535  C  CG    . TYR A 1 69  ? 8.831   16.997  2.708   1.00 23.96 ? 77  TYR A CG    1 
ATOM   536  C  CD1   . TYR A 1 69  ? 8.573   18.339  2.434   1.00 24.60 ? 77  TYR A CD1   1 
ATOM   537  C  CD2   . TYR A 1 69  ? 7.746   16.136  2.837   1.00 25.94 ? 77  TYR A CD2   1 
ATOM   538  C  CE1   . TYR A 1 69  ? 7.269   18.791  2.274   1.00 24.51 ? 77  TYR A CE1   1 
ATOM   539  C  CE2   . TYR A 1 69  ? 6.452   16.575  2.686   1.00 23.87 ? 77  TYR A CE2   1 
ATOM   540  C  CZ    . TYR A 1 69  ? 6.216   17.889  2.408   1.00 24.67 ? 77  TYR A CZ    1 
ATOM   541  O  OH    . TYR A 1 69  ? 4.905   18.281  2.249   1.00 26.50 ? 77  TYR A OH    1 
ATOM   542  N  N     . TYR A 1 70  ? 13.014  14.828  1.597   1.00 25.91 ? 78  TYR A N     1 
ATOM   543  C  CA    . TYR A 1 70  ? 14.344  14.351  1.997   1.00 27.15 ? 78  TYR A CA    1 
ATOM   544  C  C     . TYR A 1 70  ? 15.387  14.674  0.942   1.00 28.00 ? 78  TYR A C     1 
ATOM   545  O  O     . TYR A 1 70  ? 15.051  14.761  -0.244  1.00 28.39 ? 78  TYR A O     1 
ATOM   546  C  CB    . TYR A 1 70  ? 14.376  12.850  2.267   1.00 27.49 ? 78  TYR A CB    1 
ATOM   547  C  CG    . TYR A 1 70  ? 13.459  12.356  3.365   1.00 27.85 ? 78  TYR A CG    1 
ATOM   548  C  CD1   . TYR A 1 70  ? 13.048  13.201  4.412   1.00 28.32 ? 78  TYR A CD1   1 
ATOM   549  C  CD2   . TYR A 1 70  ? 13.006  11.026  3.356   1.00 28.36 ? 78  TYR A CD2   1 
ATOM   550  C  CE1   . TYR A 1 70  ? 12.203  12.719  5.420   1.00 28.93 ? 78  TYR A CE1   1 
ATOM   551  C  CE2   . TYR A 1 70  ? 12.172  10.538  4.358   1.00 28.56 ? 78  TYR A CE2   1 
ATOM   552  C  CZ    . TYR A 1 70  ? 11.773  11.389  5.388   1.00 27.33 ? 78  TYR A CZ    1 
ATOM   553  O  OH    . TYR A 1 70  ? 10.939  10.900  6.359   1.00 27.12 ? 78  TYR A OH    1 
ATOM   554  N  N     . LYS A 1 71  ? 16.648  14.845  1.360   1.00 28.68 ? 79  LYS A N     1 
ATOM   555  C  CA    . LYS A 1 71  ? 17.719  15.026  0.380   1.00 29.36 ? 79  LYS A CA    1 
ATOM   556  C  C     . LYS A 1 71  ? 17.901  13.740  -0.429  1.00 29.64 ? 79  LYS A C     1 
ATOM   557  O  O     . LYS A 1 71  ? 17.538  12.636  0.024   1.00 29.42 ? 79  LYS A O     1 
ATOM   558  C  CB    . LYS A 1 71  ? 19.038  15.574  0.964   1.00 29.51 ? 79  LYS A CB    1 
ATOM   559  C  CG    . LYS A 1 71  ? 19.485  15.021  2.302   1.00 29.67 ? 79  LYS A CG    1 
ATOM   560  C  CD    . LYS A 1 71  ? 20.812  15.659  2.703   1.00 29.44 ? 79  LYS A CD    1 
ATOM   561  C  CE    . LYS A 1 71  ? 21.649  14.702  3.541   1.00 30.05 ? 79  LYS A CE    1 
ATOM   562  N  NZ    . LYS A 1 71  ? 23.107  14.861  3.284   1.00 29.21 ? 79  LYS A NZ    1 
ATOM   563  N  N     . ASN A 1 72  ? 18.426  13.910  -1.643  1.00 30.00 ? 80  ASN A N     1 
ATOM   564  C  CA    . ASN A 1 72  ? 18.424  12.867  -2.666  1.00 29.87 ? 80  ASN A CA    1 
ATOM   565  C  C     . ASN A 1 72  ? 16.981  12.572  -3.136  1.00 29.25 ? 80  ASN A C     1 
ATOM   566  O  O     . ASN A 1 72  ? 16.014  13.164  -2.626  1.00 29.76 ? 80  ASN A O     1 
ATOM   567  C  CB    . ASN A 1 72  ? 19.219  11.634  -2.186  1.00 30.23 ? 80  ASN A CB    1 
ATOM   568  C  CG    . ASN A 1 72  ? 20.468  12.023  -1.374  1.00 31.39 ? 80  ASN A CG    1 
ATOM   569  O  OD1   . ASN A 1 72  ? 21.252  12.897  -1.776  1.00 32.31 ? 80  ASN A OD1   1 
ATOM   570  N  ND2   . ASN A 1 72  ? 20.642  11.388  -0.220  1.00 33.51 ? 80  ASN A ND2   1 
ATOM   571  N  N     . THR A 1 73  ? 16.825  11.710  -4.135  1.00 28.09 ? 81  THR A N     1 
ATOM   572  C  CA    . THR A 1 73  ? 15.496  11.446  -4.689  1.00 26.31 ? 81  THR A CA    1 
ATOM   573  C  C     . THR A 1 73  ? 14.890  10.278  -3.931  1.00 24.22 ? 81  THR A C     1 
ATOM   574  O  O     . THR A 1 73  ? 15.015  9.125   -4.364  1.00 25.22 ? 81  THR A O     1 
ATOM   575  C  CB    . THR A 1 73  ? 15.565  11.093  -6.194  1.00 26.56 ? 81  THR A CB    1 
ATOM   576  O  OG1   . THR A 1 73  ? 16.796  10.413  -6.470  1.00 27.82 ? 81  THR A OG1   1 
ATOM   577  C  CG2   . THR A 1 73  ? 15.651  12.355  -7.046  1.00 27.94 ? 81  THR A CG2   1 
ATOM   578  N  N     . LYS A 1 74  ? 14.243  10.564  -2.804  1.00 20.62 ? 82  LYS A N     1 
ATOM   579  C  CA    . LYS A 1 74  ? 13.662  9.500   -1.999  1.00 16.89 ? 82  LYS A CA    1 
ATOM   580  C  C     . LYS A 1 74  ? 12.201  9.298   -2.343  1.00 14.17 ? 82  LYS A C     1 
ATOM   581  O  O     . LYS A 1 74  ? 11.496  10.229  -2.693  1.00 12.31 ? 82  LYS A O     1 
ATOM   582  C  CB    . LYS A 1 74  ? 13.812  9.767   -0.497  1.00 17.72 ? 82  LYS A CB    1 
ATOM   583  C  CG    . LYS A 1 74  ? 15.274  9.824   -0.003  1.00 19.06 ? 82  LYS A CG    1 
ATOM   584  C  CD    . LYS A 1 74  ? 15.948  8.449   -0.067  1.00 23.48 ? 82  LYS A CD    1 
ATOM   585  C  CE    . LYS A 1 74  ? 17.294  8.458   0.628   1.00 25.41 ? 82  LYS A CE    1 
ATOM   586  N  NZ    . LYS A 1 74  ? 18.406  8.818   -0.306  1.00 27.50 ? 82  LYS A NZ    1 
ATOM   587  N  N     . LYS A 1 75  ? 11.749  8.060   -2.204  1.00 12.29 ? 83  LYS A N     1 
ATOM   588  C  CA    . LYS A 1 75  ? 10.376  7.754   -2.473  1.00 10.00 ? 83  LYS A CA    1 
ATOM   589  C  C     . LYS A 1 75  ? 9.587   7.683   -1.190  1.00 9.60  ? 83  LYS A C     1 
ATOM   590  O  O     . LYS A 1 75  ? 10.143  7.735   -0.089  1.00 10.00 ? 83  LYS A O     1 
ATOM   591  C  CB    . LYS A 1 75  ? 10.260  6.447   -3.235  1.00 10.61 ? 83  LYS A CB    1 
ATOM   592  C  CG    . LYS A 1 75  ? 10.845  6.506   -4.658  1.00 10.82 ? 83  LYS A CG    1 
ATOM   593  C  CD    . LYS A 1 75  ? 10.703  5.138   -5.306  1.00 12.61 ? 83  LYS A CD    1 
ATOM   594  C  CE    . LYS A 1 75  ? 11.033  5.212   -6.789  1.00 14.83 ? 83  LYS A CE    1 
ATOM   595  N  NZ    . LYS A 1 75  ? 12.505  5.077   -6.984  1.00 16.74 ? 83  LYS A NZ    1 
ATOM   596  N  N     . SER A 1 76  ? 8.277   7.582   -1.350  1.00 8.53  ? 84  SER A N     1 
ATOM   597  C  CA    . SER A 1 76  ? 7.317   7.419   -0.261  1.00 7.65  ? 84  SER A CA    1 
ATOM   598  C  C     . SER A 1 76  ? 6.465   6.202   -0.566  1.00 7.74  ? 84  SER A C     1 
ATOM   599  O  O     . SER A 1 76  ? 6.304   5.833   -1.724  1.00 7.46  ? 84  SER A O     1 
ATOM   600  C  CB    . SER A 1 76  ? 6.437   8.664   -0.207  1.00 9.37  ? 84  SER A CB    1 
ATOM   601  O  OG    . SER A 1 76  ? 5.679   8.755   -1.414  1.00 14.15 ? 84  SER A OG    1 
ATOM   602  N  N     . MET A 1 77  ? 5.902   5.561   0.450   1.00 5.72  ? 85  MET A N     1 
ATOM   603  C  CA    . MET A 1 77  ? 5.052   4.402   0.218   1.00 5.75  ? 85  MET A CA    1 
ATOM   604  C  C     . MET A 1 77  ? 3.946   4.448   1.281   1.00 7.30  ? 85  MET A C     1 
ATOM   605  O  O     . MET A 1 77  ? 4.228   4.649   2.448   1.00 7.30  ? 85  MET A O     1 
ATOM   606  C  CB    . MET A 1 77  ? 5.846   3.081   0.314   1.00 7.74  ? 85  MET A CB    1 
ATOM   607  C  CG    . MET A 1 77  ? 5.065   1.798   0.475   1.00 12.03 ? 85  MET A CG    1 
ATOM   608  S  SD    A MET A 1 77  ? 6.012   0.240   0.038   0.50 15.42 ? 85  MET A SD    1 
ATOM   609  S  SD    B MET A 1 77  ? 6.312   0.529   0.874   0.50 16.86 ? 85  MET A SD    1 
ATOM   610  C  CE    A MET A 1 77  ? 7.591   0.875   0.343   0.50 2.00  ? 85  MET A CE    1 
ATOM   611  C  CE    B MET A 1 77  ? 5.236   -0.885  0.588   0.50 15.97 ? 85  MET A CE    1 
ATOM   612  N  N     . GLU A 1 78  ? 2.705   4.222   0.856   1.00 6.54  ? 86  GLU A N     1 
ATOM   613  C  CA    . GLU A 1 78  ? 1.585   4.256   1.780   1.00 7.69  ? 86  GLU A CA    1 
ATOM   614  C  C     . GLU A 1 78  ? 0.558   3.221   1.322   1.00 7.85  ? 86  GLU A C     1 
ATOM   615  O  O     . GLU A 1 78  ? 0.349   3.036   0.113   1.00 9.55  ? 86  GLU A O     1 
ATOM   616  C  CB    . GLU A 1 78  ? 1.024   5.665   1.893   1.00 9.66  ? 86  GLU A CB    1 
ATOM   617  C  CG    . GLU A 1 78  ? 0.237   6.111   0.701   1.00 11.31 ? 86  GLU A CG    1 
ATOM   618  C  CD    . GLU A 1 78  ? -0.318  7.527   0.873   1.00 18.53 ? 86  GLU A CD    1 
ATOM   619  O  OE1   . GLU A 1 78  ? -0.022  8.207   1.897   1.00 17.40 ? 86  GLU A OE1   1 
ATOM   620  O  OE2   . GLU A 1 78  ? -1.037  7.967   -0.056  1.00 22.47 ? 86  GLU A OE2   1 
ATOM   621  N  N     . THR A 1 79  ? -0.008  2.507   2.293   1.00 6.18  ? 87  THR A N     1 
ATOM   622  C  CA    . THR A 1 79  ? -0.878  1.367   1.981   1.00 6.46  ? 87  THR A CA    1 
ATOM   623  C  C     . THR A 1 79  ? -2.245  1.585   2.569   1.00 5.23  ? 87  THR A C     1 
ATOM   624  O  O     . THR A 1 79  ? -2.346  1.886   3.769   1.00 5.63  ? 87  THR A O     1 
ATOM   625  C  CB    . THR A 1 79  ? -0.253  0.114   2.664   1.00 6.26  ? 87  THR A CB    1 
ATOM   626  O  OG1   . THR A 1 79  ? 1.051   -0.128  2.074   1.00 7.64  ? 87  THR A OG1   1 
ATOM   627  C  CG2   . THR A 1 79  ? -1.113  -1.132  2.362   1.00 8.78  ? 87  THR A CG2   1 
ATOM   628  N  N     . HIS A 1 80  ? -3.280  1.438   1.756   1.00 5.62  ? 88  HIS A N     1 
ATOM   629  C  CA    . HIS A 1 80  ? -4.632  1.466   2.288   1.00 5.27  ? 88  HIS A CA    1 
ATOM   630  C  C     . HIS A 1 80  ? -5.122  0.030   2.205   1.00 6.17  ? 88  HIS A C     1 
ATOM   631  O  O     . HIS A 1 80  ? -5.102  -0.567  1.109   1.00 6.44  ? 88  HIS A O     1 
ATOM   632  C  CB    . HIS A 1 80  ? -5.563  2.307   1.398   1.00 5.13  ? 88  HIS A CB    1 
ATOM   633  C  CG    . HIS A 1 80  ? -7.011  2.114   1.745   1.00 6.61  ? 88  HIS A CG    1 
ATOM   634  N  ND1   . HIS A 1 80  ? -7.538  2.497   2.953   1.00 6.06  ? 88  HIS A ND1   1 
ATOM   635  C  CD2   . HIS A 1 80  ? -8.021  1.493   1.072   1.00 7.82  ? 88  HIS A CD2   1 
ATOM   636  C  CE1   . HIS A 1 80  ? -8.817  2.154   3.008   1.00 6.01  ? 88  HIS A CE1   1 
ATOM   637  N  NE2   . HIS A 1 80  ? -9.139  1.561   1.869   1.00 7.45  ? 88  HIS A NE2   1 
ATOM   638  N  N     . ILE A 1 81  ? -5.572  -0.516  3.338   1.00 6.50  ? 89  ILE A N     1 
ATOM   639  C  CA    . ILE A 1 81  ? -6.079  -1.893  3.382   1.00 6.20  ? 89  ILE A CA    1 
ATOM   640  C  C     . ILE A 1 81  ? -7.611  -1.872  3.208   1.00 6.47  ? 89  ILE A C     1 
ATOM   641  O  O     . ILE A 1 81  ? -8.286  -1.091  3.864   1.00 6.87  ? 89  ILE A O     1 
ATOM   642  C  CB    . ILE A 1 81  ? -5.691  -2.559  4.687   1.00 6.68  ? 89  ILE A CB    1 
ATOM   643  C  CG1   . ILE A 1 81  ? -4.166  -2.550  4.869   1.00 6.20  ? 89  ILE A CG1   1 
ATOM   644  C  CG2   . ILE A 1 81  ? -6.155  -4.035  4.714   1.00 5.29  ? 89  ILE A CG2   1 
ATOM   645  C  CD1   . ILE A 1 81  ? -3.710  -2.977  6.304   1.00 10.27 ? 89  ILE A CD1   1 
ATOM   646  N  N     . MET A 1 82  ? -8.149  -2.770  2.376   1.00 6.13  ? 90  MET A N     1 
ATOM   647  C  CA    . MET A 1 82  ? -9.591  -2.839  2.155   1.00 7.40  ? 90  MET A CA    1 
ATOM   648  C  C     . MET A 1 82  ? -10.174 -3.763  3.217   1.00 7.22  ? 90  MET A C     1 
ATOM   649  O  O     . MET A 1 82  ? -10.564 -4.920  2.946   1.00 7.68  ? 90  MET A O     1 
ATOM   650  C  CB    . MET A 1 82  ? -9.908  -3.348  0.740   1.00 7.81  ? 90  MET A CB    1 
ATOM   651  C  CG    . MET A 1 82  ? -9.821  -2.217  -0.308  1.00 9.43  ? 90  MET A CG    1 
ATOM   652  S  SD    . MET A 1 82  ? -8.110  -1.968  -0.922  1.00 10.50 ? 90  MET A SD    1 
ATOM   653  C  CE    . MET A 1 82  ? -8.165  -3.138  -2.355  1.00 8.05  ? 90  MET A CE    1 
ATOM   654  N  N     . HIS A 1 83  ? -10.204 -3.222  4.429   1.00 6.92  ? 91  HIS A N     1 
ATOM   655  C  CA    . HIS A 1 83  ? -10.761 -3.875  5.593   1.00 6.93  ? 91  HIS A CA    1 
ATOM   656  C  C     . HIS A 1 83  ? -11.064 -2.779  6.597   1.00 7.54  ? 91  HIS A C     1 
ATOM   657  O  O     . HIS A 1 83  ? -10.270 -1.858  6.773   1.00 6.90  ? 91  HIS A O     1 
ATOM   658  C  CB    . HIS A 1 83  ? -9.722  -4.807  6.234   1.00 7.27  ? 91  HIS A CB    1 
ATOM   659  C  CG    . HIS A 1 83  ? -10.252 -5.516  7.438   1.00 7.82  ? 91  HIS A CG    1 
ATOM   660  N  ND1   . HIS A 1 83  ? -11.307 -6.405  7.367   1.00 11.22 ? 91  HIS A ND1   1 
ATOM   661  C  CD2   . HIS A 1 83  ? -9.930  -5.411  8.745   1.00 9.23  ? 91  HIS A CD2   1 
ATOM   662  C  CE1   . HIS A 1 83  ? -11.591 -6.841  8.581   1.00 10.45 ? 91  HIS A CE1   1 
ATOM   663  N  NE2   . HIS A 1 83  ? -10.762 -6.259  9.433   1.00 11.75 ? 91  HIS A NE2   1 
ATOM   664  N  N     . THR A 1 84  ? -12.190 -2.885  7.280   1.00 8.61  ? 92  THR A N     1 
ATOM   665  C  CA    . THR A 1 84  ? -12.495 -1.919  8.337   1.00 10.39 ? 92  THR A CA    1 
ATOM   666  C  C     . THR A 1 84  ? -11.934 -2.390  9.666   1.00 11.21 ? 92  THR A C     1 
ATOM   667  O  O     . THR A 1 84  ? -12.369 -3.411  10.206  1.00 12.30 ? 92  THR A O     1 
ATOM   668  C  CB    . THR A 1 84  ? -14.006 -1.697  8.441   1.00 10.71 ? 92  THR A CB    1 
ATOM   669  O  OG1   . THR A 1 84  ? -14.508 -1.224  7.189   1.00 13.53 ? 92  THR A OG1   1 
ATOM   670  C  CG2   . THR A 1 84  ? -14.305 -0.568  9.411   1.00 11.80 ? 92  THR A CG2   1 
ATOM   671  N  N     . PHE A 1 85  ? -10.962 -1.644  10.179  1.00 12.50 ? 93  PHE A N     1 
ATOM   672  C  CA    . PHE A 1 85  ? -10.339 -1.914  11.460  1.00 13.46 ? 93  PHE A CA    1 
ATOM   673  C  C     . PHE A 1 85  ? -11.087 -1.142  12.539  1.00 15.23 ? 93  PHE A C     1 
ATOM   674  O  O     . PHE A 1 85  ? -11.548 -0.015  12.304  1.00 16.89 ? 93  PHE A O     1 
ATOM   675  C  CB    . PHE A 1 85  ? -8.863  -1.498  11.434  1.00 12.63 ? 93  PHE A CB    1 
ATOM   676  C  CG    . PHE A 1 85  ? -7.993  -2.401  10.591  1.00 11.67 ? 93  PHE A CG    1 
ATOM   677  C  CD1   . PHE A 1 85  ? -7.856  -2.160  9.231   1.00 11.04 ? 93  PHE A CD1   1 
ATOM   678  C  CD2   . PHE A 1 85  ? -7.329  -3.498  11.163  1.00 12.43 ? 93  PHE A CD2   1 
ATOM   679  C  CE1   . PHE A 1 85  ? -7.052  -2.975  8.418   1.00 11.16 ? 93  PHE A CE1   1 
ATOM   680  C  CE2   . PHE A 1 85  ? -6.533  -4.346  10.368  1.00 12.64 ? 93  PHE A CE2   1 
ATOM   681  C  CZ    . PHE A 1 85  ? -6.401  -4.076  8.974   1.00 11.47 ? 93  PHE A CZ    1 
ATOM   682  N  N     . LYS A 1 86  ? -11.188 -1.738  13.713  1.00 17.38 ? 94  LYS A N     1 
ATOM   683  C  CA    . LYS A 1 86  ? -11.913 -1.122  14.817  1.00 18.96 ? 94  LYS A CA    1 
ATOM   684  C  C     . LYS A 1 86  ? -11.005 -0.175  15.601  1.00 19.00 ? 94  LYS A C     1 
ATOM   685  O  O     . LYS A 1 86  ? -11.478 0.661   16.356  1.00 19.21 ? 94  LYS A O     1 
ATOM   686  C  CB    . LYS A 1 86  ? -12.551 -2.185  15.729  1.00 19.45 ? 94  LYS A CB    1 
ATOM   687  C  CG    . LYS A 1 86  ? -11.581 -3.167  16.409  1.00 22.83 ? 94  LYS A CG    1 
ATOM   688  C  CD    . LYS A 1 86  ? -11.585 -3.021  17.939  1.00 29.05 ? 94  LYS A CD    1 
ATOM   689  C  CE    . LYS A 1 86  ? -12.246 -4.210  18.642  1.00 30.71 ? 94  LYS A CE    1 
ATOM   690  N  NZ    . LYS A 1 86  ? -13.401 -4.753  17.853  1.00 32.98 ? 94  LYS A NZ    1 
ATOM   691  N  N     . GLU A 1 87  ? -9.698  -0.279  15.367  1.00 18.57 ? 95  GLU A N     1 
ATOM   692  C  CA    . GLU A 1 87  ? -8.700  0.401   16.173  1.00 18.19 ? 95  GLU A CA    1 
ATOM   693  C  C     . GLU A 1 87  ? -7.552  0.767   15.248  1.00 17.21 ? 95  GLU A C     1 
ATOM   694  O  O     . GLU A 1 87  ? -7.285  0.027   14.308  1.00 16.95 ? 95  GLU A O     1 
ATOM   695  C  CB    . GLU A 1 87  ? -8.209  -0.599  17.208  1.00 19.44 ? 95  GLU A CB    1 
ATOM   696  C  CG    . GLU A 1 87  ? -7.232  -0.087  18.227  1.00 24.10 ? 95  GLU A CG    1 
ATOM   697  C  CD    . GLU A 1 87  ? -7.458  -0.748  19.569  1.00 29.44 ? 95  GLU A CD    1 
ATOM   698  O  OE1   . GLU A 1 87  ? -7.019  -1.907  19.734  1.00 31.84 ? 95  GLU A OE1   1 
ATOM   699  O  OE2   . GLU A 1 87  ? -8.094  -0.119  20.441  1.00 31.88 ? 95  GLU A OE2   1 
ATOM   700  N  N     . ASP A 1 88  ? -6.872  1.881   15.505  1.00 15.73 ? 96  ASP A N     1 
ATOM   701  C  CA    . ASP A 1 88  ? -5.612  2.143   14.788  1.00 14.15 ? 96  ASP A CA    1 
ATOM   702  C  C     . ASP A 1 88  ? -4.581  1.078   15.131  1.00 12.73 ? 96  ASP A C     1 
ATOM   703  O  O     . ASP A 1 88  ? -4.702  0.381   16.150  1.00 13.54 ? 96  ASP A O     1 
ATOM   704  C  CB    . ASP A 1 88  ? -5.058  3.507   15.148  1.00 14.41 ? 96  ASP A CB    1 
ATOM   705  C  CG    . ASP A 1 88  ? -5.768  4.626   14.440  1.00 17.16 ? 96  ASP A CG    1 
ATOM   706  O  OD1   . ASP A 1 88  ? -6.537  4.386   13.476  1.00 16.03 ? 96  ASP A OD1   1 
ATOM   707  O  OD2   . ASP A 1 88  ? -5.610  5.804   14.808  1.00 21.15 ? 96  ASP A OD2   1 
ATOM   708  N  N     . PHE A 1 89  ? -3.540  0.983   14.310  1.00 10.63 ? 97  PHE A N     1 
ATOM   709  C  CA    . PHE A 1 89  ? -2.499  -0.008  14.531  1.00 10.07 ? 97  PHE A CA    1 
ATOM   710  C  C     . PHE A 1 89  ? -1.087  0.545   14.395  1.00 9.27  ? 97  PHE A C     1 
ATOM   711  O  O     . PHE A 1 89  ? -0.190  -0.081  13.853  1.00 9.06  ? 97  PHE A O     1 
ATOM   712  C  CB    . PHE A 1 89  ? -2.732  -1.280  13.661  1.00 9.91  ? 97  PHE A CB    1 
ATOM   713  C  CG    . PHE A 1 89  ? -3.052  -1.017  12.195  1.00 8.93  ? 97  PHE A CG    1 
ATOM   714  C  CD1   . PHE A 1 89  ? -2.027  -0.854  11.241  1.00 6.07  ? 97  PHE A CD1   1 
ATOM   715  C  CD2   . PHE A 1 89  ? -4.383  -1.030  11.759  1.00 8.27  ? 97  PHE A CD2   1 
ATOM   716  C  CE1   . PHE A 1 89  ? -2.326  -0.658  9.874   1.00 8.32  ? 97  PHE A CE1   1 
ATOM   717  C  CE2   . PHE A 1 89  ? -4.687  -0.828  10.396  1.00 9.09  ? 97  PHE A CE2   1 
ATOM   718  C  CZ    . PHE A 1 89  ? -3.645  -0.650  9.449   1.00 7.42  ? 97  PHE A CZ    1 
ATOM   719  N  N     . TYR A 1 90  ? -0.876  1.746   14.922  1.00 9.43  ? 98  TYR A N     1 
ATOM   720  C  CA    . TYR A 1 90  ? 0.467   2.307   14.953  1.00 9.30  ? 98  TYR A CA    1 
ATOM   721  C  C     . TYR A 1 90  ? 1.385   1.418   15.752  1.00 10.15 ? 98  TYR A C     1 
ATOM   722  O  O     . TYR A 1 90  ? 1.005   0.888   16.815  1.00 9.57  ? 98  TYR A O     1 
ATOM   723  C  CB    . TYR A 1 90  ? 0.454   3.737   15.520  1.00 10.13 ? 98  TYR A CB    1 
ATOM   724  C  CG    . TYR A 1 90  ? -0.162  4.714   14.551  1.00 8.48  ? 98  TYR A CG    1 
ATOM   725  C  CD1   . TYR A 1 90  ? 0.556   5.189   13.432  1.00 8.67  ? 98  TYR A CD1   1 
ATOM   726  C  CD2   . TYR A 1 90  ? -1.487  5.150   14.715  1.00 9.62  ? 98  TYR A CD2   1 
ATOM   727  C  CE1   . TYR A 1 90  ? -0.035  6.084   12.536  1.00 6.81  ? 98  TYR A CE1   1 
ATOM   728  C  CE2   . TYR A 1 90  ? -2.112  6.056   13.786  1.00 7.40  ? 98  TYR A CE2   1 
ATOM   729  C  CZ    . TYR A 1 90  ? -1.352  6.521   12.713  1.00 7.41  ? 98  TYR A CZ    1 
ATOM   730  O  OH    . TYR A 1 90  ? -1.902  7.397   11.806  1.00 7.31  ? 98  TYR A OH    1 
ATOM   731  N  N     . GLY A 1 91  ? 2.586   1.242   15.235  1.00 10.16 ? 99  GLY A N     1 
ATOM   732  C  CA    . GLY A 1 91  ? 3.599   0.494   15.961  1.00 11.28 ? 99  GLY A CA    1 
ATOM   733  C  C     . GLY A 1 91  ? 3.531   -0.996  15.647  1.00 11.47 ? 99  GLY A C     1 
ATOM   734  O  O     . GLY A 1 91  ? 4.492   -1.728  15.911  1.00 13.37 ? 99  GLY A O     1 
ATOM   735  N  N     . GLU A 1 92  ? 2.401   -1.455  15.095  1.00 11.51 ? 100 GLU A N     1 
ATOM   736  C  CA    . GLU A 1 92  ? 2.242   -2.877  14.756  1.00 11.33 ? 100 GLU A CA    1 
ATOM   737  C  C     . GLU A 1 92  ? 2.984   -3.138  13.464  1.00 10.01 ? 100 GLU A C     1 
ATOM   738  O  O     . GLU A 1 92  ? 3.327   -2.202  12.726  1.00 10.19 ? 100 GLU A O     1 
ATOM   739  C  CB    . GLU A 1 92  ? 0.772   -3.257  14.564  1.00 12.08 ? 100 GLU A CB    1 
ATOM   740  C  CG    . GLU A 1 92  ? -0.093  -3.136  15.819  1.00 17.41 ? 100 GLU A CG    1 
ATOM   741  C  CD    . GLU A 1 92  ? 0.316   -4.124  16.868  1.00 26.59 ? 100 GLU A CD    1 
ATOM   742  O  OE1   . GLU A 1 92  ? 0.000   -5.334  16.706  1.00 32.67 ? 100 GLU A OE1   1 
ATOM   743  O  OE2   . GLU A 1 92  ? 0.974   -3.707  17.849  1.00 32.58 ? 100 GLU A OE2   1 
ATOM   744  N  N     . ILE A 1 93  ? 3.247   -4.404  13.178  1.00 8.86  ? 101 ILE A N     1 
ATOM   745  C  CA    . ILE A 1 93  ? 3.929   -4.721  11.913  1.00 7.50  ? 101 ILE A CA    1 
ATOM   746  C  C     . ILE A 1 93  ? 2.970   -4.951  10.747  1.00 8.24  ? 101 ILE A C     1 
ATOM   747  O  O     . ILE A 1 93  ? 2.127   -5.856  10.788  1.00 10.07 ? 101 ILE A O     1 
ATOM   748  C  CB    . ILE A 1 93  ? 4.882   -5.952  12.050  1.00 7.98  ? 101 ILE A CB    1 
ATOM   749  C  CG1   . ILE A 1 93  ? 5.901   -5.746  13.193  1.00 6.65  ? 101 ILE A CG1   1 
ATOM   750  C  CG2   . ILE A 1 93  ? 5.547   -6.258  10.710  1.00 8.71  ? 101 ILE A CG2   1 
ATOM   751  C  CD1   . ILE A 1 93  ? 6.527   -4.379  13.197  1.00 8.60  ? 101 ILE A CD1   1 
ATOM   752  N  N     . LEU A 1 94  ? 3.114   -4.150  9.702   1.00 6.82  ? 102 LEU A N     1 
ATOM   753  C  CA    . LEU A 1 94  ? 2.305   -4.364  8.510   1.00 8.05  ? 102 LEU A CA    1 
ATOM   754  C  C     . LEU A 1 94  ? 3.108   -5.246  7.542   1.00 8.35  ? 102 LEU A C     1 
ATOM   755  O  O     . LEU A 1 94  ? 4.247   -4.925  7.179   1.00 8.60  ? 102 LEU A O     1 
ATOM   756  C  CB    . LEU A 1 94  ? 1.933   -2.992  7.914   1.00 8.74  ? 102 LEU A CB    1 
ATOM   757  C  CG    . LEU A 1 94  ? 1.437   -2.932  6.471   1.00 8.92  ? 102 LEU A CG    1 
ATOM   758  C  CD1   . LEU A 1 94  ? 0.070   -3.603  6.463   1.00 7.85  ? 102 LEU A CD1   1 
ATOM   759  C  CD2   . LEU A 1 94  ? 1.343   -1.475  6.007   1.00 11.63 ? 102 LEU A CD2   1 
ATOM   760  N  N     . ASN A 1 95  ? 2.490   -6.342  7.110   1.00 7.02  ? 103 ASN A N     1 
ATOM   761  C  CA    . ASN A 1 95  ? 3.078   -7.260  6.157   1.00 6.22  ? 103 ASN A CA    1 
ATOM   762  C  C     . ASN A 1 95  ? 2.449   -7.083  4.790   1.00 7.27  ? 103 ASN A C     1 
ATOM   763  O  O     . ASN A 1 95  ? 1.232   -7.218  4.654   1.00 6.18  ? 103 ASN A O     1 
ATOM   764  C  CB    . ASN A 1 95  ? 2.825   -8.715  6.635   1.00 6.66  ? 103 ASN A CB    1 
ATOM   765  C  CG    . ASN A 1 95  ? 3.163   -8.920  8.103   1.00 8.85  ? 103 ASN A CG    1 
ATOM   766  O  OD1   . ASN A 1 95  ? 4.337   -8.891  8.486   1.00 10.16 ? 103 ASN A OD1   1 
ATOM   767  N  ND2   . ASN A 1 95  ? 2.147   -9.082  8.942   1.00 9.56  ? 103 ASN A ND2   1 
ATOM   768  N  N     . VAL A 1 96  ? 3.256   -6.762  3.788   1.00 6.63  ? 104 VAL A N     1 
ATOM   769  C  CA    . VAL A 1 96  ? 2.673   -6.541  2.455   1.00 7.80  ? 104 VAL A CA    1 
ATOM   770  C  C     . VAL A 1 96  ? 3.264   -7.391  1.347   1.00 7.54  ? 104 VAL A C     1 
ATOM   771  O  O     . VAL A 1 96  ? 4.462   -7.682  1.342   1.00 6.89  ? 104 VAL A O     1 
ATOM   772  C  CB    . VAL A 1 96  ? 2.681   -5.034  2.003   1.00 8.92  ? 104 VAL A CB    1 
ATOM   773  C  CG1   . VAL A 1 96  ? 1.988   -4.079  3.044   1.00 7.76  ? 104 VAL A CG1   1 
ATOM   774  C  CG2   . VAL A 1 96  ? 4.035   -4.574  1.632   1.00 11.47 ? 104 VAL A CG2   1 
ATOM   775  N  N     . ALA A 1 97  ? 2.409   -7.805  0.422   1.00 6.15  ? 105 ALA A N     1 
ATOM   776  C  CA    . ALA A 1 97  ? 2.828   -8.432  -0.825  1.00 6.87  ? 105 ALA A CA    1 
ATOM   777  C  C     . ALA A 1 97  ? 2.272   -7.576  -1.953  1.00 6.99  ? 105 ALA A C     1 
ATOM   778  O  O     . ALA A 1 97  ? 1.046   -7.494  -2.118  1.00 6.96  ? 105 ALA A O     1 
ATOM   779  C  CB    . ALA A 1 97  ? 2.281   -9.874  -0.921  1.00 7.59  ? 105 ALA A CB    1 
ATOM   780  N  N     . ILE A 1 98  ? 3.151   -6.885  -2.668  1.00 6.15  ? 106 ILE A N     1 
ATOM   781  C  CA    . ILE A 1 98  ? 2.736   -5.996  -3.763  1.00 7.18  ? 106 ILE A CA    1 
ATOM   782  C  C     . ILE A 1 98  ? 2.732   -6.884  -4.995  1.00 7.55  ? 106 ILE A C     1 
ATOM   783  O  O     . ILE A 1 98  ? 3.770   -7.437  -5.368  1.00 7.25  ? 106 ILE A O     1 
ATOM   784  C  CB    . ILE A 1 98  ? 3.735   -4.844  -3.966  1.00 7.74  ? 106 ILE A CB    1 
ATOM   785  C  CG1   . ILE A 1 98  ? 3.994   -4.084  -2.641  1.00 8.55  ? 106 ILE A CG1   1 
ATOM   786  C  CG2   . ILE A 1 98  ? 3.273   -3.909  -5.082  1.00 10.07 ? 106 ILE A CG2   1 
ATOM   787  C  CD1   . ILE A 1 98  ? 4.991   -2.947  -2.787  1.00 9.83  ? 106 ILE A CD1   1 
ATOM   788  N  N     . VAL A 1 99  ? 1.565   -7.040  -5.617  1.00 8.37  ? 107 VAL A N     1 
ATOM   789  C  CA    . VAL A 1 99  ? 1.447   -8.057  -6.670  1.00 8.41  ? 107 VAL A CA    1 
ATOM   790  C  C     . VAL A 1 99  ? 1.292   -7.523  -8.095  1.00 8.66  ? 107 VAL A C     1 
ATOM   791  O  O     . VAL A 1 99  ? 1.671   -8.206  -9.040  1.00 9.25  ? 107 VAL A O     1 
ATOM   792  C  CB    . VAL A 1 99  ? 0.384   -9.188  -6.351  1.00 9.54  ? 107 VAL A CB    1 
ATOM   793  C  CG1   . VAL A 1 99  ? 0.526   -9.731  -4.931  1.00 9.52  ? 107 VAL A CG1   1 
ATOM   794  C  CG2   . VAL A 1 99  ? -1.006  -8.666  -6.577  1.00 10.48 ? 107 VAL A CG2   1 
ATOM   795  N  N     . GLY A 1 100 ? 0.763   -6.310  -8.260  1.00 7.76  ? 108 GLY A N     1 
ATOM   796  C  CA    . GLY A 1 100 ? 0.426   -5.805  -9.576  1.00 9.00  ? 108 GLY A CA    1 
ATOM   797  C  C     . GLY A 1 100 ? 0.474   -4.301  -9.622  1.00 9.49  ? 108 GLY A C     1 
ATOM   798  O  O     . GLY A 1 100 ? 0.379   -3.639  -8.586  1.00 8.79  ? 108 GLY A O     1 
ATOM   799  N  N     . TYR A 1 101 ? 0.663   -3.760  -10.829 1.00 9.33  ? 109 TYR A N     1 
ATOM   800  C  CA    . TYR A 1 101 ? 0.670   -2.313  -11.027 1.00 9.78  ? 109 TYR A CA    1 
ATOM   801  C  C     . TYR A 1 101 ? -0.631  -1.870  -11.660 1.00 10.33 ? 109 TYR A C     1 
ATOM   802  O  O     . TYR A 1 101 ? -1.048  -2.421  -12.675 1.00 10.44 ? 109 TYR A O     1 
ATOM   803  C  CB    . TYR A 1 101 ? 1.759   -1.991  -12.016 1.00 10.31 ? 109 TYR A CB    1 
ATOM   804  C  CG    . TYR A 1 101 ? 2.119   -0.535  -12.186 1.00 12.33 ? 109 TYR A CG    1 
ATOM   805  C  CD1   . TYR A 1 101 ? 2.695   0.179   -11.146 1.00 11.04 ? 109 TYR A CD1   1 
ATOM   806  C  CD2   . TYR A 1 101 ? 1.940   0.104   -13.415 1.00 14.30 ? 109 TYR A CD2   1 
ATOM   807  C  CE1   . TYR A 1 101 ? 3.087   1.510   -11.315 1.00 12.99 ? 109 TYR A CE1   1 
ATOM   808  C  CE2   . TYR A 1 101 ? 2.319   1.446   -13.598 1.00 14.87 ? 109 TYR A CE2   1 
ATOM   809  C  CZ    . TYR A 1 101 ? 2.896   2.130   -12.551 1.00 12.86 ? 109 TYR A CZ    1 
ATOM   810  O  OH    . TYR A 1 101 ? 3.313   3.436   -12.716 1.00 14.75 ? 109 TYR A OH    1 
ATOM   811  N  N     . LEU A 1 102 ? -1.237  -0.834  -11.103 1.00 10.17 ? 110 LEU A N     1 
ATOM   812  C  CA    . LEU A 1 102 ? -2.490  -0.281  -11.632 1.00 11.31 ? 110 LEU A CA    1 
ATOM   813  C  C     . LEU A 1 102 ? -2.289  0.836   -12.623 1.00 11.34 ? 110 LEU A C     1 
ATOM   814  O  O     . LEU A 1 102 ? -2.804  0.798   -13.761 1.00 12.19 ? 110 LEU A O     1 
ATOM   815  C  CB    . LEU A 1 102 ? -3.339  0.256   -10.465 1.00 12.45 ? 110 LEU A CB    1 
ATOM   816  C  CG    . LEU A 1 102 ? -4.479  -0.537  -9.877  1.00 14.79 ? 110 LEU A CG    1 
ATOM   817  C  CD1   . LEU A 1 102 ? -5.296  0.360   -8.962  1.00 13.71 ? 110 LEU A CD1   1 
ATOM   818  C  CD2   . LEU A 1 102 ? -5.349  -1.287  -10.912 1.00 13.00 ? 110 LEU A CD2   1 
ATOM   819  N  N     . ARG A 1 103 ? -1.545  1.854   -12.213 1.00 9.47  ? 111 ARG A N     1 
ATOM   820  C  CA    . ARG A 1 103 ? -1.351  3.034   -13.020 1.00 9.33  ? 111 ARG A CA    1 
ATOM   821  C  C     . ARG A 1 103 ? -0.204  3.916   -12.561 1.00 9.82  ? 111 ARG A C     1 
ATOM   822  O  O     . ARG A 1 103 ? 0.183   3.871   -11.367 1.00 8.38  ? 111 ARG A O     1 
ATOM   823  C  CB    . ARG A 1 103 ? -2.661  3.861   -12.998 1.00 9.54  ? 111 ARG A CB    1 
ATOM   824  C  CG    . ARG A 1 103 ? -3.001  4.477   -11.618 1.00 7.67  ? 111 ARG A CG    1 
ATOM   825  C  CD    . ARG A 1 103 ? -4.190  5.421   -11.734 1.00 7.79  ? 111 ARG A CD    1 
ATOM   826  N  NE    . ARG A 1 103 ? -4.619  5.947   -10.416 1.00 8.87  ? 111 ARG A NE    1 
ATOM   827  C  CZ    . ARG A 1 103 ? -4.068  6.976   -9.793  1.00 8.28  ? 111 ARG A CZ    1 
ATOM   828  N  NH1   . ARG A 1 103 ? -3.024  7.618   -10.321 1.00 10.91 ? 111 ARG A NH1   1 
ATOM   829  N  NH2   . ARG A 1 103 ? -4.532  7.356   -8.605  1.00 8.06  ? 111 ARG A NH2   1 
ATOM   830  N  N     . PRO A 1 104 ? 0.313   4.759   -13.467 1.00 9.38  ? 112 PRO A N     1 
ATOM   831  C  CA    . PRO A 1 104 ? 1.260   5.795   -13.085 1.00 9.87  ? 112 PRO A CA    1 
ATOM   832  C  C     . PRO A 1 104 ? 0.592   6.821   -12.202 1.00 9.86  ? 112 PRO A C     1 
ATOM   833  O  O     . PRO A 1 104 ? -0.652  6.895   -12.138 1.00 9.77  ? 112 PRO A O     1 
ATOM   834  C  CB    . PRO A 1 104 ? 1.644   6.418   -14.433 1.00 10.03 ? 112 PRO A CB    1 
ATOM   835  C  CG    . PRO A 1 104 ? 0.445   6.186   -15.270 1.00 12.12 ? 112 PRO A CG    1 
ATOM   836  C  CD    . PRO A 1 104 ? 0.033   4.797   -14.928 1.00 10.32 ? 112 PRO A CD    1 
ATOM   837  N  N     . GLU A 1 105 ? 1.401   7.612   -11.520 1.00 10.29 ? 113 GLU A N     1 
ATOM   838  C  CA    . GLU A 1 105 ? 0.878   8.773   -10.826 1.00 11.61 ? 113 GLU A CA    1 
ATOM   839  C  C     . GLU A 1 105 ? 0.233   9.716   -11.835 1.00 11.43 ? 113 GLU A C     1 
ATOM   840  O  O     . GLU A 1 105 ? 0.656   9.801   -13.010 1.00 9.68  ? 113 GLU A O     1 
ATOM   841  C  CB    . GLU A 1 105 ? 1.978   9.502   -10.072 1.00 12.75 ? 113 GLU A CB    1 
ATOM   842  C  CG    . GLU A 1 105 ? 2.348   8.741   -8.818  1.00 17.99 ? 113 GLU A CG    1 
ATOM   843  C  CD    . GLU A 1 105 ? 3.141   9.565   -7.849  1.00 21.42 ? 113 GLU A CD    1 
ATOM   844  O  OE1   . GLU A 1 105 ? 4.121   10.182  -8.297  1.00 21.97 ? 113 GLU A OE1   1 
ATOM   845  O  OE2   . GLU A 1 105 ? 2.760   9.567   -6.650  1.00 24.22 ? 113 GLU A OE2   1 
ATOM   846  N  N     . LYS A 1 106 ? -0.802  10.407  -11.372 1.00 12.22 ? 114 LYS A N     1 
ATOM   847  C  CA    . LYS A 1 106 ? -1.532  11.381  -12.190 1.00 13.06 ? 114 LYS A CA    1 
ATOM   848  C  C     . LYS A 1 106 ? -1.732  12.676  -11.409 1.00 13.14 ? 114 LYS A C     1 
ATOM   849  O  O     . LYS A 1 106 ? -1.734  12.675  -10.167 1.00 12.68 ? 114 LYS A O     1 
ATOM   850  C  CB    . LYS A 1 106 ? -2.896  10.809  -12.661 1.00 13.09 ? 114 LYS A CB    1 
ATOM   851  C  CG    . LYS A 1 106 ? -2.796  9.433   -13.358 1.00 15.61 ? 114 LYS A CG    1 
ATOM   852  C  CD    . LYS A 1 106 ? -4.133  8.843   -13.852 1.00 14.55 ? 114 LYS A CD    1 
ATOM   853  C  CE    . LYS A 1 106 ? -3.850  7.918   -15.063 1.00 18.54 ? 114 LYS A CE    1 
ATOM   854  N  NZ    . LYS A 1 106 ? -4.957  6.952   -15.372 1.00 17.15 ? 114 LYS A NZ    1 
ATOM   855  N  N     . ASN A 1 107 ? -1.900  13.781  -12.125 1.00 13.30 ? 115 ASN A N     1 
ATOM   856  C  CA    . ASN A 1 107 ? -2.229  15.056  -11.493 1.00 15.28 ? 115 ASN A CA    1 
ATOM   857  C  C     . ASN A 1 107 ? -3.737  15.216  -11.505 1.00 15.05 ? 115 ASN A C     1 
ATOM   858  O  O     . ASN A 1 107 ? -4.378  14.999  -12.528 1.00 15.34 ? 115 ASN A O     1 
ATOM   859  C  CB    . ASN A 1 107 ? -1.582  16.235  -12.246 1.00 15.14 ? 115 ASN A CB    1 
ATOM   860  C  CG    . ASN A 1 107 ? -0.081  16.240  -12.122 1.00 18.66 ? 115 ASN A CG    1 
ATOM   861  O  OD1   . ASN A 1 107 ? 0.473   15.817  -11.094 1.00 23.12 ? 115 ASN A OD1   1 
ATOM   862  N  ND2   . ASN A 1 107 ? 0.602   16.705  -13.171 1.00 21.21 ? 115 ASN A ND2   1 
ATOM   863  N  N     . PHE A 1 108 ? -4.303  15.594  -10.373 1.00 15.90 ? 116 PHE A N     1 
ATOM   864  C  CA    . PHE A 1 108 ? -5.740  15.809  -10.313 1.00 16.11 ? 116 PHE A CA    1 
ATOM   865  C  C     . PHE A 1 108 ? -6.030  17.281  -10.027 1.00 17.40 ? 116 PHE A C     1 
ATOM   866  O  O     . PHE A 1 108 ? -5.308  17.933  -9.265  1.00 18.64 ? 116 PHE A O     1 
ATOM   867  C  CB    . PHE A 1 108 ? -6.373  14.878  -9.273  1.00 15.75 ? 116 PHE A CB    1 
ATOM   868  C  CG    . PHE A 1 108 ? -6.204  13.410  -9.594  1.00 12.66 ? 116 PHE A CG    1 
ATOM   869  C  CD1   . PHE A 1 108 ? -6.970  12.809  -10.575 1.00 13.07 ? 116 PHE A CD1   1 
ATOM   870  C  CD2   . PHE A 1 108 ? -5.282  12.638  -8.924  1.00 13.70 ? 116 PHE A CD2   1 
ATOM   871  C  CE1   . PHE A 1 108 ? -6.794  11.473  -10.890 1.00 11.06 ? 116 PHE A CE1   1 
ATOM   872  C  CE2   . PHE A 1 108 ? -5.129  11.294  -9.203  1.00 13.74 ? 116 PHE A CE2   1 
ATOM   873  C  CZ    . PHE A 1 108 ? -5.891  10.704  -10.215 1.00 12.95 ? 116 PHE A CZ    1 
ATOM   874  N  N     . ASP A 1 109 ? -7.082  17.812  -10.624 1.00 17.94 ? 117 ASP A N     1 
ATOM   875  C  CA    . ASP A 1 109 ? -7.335  19.245  -10.473 1.00 18.30 ? 117 ASP A CA    1 
ATOM   876  C  C     . ASP A 1 109 ? -8.285  19.646  -9.344  1.00 17.27 ? 117 ASP A C     1 
ATOM   877  O  O     . ASP A 1 109 ? -8.618  20.833  -9.219  1.00 17.47 ? 117 ASP A O     1 
ATOM   878  C  CB    . ASP A 1 109 ? -7.779  19.877  -11.800 1.00 20.07 ? 117 ASP A CB    1 
ATOM   879  C  CG    . ASP A 1 109 ? -9.082  19.301  -12.331 1.00 23.31 ? 117 ASP A CG    1 
ATOM   880  O  OD1   . ASP A 1 109 ? -9.876  18.729  -11.534 1.00 28.32 ? 117 ASP A OD1   1 
ATOM   881  O  OD2   . ASP A 1 109 ? -9.389  19.380  -13.550 1.00 27.63 ? 117 ASP A OD2   1 
ATOM   882  N  N     . SER A 1 110 ? -8.740  18.674  -8.549  1.00 14.89 ? 118 SER A N     1 
ATOM   883  C  CA    . SER A 1 110 ? -9.639  18.949  -7.434  1.00 12.86 ? 118 SER A CA    1 
ATOM   884  C  C     . SER A 1 110 ? -9.665  17.779  -6.494  1.00 12.29 ? 118 SER A C     1 
ATOM   885  O  O     . SER A 1 110 ? -9.292  16.659  -6.872  1.00 10.05 ? 118 SER A O     1 
ATOM   886  C  CB    . SER A 1 110 ? -11.070 19.193  -7.933  1.00 13.10 ? 118 SER A CB    1 
ATOM   887  O  OG    . SER A 1 110 ? -11.569 18.041  -8.595  1.00 11.69 ? 118 SER A OG    1 
ATOM   888  N  N     . LEU A 1 111 ? -10.159 18.013  -5.278  1.00 11.87 ? 119 LEU A N     1 
ATOM   889  C  CA    . LEU A 1 111 ? -10.352 16.904  -4.365  1.00 10.88 ? 119 LEU A CA    1 
ATOM   890  C  C     . LEU A 1 111 ? -11.411 15.951  -4.908  1.00 9.16  ? 119 LEU A C     1 
ATOM   891  O  O     . LEU A 1 111 ? -11.309 14.771  -4.676  1.00 8.27  ? 119 LEU A O     1 
ATOM   892  C  CB    . LEU A 1 111 ? -10.780 17.376  -2.969  1.00 12.13 ? 119 LEU A CB    1 
ATOM   893  C  CG    . LEU A 1 111 ? -9.618  17.973  -2.168  1.00 15.57 ? 119 LEU A CG    1 
ATOM   894  C  CD1   . LEU A 1 111 ? -10.180 18.800  -1.017  1.00 19.93 ? 119 LEU A CD1   1 
ATOM   895  C  CD2   . LEU A 1 111 ? -8.691  16.882  -1.674  1.00 16.71 ? 119 LEU A CD2   1 
ATOM   896  N  N     . GLU A 1 112 ? -12.412 16.479  -5.602  1.00 7.99  ? 120 GLU A N     1 
ATOM   897  C  CA    . GLU A 1 112 ? -13.467 15.649  -6.180  1.00 8.04  ? 120 GLU A CA    1 
ATOM   898  C  C     . GLU A 1 112 ? -12.856 14.637  -7.156  1.00 6.75  ? 120 GLU A C     1 
ATOM   899  O  O     . GLU A 1 112 ? -13.156 13.449  -7.087  1.00 6.11  ? 120 GLU A O     1 
ATOM   900  C  CB    . GLU A 1 112 ? -14.485 16.512  -6.887  1.00 8.78  ? 120 GLU A CB    1 
ATOM   901  C  CG    . GLU A 1 112 ? -15.779 15.789  -7.167  1.00 12.71 ? 120 GLU A CG    1 
ATOM   902  C  CD    . GLU A 1 112 ? -16.748 16.662  -7.906  1.00 12.06 ? 120 GLU A CD    1 
ATOM   903  O  OE1   . GLU A 1 112 ? -16.897 17.834  -7.521  1.00 13.41 ? 120 GLU A OE1   1 
ATOM   904  O  OE2   . GLU A 1 112 ? -17.362 16.175  -8.893  1.00 16.32 ? 120 GLU A OE2   1 
ATOM   905  N  N     . SER A 1 113 ? -11.977 15.108  -8.040  1.00 6.05  ? 121 SER A N     1 
ATOM   906  C  CA    . SER A 1 113 ? -11.355 14.152  -8.973  1.00 6.72  ? 121 SER A CA    1 
ATOM   907  C  C     . SER A 1 113 ? -10.384 13.210  -8.293  1.00 6.37  ? 121 SER A C     1 
ATOM   908  O  O     . SER A 1 113 ? -10.321 12.010  -8.636  1.00 4.74  ? 121 SER A O     1 
ATOM   909  C  CB    . SER A 1 113 ? -10.727 14.877  -10.189 1.00 8.37  ? 121 SER A CB    1 
ATOM   910  O  OG    . SER A 1 113 ? -9.807  15.859  -9.789  1.00 16.47 ? 121 SER A OG    1 
ATOM   911  N  N     . LEU A 1 114 ? -9.625  13.717  -7.314  1.00 4.57  ? 122 LEU A N     1 
ATOM   912  C  CA    . LEU A 1 114 ? -8.755  12.872  -6.515  1.00 6.40  ? 122 LEU A CA    1 
ATOM   913  C  C     . LEU A 1 114 ? -9.490  11.755  -5.778  1.00 6.03  ? 122 LEU A C     1 
ATOM   914  O  O     . LEU A 1 114 ? -9.117  10.582  -5.853  1.00 5.76  ? 122 LEU A O     1 
ATOM   915  C  CB    . LEU A 1 114 ? -7.958  13.735  -5.522  1.00 6.63  ? 122 LEU A CB    1 
ATOM   916  C  CG    . LEU A 1 114 ? -7.104  12.963  -4.487  1.00 8.73  ? 122 LEU A CG    1 
ATOM   917  C  CD1   . LEU A 1 114 ? -5.991  12.157  -5.177  1.00 13.71 ? 122 LEU A CD1   1 
ATOM   918  C  CD2   . LEU A 1 114 ? -6.502  13.904  -3.453  1.00 15.56 ? 122 LEU A CD2   1 
ATOM   919  N  N     . ILE A 1 115 ? -10.555 12.119  -5.071  1.00 6.36  ? 123 ILE A N     1 
ATOM   920  C  CA    . ILE A 1 115 ? -11.251 11.141  -4.258  1.00 6.36  ? 123 ILE A CA    1 
ATOM   921  C  C     . ILE A 1 115 ? -11.917 10.110  -5.171  1.00 5.50  ? 123 ILE A C     1 
ATOM   922  O  O     . ILE A 1 115 ? -11.859 8.898   -4.900  1.00 7.27  ? 123 ILE A O     1 
ATOM   923  C  CB    . ILE A 1 115 ? -12.269 11.844  -3.359  1.00 6.94  ? 123 ILE A CB    1 
ATOM   924  C  CG1   . ILE A 1 115 ? -11.542 12.599  -2.223  1.00 6.23  ? 123 ILE A CG1   1 
ATOM   925  C  CG2   . ILE A 1 115 ? -13.270 10.829  -2.776  1.00 8.52  ? 123 ILE A CG2   1 
ATOM   926  C  CD1   . ILE A 1 115 ? -12.485 13.594  -1.471  1.00 7.21  ? 123 ILE A CD1   1 
ATOM   927  N  N     . SER A 1 116 ? -12.493 10.570  -6.283  1.00 6.56  ? 124 SER A N     1 
ATOM   928  C  CA    . SER A 1 116 ? -13.102 9.624   -7.223  1.00 5.46  ? 124 SER A CA    1 
ATOM   929  C  C     . SER A 1 116 ? -12.062 8.652   -7.782  1.00 6.50  ? 124 SER A C     1 
ATOM   930  O  O     . SER A 1 116 ? -12.311 7.444   -7.923  1.00 5.52  ? 124 SER A O     1 
ATOM   931  C  CB    . SER A 1 116 ? -13.779 10.385  -8.361  1.00 7.58  ? 124 SER A CB    1 
ATOM   932  O  OG    . SER A 1 116 ? -14.221 9.446   -9.318  1.00 9.84  ? 124 SER A OG    1 
ATOM   933  N  N     . ALA A 1 117 ? -10.881 9.187   -8.082  1.00 6.02  ? 125 ALA A N     1 
ATOM   934  C  CA    . ALA A 1 117 ? -9.794  8.365   -8.585  1.00 6.60  ? 125 ALA A CA    1 
ATOM   935  C  C     . ALA A 1 117 ? -9.356  7.301   -7.599  1.00 8.25  ? 125 ALA A C     1 
ATOM   936  O  O     . ALA A 1 117 ? -9.161  6.134   -7.998  1.00 9.58  ? 125 ALA A O     1 
ATOM   937  C  CB    . ALA A 1 117 ? -8.610  9.214   -9.006  1.00 6.19  ? 125 ALA A CB    1 
ATOM   938  N  N     . ILE A 1 118 ? -9.188  7.697   -6.342  1.00 8.32  ? 126 ILE A N     1 
ATOM   939  C  CA    . ILE A 1 118 ? -8.762  6.775   -5.294  1.00 9.39  ? 126 ILE A CA    1 
ATOM   940  C  C     . ILE A 1 118 ? -9.803  5.673   -5.153  1.00 9.26  ? 126 ILE A C     1 
ATOM   941  O  O     . ILE A 1 118 ? -9.457  4.473   -5.126  1.00 9.17  ? 126 ILE A O     1 
ATOM   942  C  CB    . ILE A 1 118 ? -8.532  7.492   -3.950  1.00 10.53 ? 126 ILE A CB    1 
ATOM   943  C  CG1   . ILE A 1 118 ? -7.326  8.447   -4.005  1.00 11.32 ? 126 ILE A CG1   1 
ATOM   944  C  CG2   . ILE A 1 118 ? -8.354  6.449   -2.814  1.00 14.01 ? 126 ILE A CG2   1 
ATOM   945  C  CD1   . ILE A 1 118 ? -7.463  9.560   -2.844  1.00 12.99 ? 126 ILE A CD1   1 
ATOM   946  N  N     . GLN A 1 119 ? -11.072 6.060   -5.059  1.00 9.01  ? 127 GLN A N     1 
ATOM   947  C  CA    . GLN A 1 119 ? -12.141 5.063   -4.955  1.00 10.25 ? 127 GLN A CA    1 
ATOM   948  C  C     . GLN A 1 119 ? -12.139 4.097   -6.136  1.00 9.48  ? 127 GLN A C     1 
ATOM   949  O  O     . GLN A 1 119 ? -12.321 2.894   -5.952  1.00 10.07 ? 127 GLN A O     1 
ATOM   950  C  CB    . GLN A 1 119 ? -13.495 5.753   -4.811  1.00 11.03 ? 127 GLN A CB    1 
ATOM   951  C  CG    . GLN A 1 119 ? -13.589 6.548   -3.477  1.00 15.70 ? 127 GLN A CG    1 
ATOM   952  C  CD    . GLN A 1 119 ? -14.865 7.329   -3.385  1.00 20.28 ? 127 GLN A CD    1 
ATOM   953  O  OE1   . GLN A 1 119 ? -15.639 7.362   -4.352  1.00 22.72 ? 127 GLN A OE1   1 
ATOM   954  N  NE2   . GLN A 1 119 ? -15.088 8.001   -2.250  1.00 19.99 ? 127 GLN A NE2   1 
ATOM   955  N  N     . GLY A 1 120 ? -11.915 4.604   -7.351  1.00 8.75  ? 128 GLY A N     1 
ATOM   956  C  CA    . GLY A 1 120 ? -11.877 3.762   -8.535  1.00 7.82  ? 128 GLY A CA    1 
ATOM   957  C  C     . GLY A 1 120 ? -10.667 2.818   -8.543  1.00 7.70  ? 128 GLY A C     1 
ATOM   958  O  O     . GLY A 1 120 ? -10.796 1.678   -9.024  1.00 7.26  ? 128 GLY A O     1 
ATOM   959  N  N     . ASP A 1 121 ? -9.515  3.281   -8.026  1.00 7.85  ? 129 ASP A N     1 
ATOM   960  C  CA    . ASP A 1 121 ? -8.323  2.439   -7.888  1.00 7.21  ? 129 ASP A CA    1 
ATOM   961  C  C     . ASP A 1 121 ? -8.663  1.278   -6.952  1.00 8.25  ? 129 ASP A C     1 
ATOM   962  O  O     . ASP A 1 121 ? -8.357  0.124   -7.252  1.00 8.46  ? 129 ASP A O     1 
ATOM   963  C  CB    . ASP A 1 121 ? -7.153  3.173   -7.242  1.00 8.19  ? 129 ASP A CB    1 
ATOM   964  C  CG    . ASP A 1 121 ? -6.536  4.267   -8.127  1.00 8.36  ? 129 ASP A CG    1 
ATOM   965  O  OD1   . ASP A 1 121 ? -6.671  4.221   -9.369  1.00 10.23 ? 129 ASP A OD1   1 
ATOM   966  O  OD2   . ASP A 1 121 ? -5.853  5.195   -7.591  1.00 10.46 ? 129 ASP A OD2   1 
ATOM   967  N  N     . ILE A 1 122 ? -9.306  1.590   -5.827  1.00 7.36  ? 130 ILE A N     1 
ATOM   968  C  CA    . ILE A 1 122 ? -9.661  0.545   -4.879  1.00 7.38  ? 130 ILE A CA    1 
ATOM   969  C  C     . ILE A 1 122 ? -10.625 -0.492  -5.532  1.00 7.10  ? 130 ILE A C     1 
ATOM   970  O  O     . ILE A 1 122 ? -10.409 -1.705  -5.399  1.00 7.51  ? 130 ILE A O     1 
ATOM   971  C  CB    . ILE A 1 122 ? -10.269 1.179   -3.614  1.00 8.38  ? 130 ILE A CB    1 
ATOM   972  C  CG1   . ILE A 1 122 ? -9.173  1.886   -2.802  1.00 8.21  ? 130 ILE A CG1   1 
ATOM   973  C  CG2   . ILE A 1 122 ? -11.093 0.113   -2.794  1.00 8.49  ? 130 ILE A CG2   1 
ATOM   974  C  CD1   . ILE A 1 122 ? -9.722  2.877   -1.738  1.00 8.70  ? 130 ILE A CD1   1 
ATOM   975  N  N     . GLU A 1 123 ? -11.632 -0.040  -6.279  1.00 6.46  ? 131 GLU A N     1 
ATOM   976  C  CA    . GLU A 1 123 ? -12.575 -0.978  -6.870  1.00 7.46  ? 131 GLU A CA    1 
ATOM   977  C  C     . GLU A 1 123 ? -11.886 -1.844  -7.935  1.00 7.38  ? 131 GLU A C     1 
ATOM   978  O  O     . GLU A 1 123 ? -12.127 -3.036  -8.022  1.00 7.04  ? 131 GLU A O     1 
ATOM   979  C  CB    . GLU A 1 123 ? -13.802 -0.218  -7.396  1.00 8.29  ? 131 GLU A CB    1 
ATOM   980  C  CG    . GLU A 1 123 ? -14.581 0.455   -6.256  1.00 11.86 ? 131 GLU A CG    1 
ATOM   981  C  CD    . GLU A 1 123 ? -15.045 -0.538  -5.176  1.00 17.12 ? 131 GLU A CD    1 
ATOM   982  O  OE1   . GLU A 1 123 ? -15.640 -1.571  -5.539  1.00 18.06 ? 131 GLU A OE1   1 
ATOM   983  O  OE2   . GLU A 1 123 ? -14.777 -0.309  -3.970  1.00 15.13 ? 131 GLU A OE2   1 
ATOM   984  N  N     . GLU A 1 124 ? -10.987 -1.242  -8.711  1.00 7.31  ? 132 GLU A N     1 
ATOM   985  C  CA    . GLU A 1 124 ? -10.264 -1.984  -9.736  1.00 7.11  ? 132 GLU A CA    1 
ATOM   986  C  C     . GLU A 1 124 ? -9.340  -3.027  -9.098  1.00 7.03  ? 132 GLU A C     1 
ATOM   987  O  O     . GLU A 1 124 ? -9.248  -4.155  -9.573  1.00 6.95  ? 132 GLU A O     1 
ATOM   988  C  CB    . GLU A 1 124 ? -9.483  -1.029  -10.645 1.00 7.09  ? 132 GLU A CB    1 
ATOM   989  C  CG    . GLU A 1 124 ? -8.739  -1.705  -11.817 1.00 8.88  ? 132 GLU A CG    1 
ATOM   990  C  CD    . GLU A 1 124 ? -9.638  -2.395  -12.846 1.00 12.95 ? 132 GLU A CD    1 
ATOM   991  O  OE1   . GLU A 1 124 ? -10.884 -2.228  -12.872 1.00 12.30 ? 132 GLU A OE1   1 
ATOM   992  O  OE2   . GLU A 1 124 ? -9.069  -3.162  -13.656 1.00 14.64 ? 132 GLU A OE2   1 
ATOM   993  N  N     . ALA A 1 125 ? -8.634  -2.628  -8.049  1.00 5.90  ? 133 ALA A N     1 
ATOM   994  C  CA    . ALA A 1 125 ? -7.728  -3.518  -7.306  1.00 5.99  ? 133 ALA A CA    1 
ATOM   995  C  C     . ALA A 1 125 ? -8.507  -4.726  -6.776  1.00 5.65  ? 133 ALA A C     1 
ATOM   996  O  O     . ALA A 1 125 ? -8.068  -5.862  -6.937  1.00 6.41  ? 133 ALA A O     1 
ATOM   997  C  CB    . ALA A 1 125 ? -7.082  -2.760  -6.151  1.00 6.57  ? 133 ALA A CB    1 
ATOM   998  N  N     . LYS A 1 126 ? -9.686  -4.485  -6.209  1.00 5.44  ? 134 LYS A N     1 
ATOM   999  C  CA    . LYS A 1 126 ? -10.523 -5.596  -5.721  1.00 6.69  ? 134 LYS A CA    1 
ATOM   1000 C  C     . LYS A 1 126 ? -10.824 -6.614  -6.796  1.00 6.84  ? 134 LYS A C     1 
ATOM   1001 O  O     . LYS A 1 126 ? -10.789 -7.830  -6.549  1.00 7.35  ? 134 LYS A O     1 
ATOM   1002 C  CB    . LYS A 1 126 ? -11.828 -5.074  -5.121  1.00 7.23  ? 134 LYS A CB    1 
ATOM   1003 C  CG    . LYS A 1 126 ? -11.634 -4.380  -3.811  1.00 7.88  ? 134 LYS A CG    1 
ATOM   1004 C  CD    . LYS A 1 126 ? -13.025 -3.856  -3.425  1.00 14.00 ? 134 LYS A CD    1 
ATOM   1005 C  CE    . LYS A 1 126 ? -13.030 -3.216  -2.069  1.00 16.66 ? 134 LYS A CE    1 
ATOM   1006 N  NZ    . LYS A 1 126 ? -14.401 -2.590  -1.860  1.00 19.02 ? 134 LYS A NZ    1 
ATOM   1007 N  N     . LYS A 1 127 ? -11.103 -6.139  -8.012  1.00 6.46  ? 135 LYS A N     1 
ATOM   1008 C  CA    . LYS A 1 127 ? -11.419 -7.045  -9.114  1.00 7.34  ? 135 LYS A CA    1 
ATOM   1009 C  C     . LYS A 1 127 ? -10.209 -7.851  -9.570  1.00 7.52  ? 135 LYS A C     1 
ATOM   1010 O  O     . LYS A 1 127 ? -10.341 -9.068  -9.850  1.00 7.25  ? 135 LYS A O     1 
ATOM   1011 C  CB    . LYS A 1 127 ? -12.045 -6.277  -10.296 1.00 7.83  ? 135 LYS A CB    1 
ATOM   1012 C  CG    . LYS A 1 127 ? -13.364 -5.638  -9.944  1.00 10.83 ? 135 LYS A CG    1 
ATOM   1013 C  CD    . LYS A 1 127 ? -13.771 -4.596  -11.008 1.00 15.32 ? 135 LYS A CD    1 
ATOM   1014 C  CE    . LYS A 1 127 ? -14.801 -3.602  -10.458 1.00 20.06 ? 135 LYS A CE    1 
ATOM   1015 N  NZ    . LYS A 1 127 ? -15.329 -2.770  -11.573 1.00 22.76 ? 135 LYS A NZ    1 
ATOM   1016 N  N     . ARG A 1 128 ? -9.054  -7.188  -9.673  1.00 6.39  ? 136 ARG A N     1 
ATOM   1017 C  CA    . ARG A 1 128 ? -7.865  -7.815  -10.250 1.00 6.90  ? 136 ARG A CA    1 
ATOM   1018 C  C     . ARG A 1 128 ? -7.313  -8.879  -9.317  1.00 7.18  ? 136 ARG A C     1 
ATOM   1019 O  O     . ARG A 1 128 ? -6.686  -9.872  -9.749  1.00 8.62  ? 136 ARG A O     1 
ATOM   1020 C  CB    . ARG A 1 128 ? -6.792  -6.751  -10.541 1.00 7.87  ? 136 ARG A CB    1 
ATOM   1021 C  CG    . ARG A 1 128 ? -7.193  -5.809  -11.711 1.00 9.12  ? 136 ARG A CG    1 
ATOM   1022 C  CD    . ARG A 1 128 ? -6.012  -5.166  -12.408 1.00 12.64 ? 136 ARG A CD    1 
ATOM   1023 N  NE    . ARG A 1 128 ? -6.450  -4.080  -13.277 1.00 13.20 ? 136 ARG A NE    1 
ATOM   1024 C  CZ    . ARG A 1 128 ? -5.627  -3.250  -13.910 1.00 13.51 ? 136 ARG A CZ    1 
ATOM   1025 N  NH1   . ARG A 1 128 ? -4.308  -3.401  -13.814 1.00 13.61 ? 136 ARG A NH1   1 
ATOM   1026 N  NH2   . ARG A 1 128 ? -6.133  -2.280  -14.663 1.00 15.63 ? 136 ARG A NH2   1 
ATOM   1027 N  N     . LEU A 1 129 ? -7.538  -8.675  -8.023  1.00 6.70  ? 137 LEU A N     1 
ATOM   1028 C  CA    . LEU A 1 129 ? -6.995  -9.594  -7.028  1.00 7.10  ? 137 LEU A CA    1 
ATOM   1029 C  C     . LEU A 1 129 ? -7.771  -10.916 -6.974  1.00 7.43  ? 137 LEU A C     1 
ATOM   1030 O  O     . LEU A 1 129 ? -7.358  -11.847 -6.259  1.00 8.55  ? 137 LEU A O     1 
ATOM   1031 C  CB    . LEU A 1 129 ? -6.985  -8.922  -5.656  1.00 6.74  ? 137 LEU A CB    1 
ATOM   1032 C  CG    . LEU A 1 129 ? -5.874  -7.866  -5.502  1.00 4.48  ? 137 LEU A CG    1 
ATOM   1033 C  CD1   . LEU A 1 129 ? -6.152  -6.936  -4.339  1.00 5.50  ? 137 LEU A CD1   1 
ATOM   1034 C  CD2   . LEU A 1 129 ? -4.537  -8.552  -5.280  1.00 6.49  ? 137 LEU A CD2   1 
ATOM   1035 N  N     . GLU A 1 130 ? -8.880  -10.975 -7.698  1.00 8.67  ? 138 GLU A N     1 
ATOM   1036 C  CA    . GLU A 1 130 ? -9.649  -12.215 -7.835  1.00 8.51  ? 138 GLU A CA    1 
ATOM   1037 C  C     . GLU A 1 130 ? -9.087  -13.138 -8.889  1.00 8.86  ? 138 GLU A C     1 
ATOM   1038 O  O     . GLU A 1 130 ? -9.468  -14.309 -8.961  1.00 8.71  ? 138 GLU A O     1 
ATOM   1039 C  CB    . GLU A 1 130 ? -11.114 -11.892 -8.159  1.00 9.82  ? 138 GLU A CB    1 
ATOM   1040 C  CG    . GLU A 1 130 ? -11.937 -11.389 -6.984  1.00 11.51 ? 138 GLU A CG    1 
ATOM   1041 C  CD    . GLU A 1 130 ? -11.852 -12.302 -5.772  1.00 14.32 ? 138 GLU A CD    1 
ATOM   1042 O  OE1   . GLU A 1 130 ? -12.072 -13.541 -5.873  1.00 16.20 ? 138 GLU A OE1   1 
ATOM   1043 O  OE2   . GLU A 1 130 ? -11.575 -11.788 -4.692  1.00 12.85 ? 138 GLU A OE2   1 
ATOM   1044 N  N     . LEU A 1 131 ? -8.203  -12.626 -9.729  1.00 9.10  ? 139 LEU A N     1 
ATOM   1045 C  CA    . LEU A 1 131 ? -7.594  -13.448 -10.761 1.00 9.88  ? 139 LEU A CA    1 
ATOM   1046 C  C     . LEU A 1 131 ? -6.796  -14.531 -10.052 1.00 9.72  ? 139 LEU A C     1 
ATOM   1047 O  O     . LEU A 1 131 ? -6.076  -14.236 -9.110  1.00 7.86  ? 139 LEU A O     1 
ATOM   1048 C  CB    . LEU A 1 131 ? -6.684  -12.597 -11.639 1.00 11.12 ? 139 LEU A CB    1 
ATOM   1049 C  CG    . LEU A 1 131 ? -7.317  -11.632 -12.649 1.00 13.11 ? 139 LEU A CG    1 
ATOM   1050 C  CD1   . LEU A 1 131 ? -6.209  -10.689 -13.191 1.00 16.31 ? 139 LEU A CD1   1 
ATOM   1051 C  CD2   . LEU A 1 131 ? -7.992  -12.410 -13.781 1.00 15.59 ? 139 LEU A CD2   1 
ATOM   1052 N  N     . PRO A 1 132 ? -6.948  -15.785 -10.468 1.00 10.37 ? 140 PRO A N     1 
ATOM   1053 C  CA    . PRO A 1 132 ? -6.315  -16.911 -9.755  1.00 10.63 ? 140 PRO A CA    1 
ATOM   1054 C  C     . PRO A 1 132 ? -4.823  -16.713 -9.459  1.00 10.93 ? 140 PRO A C     1 
ATOM   1055 O  O     . PRO A 1 132 ? -4.358  -17.074 -8.381  1.00 10.56 ? 140 PRO A O     1 
ATOM   1056 C  CB    . PRO A 1 132 ? -6.500  -18.083 -10.736 1.00 10.51 ? 140 PRO A CB    1 
ATOM   1057 C  CG    . PRO A 1 132 ? -7.706  -17.718 -11.485 1.00 11.89 ? 140 PRO A CG    1 
ATOM   1058 C  CD    . PRO A 1 132 ? -7.744  -16.230 -11.625 1.00 10.85 ? 140 PRO A CD    1 
ATOM   1059 N  N     . GLU A 1 133 ? -4.105  -16.122 -10.406 1.00 11.70 ? 141 GLU A N     1 
ATOM   1060 C  CA    . GLU A 1 133 ? -2.673  -15.872 -10.294 1.00 13.06 ? 141 GLU A CA    1 
ATOM   1061 C  C     . GLU A 1 133 ? -2.293  -14.920 -9.135  1.00 11.81 ? 141 GLU A C     1 
ATOM   1062 O  O     . GLU A 1 133 ? -1.186  -14.980 -8.582  1.00 11.81 ? 141 GLU A O     1 
ATOM   1063 C  CB    . GLU A 1 133 ? -2.193  -15.366 -11.643 1.00 13.88 ? 141 GLU A CB    1 
ATOM   1064 C  CG    . GLU A 1 133 ? -1.242  -14.198 -11.692 1.00 19.80 ? 141 GLU A CG    1 
ATOM   1065 C  CD    . GLU A 1 133 ? -1.043  -13.712 -13.126 1.00 27.47 ? 141 GLU A CD    1 
ATOM   1066 O  OE1   . GLU A 1 133 ? -2.021  -13.775 -13.945 1.00 29.67 ? 141 GLU A OE1   1 
ATOM   1067 O  OE2   . GLU A 1 133 ? 0.098   -13.280 -13.438 1.00 30.70 ? 141 GLU A OE2   1 
ATOM   1068 N  N     . TYR A 1 134 ? -3.221  -14.050 -8.767  1.00 10.90 ? 142 TYR A N     1 
ATOM   1069 C  CA    . TYR A 1 134 ? -2.997  -13.104 -7.676  1.00 9.83  ? 142 TYR A CA    1 
ATOM   1070 C  C     . TYR A 1 134 ? -3.695  -13.594 -6.435  1.00 10.08 ? 142 TYR A C     1 
ATOM   1071 O  O     . TYR A 1 134 ? -3.190  -13.455 -5.317  1.00 9.47  ? 142 TYR A O     1 
ATOM   1072 C  CB    . TYR A 1 134 ? -3.530  -11.723 -8.039  1.00 9.06  ? 142 TYR A CB    1 
ATOM   1073 C  CG    . TYR A 1 134 ? -2.838  -11.118 -9.227  1.00 10.39 ? 142 TYR A CG    1 
ATOM   1074 C  CD1   . TYR A 1 134 ? -1.446  -11.146 -9.333  1.00 11.90 ? 142 TYR A CD1   1 
ATOM   1075 C  CD2   . TYR A 1 134 ? -3.585  -10.524 -10.258 1.00 13.14 ? 142 TYR A CD2   1 
ATOM   1076 C  CE1   . TYR A 1 134 ? -0.806  -10.595 -10.438 1.00 16.42 ? 142 TYR A CE1   1 
ATOM   1077 C  CE2   . TYR A 1 134 ? -2.966  -9.968  -11.359 1.00 16.70 ? 142 TYR A CE2   1 
ATOM   1078 C  CZ    . TYR A 1 134 ? -1.587  -10.010 -11.458 1.00 17.00 ? 142 TYR A CZ    1 
ATOM   1079 O  OH    . TYR A 1 134 ? -0.995  -9.466  -12.572 1.00 19.39 ? 142 TYR A OH    1 
ATOM   1080 N  N     . LEU A 1 135 ? -4.874  -14.178 -6.630  1.00 9.50  ? 143 LEU A N     1 
ATOM   1081 C  CA    . LEU A 1 135 ? -5.596  -14.748 -5.497  1.00 10.30 ? 143 LEU A CA    1 
ATOM   1082 C  C     . LEU A 1 135 ? -4.768  -15.725 -4.651  1.00 10.07 ? 143 LEU A C     1 
ATOM   1083 O  O     . LEU A 1 135 ? -4.861  -15.730 -3.432  1.00 11.07 ? 143 LEU A O     1 
ATOM   1084 C  CB    . LEU A 1 135 ? -6.905  -15.402 -5.976  1.00 10.10 ? 143 LEU A CB    1 
ATOM   1085 C  CG    . LEU A 1 135 ? -7.974  -15.666 -4.911  1.00 11.65 ? 143 LEU A CG    1 
ATOM   1086 C  CD1   . LEU A 1 135 ? -8.272  -14.453 -4.019  1.00 11.23 ? 143 LEU A CD1   1 
ATOM   1087 C  CD2   . LEU A 1 135 ? -9.257  -16.170 -5.553  1.00 10.79 ? 143 LEU A CD2   1 
ATOM   1088 N  N     . LYS A 1 136 ? -3.935  -16.529 -5.296  1.00 9.29  ? 144 LYS A N     1 
ATOM   1089 C  CA    . LYS A 1 136 ? -3.097  -17.499 -4.589  1.00 10.09 ? 144 LYS A CA    1 
ATOM   1090 C  C     . LYS A 1 136 ? -2.067  -16.877 -3.648  1.00 9.60  ? 144 LYS A C     1 
ATOM   1091 O  O     . LYS A 1 136 ? -1.630  -17.515 -2.687  1.00 9.77  ? 144 LYS A O     1 
ATOM   1092 C  CB    . LYS A 1 136 ? -2.371  -18.381 -5.598  1.00 10.29 ? 144 LYS A CB    1 
ATOM   1093 C  CG    . LYS A 1 136 ? -1.339  -17.603 -6.404  1.00 13.43 ? 144 LYS A CG    1 
ATOM   1094 C  CD    . LYS A 1 136 ? -0.241  -18.482 -6.945  1.00 17.19 ? 144 LYS A CD    1 
ATOM   1095 C  CE    . LYS A 1 136 ? -0.099  -18.287 -8.426  1.00 18.67 ? 144 LYS A CE    1 
ATOM   1096 N  NZ    . LYS A 1 136 ? 0.767   -17.114 -8.753  1.00 17.51 ? 144 LYS A NZ    1 
ATOM   1097 N  N     . ILE A 1 137 ? -1.677  -15.629 -3.910  1.00 9.20  ? 145 ILE A N     1 
ATOM   1098 C  CA    . ILE A 1 137 ? -0.620  -14.983 -3.128  1.00 9.44  ? 145 ILE A CA    1 
ATOM   1099 C  C     . ILE A 1 137 ? -1.076  -14.717 -1.694  1.00 9.84  ? 145 ILE A C     1 
ATOM   1100 O  O     . ILE A 1 137 ? -0.270  -14.664 -0.761  1.00 9.14  ? 145 ILE A O     1 
ATOM   1101 C  CB    . ILE A 1 137 ? -0.096  -13.706 -3.824  1.00 8.91  ? 145 ILE A CB    1 
ATOM   1102 C  CG1   . ILE A 1 137 ? 0.454   -14.121 -5.204  1.00 11.94 ? 145 ILE A CG1   1 
ATOM   1103 C  CG2   . ILE A 1 137 ? 1.012   -13.019 -2.932  1.00 9.29  ? 145 ILE A CG2   1 
ATOM   1104 C  CD1   . ILE A 1 137 ? 0.774   -13.019 -6.177  1.00 13.21 ? 145 ILE A CD1   1 
ATOM   1105 N  N     . LYS A 1 138 ? -2.385  -14.644 -1.532  1.00 9.80  ? 146 LYS A N     1 
ATOM   1106 C  CA    . LYS A 1 138 ? -3.004  -14.510 -0.230  1.00 11.46 ? 146 LYS A CA    1 
ATOM   1107 C  C     . LYS A 1 138 ? -2.533  -15.632 0.713   1.00 11.78 ? 146 LYS A C     1 
ATOM   1108 O  O     . LYS A 1 138 ? -2.443  -15.440 1.947   1.00 11.06 ? 146 LYS A O     1 
ATOM   1109 C  CB    . LYS A 1 138 ? -4.516  -14.582 -0.427  1.00 11.46 ? 146 LYS A CB    1 
ATOM   1110 C  CG    . LYS A 1 138 ? -5.273  -14.096 0.761   1.00 15.03 ? 146 LYS A CG    1 
ATOM   1111 C  CD    . LYS A 1 138 ? -6.758  -14.372 0.608   1.00 14.67 ? 146 LYS A CD    1 
ATOM   1112 C  CE    . LYS A 1 138 ? -7.444  -13.868 1.867   1.00 17.85 ? 146 LYS A CE    1 
ATOM   1113 N  NZ    . LYS A 1 138 ? -8.865  -14.286 1.976   1.00 19.42 ? 146 LYS A NZ    1 
ATOM   1114 N  N     . GLU A 1 139 ? -2.224  -16.799 0.130   1.00 10.61 ? 147 GLU A N     1 
ATOM   1115 C  CA    . GLU A 1 139 ? -1.899  -17.990 0.900   1.00 11.14 ? 147 GLU A CA    1 
ATOM   1116 C  C     . GLU A 1 139 ? -0.402  -18.234 1.026   1.00 10.63 ? 147 GLU A C     1 
ATOM   1117 O  O     . GLU A 1 139 ? 0.022   -19.283 1.533   1.00 9.17  ? 147 GLU A O     1 
ATOM   1118 C  CB    . GLU A 1 139 ? -2.569  -19.235 0.277   1.00 11.62 ? 147 GLU A CB    1 
ATOM   1119 C  CG    . GLU A 1 139 ? -4.067  -19.098 0.017   1.00 16.46 ? 147 GLU A CG    1 
ATOM   1120 C  CD    . GLU A 1 139 ? -4.906  -19.258 1.271   1.00 21.93 ? 147 GLU A CD    1 
ATOM   1121 O  OE1   . GLU A 1 139 ? -4.620  -18.573 2.288   1.00 26.71 ? 147 GLU A OE1   1 
ATOM   1122 O  OE2   . GLU A 1 139 ? -5.859  -20.080 1.245   1.00 27.05 ? 147 GLU A OE2   1 
ATOM   1123 N  N     . ASP A 1 140 ? 0.398   -17.252 0.600   1.00 9.57  ? 148 ASP A N     1 
ATOM   1124 C  CA    . ASP A 1 140 ? 1.849   -17.416 0.602   1.00 9.92  ? 148 ASP A CA    1 
ATOM   1125 C  C     . ASP A 1 140 ? 2.343   -17.608 2.043   1.00 9.43  ? 148 ASP A C     1 
ATOM   1126 O  O     . ASP A 1 140 ? 1.790   -17.005 2.970   1.00 10.28 ? 148 ASP A O     1 
ATOM   1127 C  CB    . ASP A 1 140 ? 2.530   -16.166 -0.005  1.00 9.65  ? 148 ASP A CB    1 
ATOM   1128 C  CG    . ASP A 1 140 ? 3.999   -16.429 -0.358  1.00 11.44 ? 148 ASP A CG    1 
ATOM   1129 O  OD1   . ASP A 1 140 ? 4.838   -16.318 0.542   1.00 10.97 ? 148 ASP A OD1   1 
ATOM   1130 O  OD2   . ASP A 1 140 ? 4.386   -16.835 -1.474  1.00 12.72 ? 148 ASP A OD2   1 
ATOM   1131 N  N     . ASN A 1 141 ? 3.384   -18.426 2.217   1.00 9.62  ? 149 ASN A N     1 
ATOM   1132 C  CA    . ASN A 1 141 ? 3.969   -18.636 3.555   1.00 9.75  ? 149 ASN A CA    1 
ATOM   1133 C  C     . ASN A 1 141 ? 4.443   -17.346 4.196   1.00 8.86  ? 149 ASN A C     1 
ATOM   1134 O  O     . ASN A 1 141 ? 4.559   -17.257 5.424   1.00 8.76  ? 149 ASN A O     1 
ATOM   1135 C  CB    . ASN A 1 141 ? 5.102   -19.655 3.511   1.00 10.57 ? 149 ASN A CB    1 
ATOM   1136 C  CG    . ASN A 1 141 ? 4.595   -21.066 3.438   1.00 14.78 ? 149 ASN A CG    1 
ATOM   1137 O  OD1   . ASN A 1 141 ? 3.412   -21.337 3.718   1.00 17.45 ? 149 ASN A OD1   1 
ATOM   1138 N  ND2   . ASN A 1 141 ? 5.470   -21.980 3.040   1.00 15.20 ? 149 ASN A ND2   1 
ATOM   1139 N  N     . PHE A 1 142 ? 4.726   -16.340 3.371   1.00 8.51  ? 150 PHE A N     1 
ATOM   1140 C  CA    . PHE A 1 142 ? 5.075   -14.998 3.881   1.00 8.12  ? 150 PHE A CA    1 
ATOM   1141 C  C     . PHE A 1 142 ? 4.077   -14.573 4.962   1.00 9.03  ? 150 PHE A C     1 
ATOM   1142 O  O     . PHE A 1 142 ? 4.459   -14.005 5.992   1.00 8.82  ? 150 PHE A O     1 
ATOM   1143 C  CB    . PHE A 1 142 ? 5.050   -13.969 2.708   1.00 7.58  ? 150 PHE A CB    1 
ATOM   1144 C  CG    . PHE A 1 142 ? 5.273   -12.539 3.127   1.00 8.47  ? 150 PHE A CG    1 
ATOM   1145 C  CD1   . PHE A 1 142 ? 6.540   -12.065 3.418   1.00 6.86  ? 150 PHE A CD1   1 
ATOM   1146 C  CD2   . PHE A 1 142 ? 4.186   -11.646 3.196   1.00 7.73  ? 150 PHE A CD2   1 
ATOM   1147 C  CE1   . PHE A 1 142 ? 6.732   -10.711 3.792   1.00 7.57  ? 150 PHE A CE1   1 
ATOM   1148 C  CE2   . PHE A 1 142 ? 4.363   -10.306 3.558   1.00 8.92  ? 150 PHE A CE2   1 
ATOM   1149 C  CZ    . PHE A 1 142 ? 5.621   -9.841  3.867   1.00 9.23  ? 150 PHE A CZ    1 
ATOM   1150 N  N     . PHE A 1 143 ? 2.785   -14.806 4.696   1.00 10.29 ? 151 PHE A N     1 
ATOM   1151 C  CA    . PHE A 1 143 ? 1.769   -14.365 5.623   1.00 12.92 ? 151 PHE A CA    1 
ATOM   1152 C  C     . PHE A 1 143 ? 1.547   -15.335 6.764   1.00 16.53 ? 151 PHE A C     1 
ATOM   1153 O  O     . PHE A 1 143 ? 1.043   -14.939 7.812   1.00 16.80 ? 151 PHE A O     1 
ATOM   1154 C  CB    . PHE A 1 143 ? 0.459   -14.146 4.883   1.00 12.43 ? 151 PHE A CB    1 
ATOM   1155 C  CG    . PHE A 1 143 ? 0.493   -12.986 3.971   1.00 8.14  ? 151 PHE A CG    1 
ATOM   1156 C  CD1   . PHE A 1 143 ? 0.576   -11.692 4.474   1.00 7.71  ? 151 PHE A CD1   1 
ATOM   1157 C  CD2   . PHE A 1 143 ? 0.429   -13.178 2.582   1.00 8.89  ? 151 PHE A CD2   1 
ATOM   1158 C  CE1   . PHE A 1 143 ? 0.614   -10.602 3.607   1.00 7.79  ? 151 PHE A CE1   1 
ATOM   1159 C  CE2   . PHE A 1 143 ? 0.465   -12.086 1.695   1.00 7.50  ? 151 PHE A CE2   1 
ATOM   1160 C  CZ    . PHE A 1 143 ? 0.556   -10.799 2.201   1.00 7.68  ? 151 PHE A CZ    1 
ATOM   1161 N  N     . GLN A 1 144 ? 1.901   -16.592 6.546   1.00 20.00 ? 152 GLN A N     1 
ATOM   1162 C  CA    . GLN A 1 144 ? 1.779   -17.616 7.581   1.00 24.32 ? 152 GLN A CA    1 
ATOM   1163 C  C     . GLN A 1 144 ? 2.828   -17.473 8.696   1.00 26.10 ? 152 GLN A C     1 
ATOM   1164 O  O     . GLN A 1 144 ? 2.537   -17.778 9.848   1.00 26.43 ? 152 GLN A O     1 
ATOM   1165 C  CB    . GLN A 1 144 ? 1.760   -19.011 6.951   1.00 24.98 ? 152 GLN A CB    1 
ATOM   1166 C  CG    . GLN A 1 144 ? 0.324   -19.528 6.673   1.00 28.45 ? 152 GLN A CG    1 
ATOM   1167 C  CD    . GLN A 1 144 ? 0.122   -20.066 5.254   1.00 33.83 ? 152 GLN A CD    1 
ATOM   1168 O  OE1   . GLN A 1 144 ? -0.984  -19.981 4.695   1.00 36.39 ? 152 GLN A OE1   1 
ATOM   1169 N  NE2   . GLN A 1 144 ? 1.177   -20.633 4.674   1.00 35.70 ? 152 GLN A NE2   1 
ATOM   1170 N  N     . VAL A 1 145 ? 4.021   -16.965 8.380   1.00 28.08 ? 153 VAL A N     1 
ATOM   1171 C  CA    . VAL A 1 145 ? 5.021   -16.742 9.430   1.00 29.92 ? 153 VAL A CA    1 
ATOM   1172 C  C     . VAL A 1 145 ? 4.497   -15.788 10.495  1.00 31.30 ? 153 VAL A C     1 
ATOM   1173 O  O     . VAL A 1 145 ? 4.684   -16.023 11.691  1.00 31.27 ? 153 VAL A O     1 
ATOM   1174 C  CB    . VAL A 1 145 ? 6.456   -16.311 8.928   1.00 30.15 ? 153 VAL A CB    1 
ATOM   1175 C  CG1   . VAL A 1 145 ? 6.551   -16.222 7.435   1.00 30.15 ? 153 VAL A CG1   1 
ATOM   1176 C  CG2   . VAL A 1 145 ? 6.942   -15.002 9.594   1.00 30.12 ? 153 VAL A CG2   1 
ATOM   1177 N  N     . SER A 1 146 ? 3.798   -14.743 10.056  1.00 32.86 ? 154 SER A N     1 
ATOM   1178 C  CA    . SER A 1 146 ? 3.305   -13.715 10.968  1.00 34.24 ? 154 SER A CA    1 
ATOM   1179 C  C     . SER A 1 146 ? 2.095   -14.156 11.814  1.00 35.23 ? 154 SER A C     1 
ATOM   1180 O  O     . SER A 1 146 ? 1.709   -13.438 12.746  1.00 35.53 ? 154 SER A O     1 
ATOM   1181 C  CB    . SER A 1 146 ? 3.014   -12.409 10.214  1.00 34.13 ? 154 SER A CB    1 
ATOM   1182 O  OG    . SER A 1 146 ? 3.195   -12.571 8.815   1.00 34.36 ? 154 SER A OG    1 
ATOM   1183 N  N     . LYS A 1 147 ? 1.503   -15.316 11.493  1.00 36.35 ? 155 LYS A N     1 
ATOM   1184 C  CA    . LYS A 1 147 ? 0.561   -15.995 12.416  1.00 37.08 ? 155 LYS A CA    1 
ATOM   1185 C  C     . LYS A 1 147 ? 1.157   -17.242 13.110  1.00 37.50 ? 155 LYS A C     1 
ATOM   1186 O  O     . LYS A 1 147 ? 1.365   -17.337 14.329  1.00 37.71 ? 155 LYS A O     1 
ATOM   1187 C  CB    . LYS A 1 147 ? -0.791  -16.332 11.755  1.00 37.27 ? 155 LYS A CB    1 
ATOM   1188 C  CG    . LYS A 1 147 ? -0.880  -16.160 10.237  1.00 37.28 ? 155 LYS A CG    1 
ATOM   1189 C  CD    . LYS A 1 147 ? -1.873  -15.070 9.859   1.00 37.26 ? 155 LYS A CD    1 
ATOM   1190 C  CE    . LYS A 1 147 ? -3.198  -15.637 9.366   1.00 36.81 ? 155 LYS A CE    1 
ATOM   1191 N  NZ    . LYS A 1 147 ? -3.263  -15.724 7.879   1.00 35.44 ? 155 LYS A NZ    1 
ATOM   1192 O  OXT   . LYS A 1 147 ? 1.503   -18.283 12.544  1.00 37.78 ? 155 LYS A OXT   1 
HETATM 1193 MG MG    . MG  B 2 .   ? -1.605  8.035   5.663   1.00 18.88 ? 201 MG  A MG    1 
HETATM 1194 P  PB    . ADP C 3 .   ? -0.925  8.797   8.743   1.00 19.24 ? 301 ADP A PB    1 
HETATM 1195 O  O1B   . ADP C 3 .   ? -0.589  8.659   7.312   1.00 19.90 ? 301 ADP A O1B   1 
HETATM 1196 O  O2B   . ADP C 3 .   ? -0.517  7.638   9.632   1.00 21.39 ? 301 ADP A O2B   1 
HETATM 1197 O  O3B   . ADP C 3 .   ? -0.297  10.097  9.204   1.00 18.86 ? 301 ADP A O3B   1 
HETATM 1198 P  PA    . ADP C 3 .   ? -3.758  8.384   8.119   1.00 18.60 ? 301 ADP A PA    1 
HETATM 1199 O  O1A   . ADP C 3 .   ? -4.890  9.389   8.294   1.00 19.48 ? 301 ADP A O1A   1 
HETATM 1200 O  O2A   . ADP C 3 .   ? -3.399  8.063   6.661   1.00 18.31 ? 301 ADP A O2A   1 
HETATM 1201 O  O3A   . ADP C 3 .   ? -2.513  8.973   8.898   1.00 17.71 ? 301 ADP A O3A   1 
HETATM 1202 O  "O5'" . ADP C 3 .   ? -4.179  7.093   8.877   1.00 17.27 ? 301 ADP A "O5'" 1 
HETATM 1203 C  "C5'" . ADP C 3 .   ? -3.360  5.919   8.811   1.00 17.43 ? 301 ADP A "C5'" 1 
HETATM 1204 C  "C4'" . ADP C 3 .   ? -3.619  5.028   10.004  1.00 19.27 ? 301 ADP A "C4'" 1 
HETATM 1205 O  "O4'" . ADP C 3 .   ? -4.912  4.492   9.946   1.00 19.03 ? 301 ADP A "O4'" 1 
HETATM 1206 C  "C3'" . ADP C 3 .   ? -2.721  3.767   9.990   1.00 19.35 ? 301 ADP A "C3'" 1 
HETATM 1207 O  "O3'" . ADP C 3 .   ? -1.461  3.957   10.620  1.00 19.52 ? 301 ADP A "O3'" 1 
HETATM 1208 C  "C2'" . ADP C 3 .   ? -3.550  2.785   10.808  1.00 19.54 ? 301 ADP A "C2'" 1 
HETATM 1209 O  "O2'" . ADP C 3 .   ? -3.267  2.921   12.198  1.00 21.97 ? 301 ADP A "O2'" 1 
HETATM 1210 C  "C1'" . ADP C 3 .   ? -4.988  3.239   10.618  1.00 19.07 ? 301 ADP A "C1'" 1 
HETATM 1211 N  N9    . ADP C 3 .   ? -5.863  2.408   9.778   1.00 20.07 ? 301 ADP A N9    1 
HETATM 1212 C  C8    . ADP C 3 .   ? -7.115  1.972   10.159  1.00 21.95 ? 301 ADP A C8    1 
HETATM 1213 N  N7    . ADP C 3 .   ? -7.675  1.303   9.148   1.00 19.80 ? 301 ADP A N7    1 
HETATM 1214 C  C5    . ADP C 3 .   ? -6.790  1.297   8.096   1.00 18.11 ? 301 ADP A C5    1 
HETATM 1215 C  C6    . ADP C 3 .   ? -6.858  0.736   6.823   1.00 19.96 ? 301 ADP A C6    1 
HETATM 1216 N  N6    . ADP C 3 .   ? -7.968  0.202   6.332   1.00 18.29 ? 301 ADP A N6    1 
HETATM 1217 N  N1    . ADP C 3 .   ? -5.753  0.912   5.979   1.00 17.35 ? 301 ADP A N1    1 
HETATM 1218 C  C2    . ADP C 3 .   ? -4.665  1.635   6.409   1.00 17.78 ? 301 ADP A C2    1 
HETATM 1219 N  N3    . ADP C 3 .   ? -4.580  2.161   7.671   1.00 16.90 ? 301 ADP A N3    1 
HETATM 1220 C  C4    . ADP C 3 .   ? -5.656  1.994   8.493   1.00 19.33 ? 301 ADP A C4    1 
HETATM 1221 O  O     . HOH D 4 .   ? 0.420   5.254   9.138   1.00 18.15 ? 401 HOH A O     1 
HETATM 1222 O  O     . HOH D 4 .   ? 0.118   8.005   4.509   1.00 16.59 ? 402 HOH A O     1 
HETATM 1223 O  O     . HOH D 4 .   ? 2.972   1.385   3.487   1.00 19.11 ? 403 HOH A O     1 
HETATM 1224 O  O     . HOH D 4 .   ? 9.982   -1.292  10.611  1.00 23.78 ? 404 HOH A O     1 
HETATM 1225 O  O     . HOH D 4 .   ? -4.751  -8.009  9.205   1.00 22.30 ? 405 HOH A O     1 
HETATM 1226 O  O     . HOH D 4 .   ? -10.435 1.000   8.736   1.00 24.71 ? 406 HOH A O     1 
HETATM 1227 O  O     . HOH D 4 .   ? -16.498 19.025  -5.072  1.00 25.95 ? 407 HOH A O     1 
HETATM 1228 O  O     . HOH D 4 .   ? -1.987  10.049  5.050   1.00 19.96 ? 408 HOH A O     1 
HETATM 1229 O  O     . HOH D 4 .   ? -13.010 -7.970  -2.447  1.00 31.17 ? 409 HOH A O     1 
HETATM 1230 O  O     . HOH D 4 .   ? 6.905   6.582   3.018   1.00 26.90 ? 410 HOH A O     1 
HETATM 1231 O  O     . HOH D 4 .   ? -10.007 -7.156  1.461   1.00 27.71 ? 411 HOH A O     1 
HETATM 1232 O  O     . HOH D 4 .   ? 10.408  -9.465  -2.388  1.00 26.82 ? 412 HOH A O     1 
HETATM 1233 O  O     . HOH D 4 .   ? -14.625 -3.874  -6.993  1.00 29.08 ? 413 HOH A O     1 
HETATM 1234 O  O     . HOH D 4 .   ? -8.478  5.606   -10.754 1.00 27.23 ? 414 HOH A O     1 
HETATM 1235 O  O     . HOH D 4 .   ? -5.163  5.484   -4.932  1.00 32.22 ? 415 HOH A O     1 
HETATM 1236 O  O     . HOH D 4 .   ? -4.073  8.795   12.515  1.00 34.02 ? 416 HOH A O     1 
HETATM 1237 O  O     . HOH D 4 .   ? -13.850 11.160  0.945   1.00 31.79 ? 417 HOH A O     1 
HETATM 1238 O  O     . HOH D 4 .   ? -13.699 19.382  -4.656  1.00 32.82 ? 418 HOH A O     1 
HETATM 1239 O  O     . HOH D 4 .   ? 4.196   7.359   -12.190 1.00 29.18 ? 419 HOH A O     1 
HETATM 1240 O  O     . HOH D 4 .   ? -14.747 6.287   -8.619  1.00 32.46 ? 420 HOH A O     1 
HETATM 1241 O  O     . HOH D 4 .   ? 4.680   4.141   15.147  1.00 32.15 ? 421 HOH A O     1 
HETATM 1242 O  O     . HOH D 4 .   ? -0.300  11.764  7.127   1.00 28.10 ? 422 HOH A O     1 
HETATM 1243 O  O     . HOH D 4 .   ? -1.773  9.618   -8.729  1.00 28.99 ? 423 HOH A O     1 
HETATM 1244 O  O     . HOH D 4 .   ? 3.262   7.433   -1.536  1.00 28.40 ? 424 HOH A O     1 
HETATM 1245 O  O     . HOH D 4 .   ? -1.852  10.373  2.436   1.00 31.55 ? 425 HOH A O     1 
HETATM 1246 O  O     . HOH D 4 .   ? -4.731  10.815  10.610  1.00 29.43 ? 426 HOH A O     1 
HETATM 1247 O  O     . HOH D 4 .   ? 13.685  5.947   -1.470  1.00 31.96 ? 427 HOH A O     1 
HETATM 1248 O  O     . HOH D 4 .   ? 4.486   7.942   3.558   1.00 25.61 ? 428 HOH A O     1 
HETATM 1249 O  O     . HOH D 4 .   ? 5.740   8.659   7.679   1.00 31.77 ? 429 HOH A O     1 
HETATM 1250 O  O     . HOH D 4 .   ? -12.981 -1.162  -11.903 1.00 32.00 ? 430 HOH A O     1 
HETATM 1251 O  O     . HOH D 4 .   ? -14.030 2.260   -3.481  1.00 39.66 ? 431 HOH A O     1 
HETATM 1252 O  O     . HOH D 4 .   ? -2.397  2.741   17.346  1.00 33.54 ? 432 HOH A O     1 
HETATM 1253 O  O     . HOH D 4 .   ? -11.868 -6.190  -0.293  1.00 33.73 ? 433 HOH A O     1 
HETATM 1254 O  O     . HOH D 4 .   ? -3.380  -1.061  -15.392 1.00 29.74 ? 434 HOH A O     1 
HETATM 1255 O  O     . HOH D 4 .   ? 3.085   -10.580 -9.079  1.00 31.30 ? 435 HOH A O     1 
HETATM 1256 O  O     . HOH D 4 .   ? -2.301  -5.485  -13.215 1.00 34.83 ? 436 HOH A O     1 
HETATM 1257 O  O     . HOH D 4 .   ? 6.372   9.236   12.250  1.00 30.79 ? 437 HOH A O     1 
HETATM 1258 O  O     . HOH D 4 .   ? -11.592 0.629   1.322   1.00 33.07 ? 438 HOH A O     1 
HETATM 1259 O  O     . HOH D 4 .   ? -6.244  21.692  9.572   1.00 31.93 ? 439 HOH A O     1 
HETATM 1260 O  O     . HOH D 4 .   ? -4.377  14.882  10.768  1.00 38.73 ? 440 HOH A O     1 
HETATM 1261 O  O     . HOH D 4 .   ? -4.877  -15.470 -13.180 1.00 41.59 ? 441 HOH A O     1 
HETATM 1262 O  O     . HOH D 4 .   ? 0.021   -18.934 -10.965 1.00 48.18 ? 442 HOH A O     1 
HETATM 1263 O  O     . HOH D 4 .   ? 0.638   -19.082 -2.301  1.00 38.82 ? 443 HOH A O     1 
HETATM 1264 O  O     . HOH D 4 .   ? -10.783 5.590   -11.173 1.00 36.09 ? 444 HOH A O     1 
HETATM 1265 O  O     . HOH D 4 .   ? -2.608  3.879   -0.829  1.00 31.82 ? 445 HOH A O     1 
HETATM 1266 O  O     . HOH D 4 .   ? 2.695   -17.227 -3.524  1.00 36.04 ? 446 HOH A O     1 
HETATM 1267 O  O     . HOH D 4 .   ? 3.767   12.100  5.470   1.00 31.58 ? 447 HOH A O     1 
HETATM 1268 O  O     . HOH D 4 .   ? -0.625  -12.057 9.675   1.00 36.24 ? 448 HOH A O     1 
HETATM 1269 O  O     . HOH D 4 .   ? -0.403  16.767  -15.910 1.00 39.73 ? 449 HOH A O     1 
HETATM 1270 O  O     . HOH D 4 .   ? -5.959  -14.759 6.059   1.00 26.85 ? 450 HOH A O     1 
HETATM 1271 O  O     . HOH D 4 .   ? -1.667  -18.453 -13.414 1.00 45.94 ? 451 HOH A O     1 
HETATM 1272 O  O     . HOH D 4 .   ? -6.577  8.790   -16.670 1.00 29.76 ? 452 HOH A O     1 
HETATM 1273 O  O     . HOH D 4 .   ? -7.491  3.432   17.786  1.00 38.99 ? 453 HOH A O     1 
HETATM 1274 O  O     . HOH D 4 .   ? -10.021 -4.576  13.865  1.00 50.20 ? 454 HOH A O     1 
HETATM 1275 O  O     . HOH D 4 .   ? 13.915  3.563   8.913   1.00 32.16 ? 455 HOH A O     1 
HETATM 1276 O  O     . HOH D 4 .   ? -10.452 -6.285  12.236  1.00 43.91 ? 456 HOH A O     1 
HETATM 1277 O  O     . HOH D 4 .   ? -12.776 1.425   -10.832 1.00 34.17 ? 457 HOH A O     1 
HETATM 1278 O  O     . HOH D 4 .   ? -14.257 -4.781  6.726   1.00 31.85 ? 458 HOH A O     1 
HETATM 1279 O  O     . HOH D 4 .   ? -4.254  -16.191 4.103   1.00 39.09 ? 459 HOH A O     1 
HETATM 1280 O  O     . HOH D 4 .   ? 13.323  3.571   -2.784  1.00 43.45 ? 460 HOH A O     1 
HETATM 1281 O  O     . HOH D 4 .   ? 1.513   7.294   -6.436  1.00 43.01 ? 461 HOH A O     1 
HETATM 1282 O  O     . HOH D 4 .   ? -6.260  -7.648  11.375  1.00 40.94 ? 462 HOH A O     1 
HETATM 1283 O  O     . HOH D 4 .   ? -12.434 -7.450  5.005   1.00 40.63 ? 463 HOH A O     1 
HETATM 1284 O  O     . HOH D 4 .   ? -9.562  -2.761  -16.219 1.00 38.01 ? 464 HOH A O     1 
HETATM 1285 O  O     . HOH D 4 .   ? -12.116 -9.987  -11.529 1.00 43.77 ? 465 HOH A O     1 
HETATM 1286 O  O     . HOH D 4 .   ? 2.136   13.030  12.757  1.00 29.61 ? 466 HOH A O     1 
HETATM 1287 O  O     . HOH D 4 .   ? 5.787   -1.518  -12.868 1.00 45.77 ? 467 HOH A O     1 
HETATM 1288 O  O     . HOH D 4 .   ? -6.477  -2.655  14.876  1.00 49.60 ? 468 HOH A O     1 
HETATM 1289 O  O     . HOH D 4 .   ? 4.788   6.690   14.417  1.00 32.98 ? 469 HOH A O     1 
HETATM 1290 O  O     . HOH D 4 .   ? -5.096  5.002   -1.232  1.00 44.46 ? 470 HOH A O     1 
HETATM 1291 O  O     . HOH D 4 .   ? 9.011   6.257   -11.488 1.00 46.96 ? 471 HOH A O     1 
HETATM 1292 O  O     . HOH D 4 .   ? 11.726  7.549   1.897   1.00 36.03 ? 472 HOH A O     1 
HETATM 1293 O  O     . HOH D 4 .   ? -6.128  7.614   0.623   1.00 33.64 ? 473 HOH A O     1 
HETATM 1294 O  O     . HOH D 4 .   ? -15.487 -6.271  -6.017  1.00 43.72 ? 474 HOH A O     1 
HETATM 1295 O  O     . HOH D 4 .   ? -12.162 8.409   -11.000 1.00 38.81 ? 475 HOH A O     1 
HETATM 1296 O  O     . HOH D 4 .   ? 6.458   -1.619  17.537  1.00 38.06 ? 476 HOH A O     1 
HETATM 1297 O  O     . HOH D 4 .   ? -4.234  9.450   0.216   1.00 36.41 ? 477 HOH A O     1 
HETATM 1298 O  O     . HOH D 4 .   ? -1.310  -0.014  17.950  1.00 42.63 ? 478 HOH A O     1 
HETATM 1299 O  O     . HOH D 4 .   ? 1.009   -5.673  -13.013 1.00 33.76 ? 479 HOH A O     1 
HETATM 1300 O  O     . HOH D 4 .   ? -4.983  13.499  3.222   1.00 38.18 ? 480 HOH A O     1 
HETATM 1301 O  O     . HOH D 4 .   ? 7.900   7.082   7.471   1.00 39.74 ? 481 HOH A O     1 
HETATM 1302 O  O     . HOH D 4 .   ? 1.602   10.887  4.625   1.00 46.42 ? 482 HOH A O     1 
HETATM 1303 O  O     . HOH D 4 .   ? 6.054   4.352   4.008   1.00 34.53 ? 483 HOH A O     1 
HETATM 1304 O  O     . HOH D 4 .   ? 1.795   -8.096  -11.968 1.00 45.71 ? 484 HOH A O     1 
HETATM 1305 O  O     . HOH D 4 .   ? -4.572  -7.123  13.427  1.00 54.87 ? 485 HOH A O     1 
HETATM 1306 O  O     . HOH D 4 .   ? -11.124 1.947   6.000   1.00 39.01 ? 486 HOH A O     1 
HETATM 1307 O  O     . HOH D 4 .   ? -16.494 7.411   -6.822  1.00 44.84 ? 487 HOH A O     1 
HETATM 1308 O  O     . HOH D 4 .   ? 13.516  2.878   -5.158  1.00 40.68 ? 488 HOH A O     1 
HETATM 1309 O  O     . HOH D 4 .   ? 2.227   -18.106 -12.637 1.00 50.00 ? 489 HOH A O     1 
HETATM 1310 O  O     . HOH D 4 .   ? -9.657  -10.924 2.250   1.00 51.26 ? 490 HOH A O     1 
HETATM 1311 O  O     . HOH D 4 .   ? 2.372   13.849  -11.483 1.00 50.77 ? 491 HOH A O     1 
HETATM 1312 O  O     . HOH D 4 .   ? -10.049 3.003   11.577  1.00 45.58 ? 492 HOH A O     1 
HETATM 1313 O  O     . HOH D 4 .   ? -12.484 -15.374 -4.069  1.00 50.88 ? 493 HOH A O     1 
HETATM 1314 O  O     . HOH D 4 .   ? 5.245   11.604  -6.298  1.00 37.13 ? 494 HOH A O     1 
HETATM 1315 O  O     . HOH D 4 .   ? -11.956 -15.597 -7.531  1.00 46.36 ? 495 HOH A O     1 
HETATM 1316 O  O     . HOH D 4 .   ? -5.167  -14.644 11.757  1.00 48.70 ? 496 HOH A O     1 
HETATM 1317 O  O     . HOH D 4 .   ? -8.734  -13.140 4.862   1.00 41.18 ? 497 HOH A O     1 
HETATM 1318 O  O     . HOH D 4 .   ? -11.943 2.856   3.724   1.00 39.16 ? 498 HOH A O     1 
HETATM 1319 O  O     . HOH D 4 .   ? -10.952 -11.365 8.127   1.00 42.79 ? 499 HOH A O     1 
HETATM 1320 O  O     . HOH D 4 .   ? 12.674  5.149   -9.772  1.00 42.59 ? 500 HOH A O     1 
HETATM 1321 O  O     . HOH D 4 .   ? -13.681 1.701   -0.262  1.00 45.93 ? 501 HOH A O     1 
HETATM 1322 O  O     . HOH D 4 .   ? 6.901   -16.659 -2.517  1.00 37.44 ? 502 HOH A O     1 
HETATM 1323 O  O     . HOH D 4 .   ? -4.957  -6.408  6.967   1.00 47.24 ? 503 HOH A O     1 
HETATM 1324 O  O     . HOH D 4 .   ? 14.180  7.347   -11.514 1.00 55.52 ? 504 HOH A O     1 
HETATM 1325 O  O     . HOH D 4 .   ? -15.637 1.821   -9.555  1.00 38.71 ? 505 HOH A O     1 
HETATM 1326 O  O     . HOH D 4 .   ? 4.876   11.325  -1.897  1.00 43.90 ? 506 HOH A O     1 
HETATM 1327 O  O     . HOH D 4 .   ? -12.296 0.164   4.591   1.00 56.03 ? 507 HOH A O     1 
HETATM 1328 O  O     . HOH D 4 .   ? 9.265   7.667   3.632   1.00 46.25 ? 508 HOH A O     1 
HETATM 1329 O  O     . HOH D 4 .   ? -10.531 20.758  -4.611  1.00 45.02 ? 509 HOH A O     1 
HETATM 1330 O  O     . HOH D 4 .   ? 5.661   10.394  5.707   1.00 47.80 ? 510 HOH A O     1 
HETATM 1331 O  O     . HOH D 4 .   ? 5.804   10.016  -10.467 1.00 46.64 ? 511 HOH A O     1 
HETATM 1332 O  O     . HOH D 4 .   ? -4.223  11.695  15.558  1.00 50.20 ? 512 HOH A O     1 
HETATM 1333 O  O     . HOH D 4 .   ? -7.717  -8.865  10.250  1.00 41.33 ? 513 HOH A O     1 
HETATM 1334 O  O     . HOH D 4 .   ? 12.322  12.417  -4.262  1.00 50.52 ? 514 HOH A O     1 
HETATM 1335 O  O     . HOH D 4 .   ? 1.343   5.228   18.806  1.00 41.50 ? 515 HOH A O     1 
HETATM 1336 O  O     . HOH D 4 .   ? 18.338  6.805   2.495   1.00 48.03 ? 516 HOH A O     1 
HETATM 1337 O  O     . HOH D 4 .   ? -6.217  -17.666 -2.142  1.00 44.32 ? 517 HOH A O     1 
HETATM 1338 O  O     . HOH D 4 .   ? -2.009  17.555  4.261   1.00 42.94 ? 518 HOH A O     1 
HETATM 1339 O  O     . HOH D 4 .   ? -7.586  -10.747 11.445  1.00 41.70 ? 519 HOH A O     1 
HETATM 1340 O  O     . HOH D 4 .   ? 1.520   8.842   0.027   1.00 54.16 ? 520 HOH A O     1 
HETATM 1341 O  O     . HOH D 4 .   ? -0.869  -2.193  -15.383 1.00 46.12 ? 521 HOH A O     1 
HETATM 1342 O  O     . HOH D 4 .   ? -1.966  13.666  -15.045 1.00 45.80 ? 522 HOH A O     1 
HETATM 1343 O  O     . HOH D 4 .   ? -19.410 17.140  -9.883  1.00 47.94 ? 523 HOH A O     1 
HETATM 1344 O  O     . HOH D 4 .   ? -15.489 3.701   -7.684  1.00 39.95 ? 524 HOH A O     1 
HETATM 1345 O  O     . HOH D 4 .   ? 9.683   3.479   14.222  1.00 58.74 ? 525 HOH A O     1 
HETATM 1346 O  O     . HOH D 4 .   ? 10.104  0.718   12.918  1.00 50.03 ? 526 HOH A O     1 
HETATM 1347 O  O     . HOH D 4 .   ? -3.165  9.057   -6.789  1.00 43.57 ? 527 HOH A O     1 
HETATM 1348 O  O     . HOH D 4 .   ? -10.676 -9.155  3.442   1.00 42.73 ? 528 HOH A O     1 
HETATM 1349 O  O     . HOH D 4 .   ? 13.724  -8.340  -0.790  1.00 42.15 ? 529 HOH A O     1 
HETATM 1350 O  O     . HOH D 4 .   ? 9.792   -13.824 6.952   1.00 40.69 ? 530 HOH A O     1 
# 
